data_4E74
# 
_entry.id   4E74 
# 
_audit_conform.dict_name       mmcif_pdbx.dic 
_audit_conform.dict_version    5.399 
_audit_conform.dict_location   http://mmcif.pdb.org/dictionaries/ascii/mmcif_pdbx.dic 
# 
loop_
_database_2.database_id 
_database_2.database_code 
_database_2.pdbx_database_accession 
_database_2.pdbx_DOI 
PDB   4E74         pdb_00004e74 10.2210/pdb4e74/pdb 
RCSB  RCSB071252   ?            ?                   
WWPDB D_1000071252 ?            ?                   
# 
loop_
_pdbx_audit_revision_history.ordinal 
_pdbx_audit_revision_history.data_content_type 
_pdbx_audit_revision_history.major_revision 
_pdbx_audit_revision_history.minor_revision 
_pdbx_audit_revision_history.revision_date 
1 'Structure model' 1 0 2012-03-28 
2 'Structure model' 1 1 2023-09-13 
3 'Structure model' 1 2 2024-11-27 
# 
_pdbx_audit_revision_details.ordinal             1 
_pdbx_audit_revision_details.revision_ordinal    1 
_pdbx_audit_revision_details.data_content_type   'Structure model' 
_pdbx_audit_revision_details.provider            repository 
_pdbx_audit_revision_details.type                'Initial release' 
_pdbx_audit_revision_details.description         ? 
_pdbx_audit_revision_details.details             ? 
# 
loop_
_pdbx_audit_revision_group.ordinal 
_pdbx_audit_revision_group.revision_ordinal 
_pdbx_audit_revision_group.data_content_type 
_pdbx_audit_revision_group.group 
1 2 'Structure model' 'Data collection'        
2 2 'Structure model' 'Database references'    
3 2 'Structure model' 'Refinement description' 
4 3 'Structure model' 'Structure summary'      
# 
loop_
_pdbx_audit_revision_category.ordinal 
_pdbx_audit_revision_category.revision_ordinal 
_pdbx_audit_revision_category.data_content_type 
_pdbx_audit_revision_category.category 
1 2 'Structure model' chem_comp_atom                
2 2 'Structure model' chem_comp_bond                
3 2 'Structure model' database_2                    
4 2 'Structure model' pdbx_initial_refinement_model 
5 2 'Structure model' struct_ref_seq_dif            
6 3 'Structure model' pdbx_entry_details            
7 3 'Structure model' pdbx_modification_feature     
# 
loop_
_pdbx_audit_revision_item.ordinal 
_pdbx_audit_revision_item.revision_ordinal 
_pdbx_audit_revision_item.data_content_type 
_pdbx_audit_revision_item.item 
1 2 'Structure model' '_database_2.pdbx_DOI'                
2 2 'Structure model' '_database_2.pdbx_database_accession' 
3 2 'Structure model' '_struct_ref_seq_dif.details'         
# 
_pdbx_database_status.entry_id                        4E74 
_pdbx_database_status.status_code                     REL 
_pdbx_database_status.deposit_site                    RCSB 
_pdbx_database_status.process_site                    RCSB 
_pdbx_database_status.recvd_initial_deposition_date   2012-03-16 
_pdbx_database_status.status_code_sf                  REL 
_pdbx_database_status.status_code_mr                  ? 
_pdbx_database_status.SG_entry                        Y 
_pdbx_database_status.status_code_cs                  ? 
_pdbx_database_status.methods_development_category    ? 
_pdbx_database_status.pdb_format_compatible           Y 
_pdbx_database_status.status_code_nmr_data            ? 
# 
loop_
_audit_author.name 
_audit_author.pdbx_ordinal 
'Guan, X.'                             1  
'Wang, H.'                             2  
'Tempel, W.'                           3  
'Dong, A.'                             4  
'Tong, Y.'                             5  
'Arrowsmith, C.H.'                     6  
'Edwards, A.M.'                        7  
'Bountra, C.'                          8  
'Weigelt, J.'                          9  
'Park, H.'                             10 
'Structural Genomics Consortium (SGC)' 11 
# 
_citation.id                        primary 
_citation.title                     'Crystal structure of the RHO GTPASE BINDING DOMAIN of Plexin A4A' 
_citation.journal_abbrev            'to be published' 
_citation.journal_volume            ? 
_citation.page_first                ? 
_citation.page_last                 ? 
_citation.year                      ? 
_citation.journal_id_ASTM           ? 
_citation.country                   ? 
_citation.journal_id_ISSN           ? 
_citation.journal_id_CSD            0353 
_citation.book_publisher            ? 
_citation.pdbx_database_id_PubMed   ? 
_citation.pdbx_database_id_DOI      ? 
# 
loop_
_citation_author.citation_id 
_citation_author.name 
_citation_author.ordinal 
_citation_author.identifier_ORCID 
primary 'Guan, X.'         1  ? 
primary 'Wang, H.'         2  ? 
primary 'Tempel, W.'       3  ? 
primary 'Dong, A.'         4  ? 
primary 'Tong, Y.'         5  ? 
primary 'Arrowsmith, C.H.' 6  ? 
primary 'Edwards, A.M.'    7  ? 
primary 'Bountra, C.'      8  ? 
primary 'Weigelt, J.'      9  ? 
primary 'Park, H.'         10 ? 
# 
loop_
_entity.id 
_entity.type 
_entity.src_method 
_entity.pdbx_description 
_entity.formula_weight 
_entity.pdbx_number_of_molecules 
_entity.pdbx_ec 
_entity.pdbx_mutation 
_entity.pdbx_fragment 
_entity.details 
1 polymer     man Plexin-A4             13149.035 1  ? ? ? ? 
2 non-polymer syn 'UNKNOWN ATOM OR ION' ?         11 ? ? ? ? 
3 water       nat water                 18.015    78 ? ? ? ? 
# 
_entity_poly.entity_id                      1 
_entity_poly.type                           'polypeptide(L)' 
_entity_poly.nstd_linkage                   no 
_entity_poly.nstd_monomer                   no 
_entity_poly.pdbx_seq_one_letter_code       
;GDKLIRQQIDYKTLVLSCVSPDNANSPEVPVKILNCDTITQVKEKILDAIFKNVPCSHRPKAADMDLEWRQGSGARMILQ
DEDITTKIENDWKRLNTLAHYQVPDGSVVALVSKQVT
;
_entity_poly.pdbx_seq_one_letter_code_can   
;GDKLIRQQIDYKTLVLSCVSPDNANSPEVPVKILNCDTITQVKEKILDAIFKNVPCSHRPKAADMDLEWRQGSGARMILQ
DEDITTKIENDWKRLNTLAHYQVPDGSVVALVSKQVT
;
_entity_poly.pdbx_strand_id                 A 
_entity_poly.pdbx_target_identifier         ? 
# 
loop_
_pdbx_entity_nonpoly.entity_id 
_pdbx_entity_nonpoly.name 
_pdbx_entity_nonpoly.comp_id 
2 'UNKNOWN ATOM OR ION' UNX 
3 water                 HOH 
# 
loop_
_entity_poly_seq.entity_id 
_entity_poly_seq.num 
_entity_poly_seq.mon_id 
_entity_poly_seq.hetero 
1 1   GLY n 
1 2   ASP n 
1 3   LYS n 
1 4   LEU n 
1 5   ILE n 
1 6   ARG n 
1 7   GLN n 
1 8   GLN n 
1 9   ILE n 
1 10  ASP n 
1 11  TYR n 
1 12  LYS n 
1 13  THR n 
1 14  LEU n 
1 15  VAL n 
1 16  LEU n 
1 17  SER n 
1 18  CYS n 
1 19  VAL n 
1 20  SER n 
1 21  PRO n 
1 22  ASP n 
1 23  ASN n 
1 24  ALA n 
1 25  ASN n 
1 26  SER n 
1 27  PRO n 
1 28  GLU n 
1 29  VAL n 
1 30  PRO n 
1 31  VAL n 
1 32  LYS n 
1 33  ILE n 
1 34  LEU n 
1 35  ASN n 
1 36  CYS n 
1 37  ASP n 
1 38  THR n 
1 39  ILE n 
1 40  THR n 
1 41  GLN n 
1 42  VAL n 
1 43  LYS n 
1 44  GLU n 
1 45  LYS n 
1 46  ILE n 
1 47  LEU n 
1 48  ASP n 
1 49  ALA n 
1 50  ILE n 
1 51  PHE n 
1 52  LYS n 
1 53  ASN n 
1 54  VAL n 
1 55  PRO n 
1 56  CYS n 
1 57  SER n 
1 58  HIS n 
1 59  ARG n 
1 60  PRO n 
1 61  LYS n 
1 62  ALA n 
1 63  ALA n 
1 64  ASP n 
1 65  MET n 
1 66  ASP n 
1 67  LEU n 
1 68  GLU n 
1 69  TRP n 
1 70  ARG n 
1 71  GLN n 
1 72  GLY n 
1 73  SER n 
1 74  GLY n 
1 75  ALA n 
1 76  ARG n 
1 77  MET n 
1 78  ILE n 
1 79  LEU n 
1 80  GLN n 
1 81  ASP n 
1 82  GLU n 
1 83  ASP n 
1 84  ILE n 
1 85  THR n 
1 86  THR n 
1 87  LYS n 
1 88  ILE n 
1 89  GLU n 
1 90  ASN n 
1 91  ASP n 
1 92  TRP n 
1 93  LYS n 
1 94  ARG n 
1 95  LEU n 
1 96  ASN n 
1 97  THR n 
1 98  LEU n 
1 99  ALA n 
1 100 HIS n 
1 101 TYR n 
1 102 GLN n 
1 103 VAL n 
1 104 PRO n 
1 105 ASP n 
1 106 GLY n 
1 107 SER n 
1 108 VAL n 
1 109 VAL n 
1 110 ALA n 
1 111 LEU n 
1 112 VAL n 
1 113 SER n 
1 114 LYS n 
1 115 GLN n 
1 116 VAL n 
1 117 THR n 
# 
_entity_src_gen.entity_id                          1 
_entity_src_gen.pdbx_src_id                        1 
_entity_src_gen.pdbx_alt_source_flag               sample 
_entity_src_gen.pdbx_seq_type                      ? 
_entity_src_gen.pdbx_beg_seq_num                   ? 
_entity_src_gen.pdbx_end_seq_num                   ? 
_entity_src_gen.gene_src_common_name               human 
_entity_src_gen.gene_src_genus                     ? 
_entity_src_gen.pdbx_gene_src_gene                 'PLXNA4, KIAA1550, PLXNA4A, PLXNA4B, UNQ2820/PRO34003' 
_entity_src_gen.gene_src_species                   ? 
_entity_src_gen.gene_src_strain                    ? 
_entity_src_gen.gene_src_tissue                    ? 
_entity_src_gen.gene_src_tissue_fraction           ? 
_entity_src_gen.gene_src_details                   ? 
_entity_src_gen.pdbx_gene_src_fragment             ? 
_entity_src_gen.pdbx_gene_src_scientific_name      'Homo sapiens' 
_entity_src_gen.pdbx_gene_src_ncbi_taxonomy_id     9606 
_entity_src_gen.pdbx_gene_src_variant              ? 
_entity_src_gen.pdbx_gene_src_cell_line            ? 
_entity_src_gen.pdbx_gene_src_atcc                 ? 
_entity_src_gen.pdbx_gene_src_organ                ? 
_entity_src_gen.pdbx_gene_src_organelle            ? 
_entity_src_gen.pdbx_gene_src_cell                 ? 
_entity_src_gen.pdbx_gene_src_cellular_location    ? 
_entity_src_gen.host_org_common_name               ? 
_entity_src_gen.pdbx_host_org_scientific_name      'Escherichia coli' 
_entity_src_gen.pdbx_host_org_ncbi_taxonomy_id     562 
_entity_src_gen.host_org_genus                     ? 
_entity_src_gen.pdbx_host_org_gene                 ? 
_entity_src_gen.pdbx_host_org_organ                ? 
_entity_src_gen.host_org_species                   ? 
_entity_src_gen.pdbx_host_org_tissue               ? 
_entity_src_gen.pdbx_host_org_tissue_fraction      ? 
_entity_src_gen.pdbx_host_org_strain               BL21-V2R-pRARE2 
_entity_src_gen.pdbx_host_org_variant              ? 
_entity_src_gen.pdbx_host_org_cell_line            ? 
_entity_src_gen.pdbx_host_org_atcc                 ? 
_entity_src_gen.pdbx_host_org_culture_collection   ? 
_entity_src_gen.pdbx_host_org_cell                 ? 
_entity_src_gen.pdbx_host_org_organelle            ? 
_entity_src_gen.pdbx_host_org_cellular_location    ? 
_entity_src_gen.pdbx_host_org_vector_type          ? 
_entity_src_gen.pdbx_host_org_vector               ? 
_entity_src_gen.host_org_details                   ? 
_entity_src_gen.expression_system_id               ? 
_entity_src_gen.plasmid_name                       pET28-MHL 
_entity_src_gen.plasmid_details                    ? 
_entity_src_gen.pdbx_description                   ? 
# 
loop_
_chem_comp.id 
_chem_comp.type 
_chem_comp.mon_nstd_flag 
_chem_comp.name 
_chem_comp.pdbx_synonyms 
_chem_comp.formula 
_chem_comp.formula_weight 
ALA 'L-peptide linking' y ALANINE               ? 'C3 H7 N O2'     89.093  
ARG 'L-peptide linking' y ARGININE              ? 'C6 H15 N4 O2 1' 175.209 
ASN 'L-peptide linking' y ASPARAGINE            ? 'C4 H8 N2 O3'    132.118 
ASP 'L-peptide linking' y 'ASPARTIC ACID'       ? 'C4 H7 N O4'     133.103 
CYS 'L-peptide linking' y CYSTEINE              ? 'C3 H7 N O2 S'   121.158 
GLN 'L-peptide linking' y GLUTAMINE             ? 'C5 H10 N2 O3'   146.144 
GLU 'L-peptide linking' y 'GLUTAMIC ACID'       ? 'C5 H9 N O4'     147.129 
GLY 'peptide linking'   y GLYCINE               ? 'C2 H5 N O2'     75.067  
HIS 'L-peptide linking' y HISTIDINE             ? 'C6 H10 N3 O2 1' 156.162 
HOH non-polymer         . WATER                 ? 'H2 O'           18.015  
ILE 'L-peptide linking' y ISOLEUCINE            ? 'C6 H13 N O2'    131.173 
LEU 'L-peptide linking' y LEUCINE               ? 'C6 H13 N O2'    131.173 
LYS 'L-peptide linking' y LYSINE                ? 'C6 H15 N2 O2 1' 147.195 
MET 'L-peptide linking' y METHIONINE            ? 'C5 H11 N O2 S'  149.211 
PHE 'L-peptide linking' y PHENYLALANINE         ? 'C9 H11 N O2'    165.189 
PRO 'L-peptide linking' y PROLINE               ? 'C5 H9 N O2'     115.130 
SER 'L-peptide linking' y SERINE                ? 'C3 H7 N O3'     105.093 
THR 'L-peptide linking' y THREONINE             ? 'C4 H9 N O3'     119.119 
TRP 'L-peptide linking' y TRYPTOPHAN            ? 'C11 H12 N2 O2'  204.225 
TYR 'L-peptide linking' y TYROSINE              ? 'C9 H11 N O3'    181.189 
UNX non-polymer         . 'UNKNOWN ATOM OR ION' ? ?                ?       
VAL 'L-peptide linking' y VALINE                ? 'C5 H11 N O2'    117.146 
# 
loop_
_pdbx_poly_seq_scheme.asym_id 
_pdbx_poly_seq_scheme.entity_id 
_pdbx_poly_seq_scheme.seq_id 
_pdbx_poly_seq_scheme.mon_id 
_pdbx_poly_seq_scheme.ndb_seq_num 
_pdbx_poly_seq_scheme.pdb_seq_num 
_pdbx_poly_seq_scheme.auth_seq_num 
_pdbx_poly_seq_scheme.pdb_mon_id 
_pdbx_poly_seq_scheme.auth_mon_id 
_pdbx_poly_seq_scheme.pdb_strand_id 
_pdbx_poly_seq_scheme.pdb_ins_code 
_pdbx_poly_seq_scheme.hetero 
A 1 1   GLY 1   1487 ?    ?   ?   A . n 
A 1 2   ASP 2   1488 ?    ?   ?   A . n 
A 1 3   LYS 3   1489 ?    ?   ?   A . n 
A 1 4   LEU 4   1490 ?    ?   ?   A . n 
A 1 5   ILE 5   1491 ?    ?   ?   A . n 
A 1 6   ARG 6   1492 ?    ?   ?   A . n 
A 1 7   GLN 7   1493 ?    ?   ?   A . n 
A 1 8   GLN 8   1494 ?    ?   ?   A . n 
A 1 9   ILE 9   1495 ?    ?   ?   A . n 
A 1 10  ASP 10  1496 1496 ASP ASP A . n 
A 1 11  TYR 11  1497 1497 TYR TYR A . n 
A 1 12  LYS 12  1498 1498 LYS LYS A . n 
A 1 13  THR 13  1499 1499 THR THR A . n 
A 1 14  LEU 14  1500 1500 LEU LEU A . n 
A 1 15  VAL 15  1501 1501 VAL VAL A . n 
A 1 16  LEU 16  1502 1502 LEU LEU A . n 
A 1 17  SER 17  1503 1503 SER SER A . n 
A 1 18  CYS 18  1504 1504 CYS CYS A . n 
A 1 19  VAL 19  1505 1505 VAL VAL A . n 
A 1 20  SER 20  1506 1506 SER SER A . n 
A 1 21  PRO 21  1507 1507 PRO PRO A . n 
A 1 22  ASP 22  1508 ?    ?   ?   A . n 
A 1 23  ASN 23  1509 ?    ?   ?   A . n 
A 1 24  ALA 24  1510 ?    ?   ?   A . n 
A 1 25  ASN 25  1511 ?    ?   ?   A . n 
A 1 26  SER 26  1512 1512 SER SER A . n 
A 1 27  PRO 27  1513 1513 PRO PRO A . n 
A 1 28  GLU 28  1514 1514 GLU GLU A . n 
A 1 29  VAL 29  1515 1515 VAL VAL A . n 
A 1 30  PRO 30  1516 1516 PRO PRO A . n 
A 1 31  VAL 31  1517 1517 VAL VAL A . n 
A 1 32  LYS 32  1518 1518 LYS LYS A . n 
A 1 33  ILE 33  1519 1519 ILE ILE A . n 
A 1 34  LEU 34  1520 1520 LEU LEU A . n 
A 1 35  ASN 35  1521 1521 ASN ASN A . n 
A 1 36  CYS 36  1522 1522 CYS CYS A . n 
A 1 37  ASP 37  1523 1523 ASP ASP A . n 
A 1 38  THR 38  1524 1524 THR THR A . n 
A 1 39  ILE 39  1525 1525 ILE ILE A . n 
A 1 40  THR 40  1526 1526 THR THR A . n 
A 1 41  GLN 41  1527 1527 GLN GLN A . n 
A 1 42  VAL 42  1528 1528 VAL VAL A . n 
A 1 43  LYS 43  1529 1529 LYS LYS A . n 
A 1 44  GLU 44  1530 1530 GLU GLU A . n 
A 1 45  LYS 45  1531 1531 LYS LYS A . n 
A 1 46  ILE 46  1532 1532 ILE ILE A . n 
A 1 47  LEU 47  1533 1533 LEU LEU A . n 
A 1 48  ASP 48  1534 1534 ASP ASP A . n 
A 1 49  ALA 49  1535 1535 ALA ALA A . n 
A 1 50  ILE 50  1536 1536 ILE ILE A . n 
A 1 51  PHE 51  1537 1537 PHE PHE A . n 
A 1 52  LYS 52  1538 1538 LYS LYS A . n 
A 1 53  ASN 53  1539 1539 ASN ASN A . n 
A 1 54  VAL 54  1540 1540 VAL VAL A . n 
A 1 55  PRO 55  1541 1541 PRO PRO A . n 
A 1 56  CYS 56  1542 1542 CYS CYS A . n 
A 1 57  SER 57  1543 1543 SER SER A . n 
A 1 58  HIS 58  1544 1544 HIS HIS A . n 
A 1 59  ARG 59  1545 1545 ARG ARG A . n 
A 1 60  PRO 60  1546 1546 PRO PRO A . n 
A 1 61  LYS 61  1547 1547 LYS LYS A . n 
A 1 62  ALA 62  1548 1548 ALA ALA A . n 
A 1 63  ALA 63  1549 1549 ALA ALA A . n 
A 1 64  ASP 64  1550 1550 ASP ASP A . n 
A 1 65  MET 65  1551 1551 MET MET A . n 
A 1 66  ASP 66  1552 1552 ASP ASP A . n 
A 1 67  LEU 67  1553 1553 LEU LEU A . n 
A 1 68  GLU 68  1554 1554 GLU GLU A . n 
A 1 69  TRP 69  1555 1555 TRP TRP A . n 
A 1 70  ARG 70  1556 1556 ARG ARG A . n 
A 1 71  GLN 71  1557 1557 GLN GLN A . n 
A 1 72  GLY 72  1558 1558 GLY GLY A . n 
A 1 73  SER 73  1559 1559 SER SER A . n 
A 1 74  GLY 74  1560 1560 GLY GLY A . n 
A 1 75  ALA 75  1561 1561 ALA ALA A . n 
A 1 76  ARG 76  1562 1562 ARG ARG A . n 
A 1 77  MET 77  1563 1563 MET MET A . n 
A 1 78  ILE 78  1564 1564 ILE ILE A . n 
A 1 79  LEU 79  1565 1565 LEU LEU A . n 
A 1 80  GLN 80  1566 1566 GLN GLN A . n 
A 1 81  ASP 81  1567 1567 ASP ASP A . n 
A 1 82  GLU 82  1568 1568 GLU GLU A . n 
A 1 83  ASP 83  1569 1569 ASP ASP A . n 
A 1 84  ILE 84  1570 1570 ILE ILE A . n 
A 1 85  THR 85  1571 1571 THR THR A . n 
A 1 86  THR 86  1572 1572 THR THR A . n 
A 1 87  LYS 87  1573 1573 LYS LYS A . n 
A 1 88  ILE 88  1574 1574 ILE ILE A . n 
A 1 89  GLU 89  1575 ?    ?   ?   A . n 
A 1 90  ASN 90  1576 ?    ?   ?   A . n 
A 1 91  ASP 91  1577 ?    ?   ?   A . n 
A 1 92  TRP 92  1578 1578 TRP TRP A . n 
A 1 93  LYS 93  1579 1579 LYS LYS A . n 
A 1 94  ARG 94  1580 1580 ARG ARG A . n 
A 1 95  LEU 95  1581 1581 LEU LEU A . n 
A 1 96  ASN 96  1582 1582 ASN ASN A . n 
A 1 97  THR 97  1583 1583 THR THR A . n 
A 1 98  LEU 98  1584 1584 LEU LEU A . n 
A 1 99  ALA 99  1585 1585 ALA ALA A . n 
A 1 100 HIS 100 1586 1586 HIS HIS A . n 
A 1 101 TYR 101 1587 1587 TYR TYR A . n 
A 1 102 GLN 102 1588 1588 GLN GLN A . n 
A 1 103 VAL 103 1589 1589 VAL VAL A . n 
A 1 104 PRO 104 1590 1590 PRO PRO A . n 
A 1 105 ASP 105 1591 1591 ASP ASP A . n 
A 1 106 GLY 106 1592 1592 GLY GLY A . n 
A 1 107 SER 107 1593 1593 SER SER A . n 
A 1 108 VAL 108 1594 1594 VAL VAL A . n 
A 1 109 VAL 109 1595 1595 VAL VAL A . n 
A 1 110 ALA 110 1596 1596 ALA ALA A . n 
A 1 111 LEU 111 1597 1597 LEU LEU A . n 
A 1 112 VAL 112 1598 1598 VAL VAL A . n 
A 1 113 SER 113 1599 1599 SER SER A . n 
A 1 114 LYS 114 1600 1600 LYS LYS A . n 
A 1 115 GLN 115 1601 1601 GLN GLN A . n 
A 1 116 VAL 116 1602 1602 VAL VAL A . n 
A 1 117 THR 117 1603 1603 THR THR A . n 
# 
loop_
_pdbx_nonpoly_scheme.asym_id 
_pdbx_nonpoly_scheme.entity_id 
_pdbx_nonpoly_scheme.mon_id 
_pdbx_nonpoly_scheme.ndb_seq_num 
_pdbx_nonpoly_scheme.pdb_seq_num 
_pdbx_nonpoly_scheme.auth_seq_num 
_pdbx_nonpoly_scheme.pdb_mon_id 
_pdbx_nonpoly_scheme.auth_mon_id 
_pdbx_nonpoly_scheme.pdb_strand_id 
_pdbx_nonpoly_scheme.pdb_ins_code 
B 2 UNX 1  1701 1   UNX UNX A . 
C 2 UNX 1  1702 2   UNX UNX A . 
D 2 UNX 1  1703 3   UNX UNX A . 
E 2 UNX 1  1704 4   UNX UNX A . 
F 2 UNX 1  1705 5   UNX UNX A . 
G 2 UNX 1  1706 6   UNX UNX A . 
H 2 UNX 1  1707 7   UNX UNX A . 
I 2 UNX 1  1708 8   UNX UNX A . 
J 2 UNX 1  1709 9   UNX UNX A . 
K 2 UNX 1  1710 10  UNX UNX A . 
L 2 UNX 1  1711 11  UNX UNX A . 
M 3 HOH 1  1801 3   HOH HOH A . 
M 3 HOH 2  1802 5   HOH HOH A . 
M 3 HOH 3  1803 6   HOH HOH A . 
M 3 HOH 4  1804 8   HOH HOH A . 
M 3 HOH 5  1805 9   HOH HOH A . 
M 3 HOH 6  1806 11  HOH HOH A . 
M 3 HOH 7  1807 12  HOH HOH A . 
M 3 HOH 8  1808 13  HOH HOH A . 
M 3 HOH 9  1809 14  HOH HOH A . 
M 3 HOH 10 1810 15  HOH HOH A . 
M 3 HOH 11 1811 16  HOH HOH A . 
M 3 HOH 12 1812 17  HOH HOH A . 
M 3 HOH 13 1813 19  HOH HOH A . 
M 3 HOH 14 1814 22  HOH HOH A . 
M 3 HOH 15 1815 24  HOH HOH A . 
M 3 HOH 16 1816 25  HOH HOH A . 
M 3 HOH 17 1817 26  HOH HOH A . 
M 3 HOH 18 1818 27  HOH HOH A . 
M 3 HOH 19 1819 29  HOH HOH A . 
M 3 HOH 20 1820 30  HOH HOH A . 
M 3 HOH 21 1821 31  HOH HOH A . 
M 3 HOH 22 1822 32  HOH HOH A . 
M 3 HOH 23 1823 34  HOH HOH A . 
M 3 HOH 24 1824 35  HOH HOH A . 
M 3 HOH 25 1825 36  HOH HOH A . 
M 3 HOH 26 1826 38  HOH HOH A . 
M 3 HOH 27 1827 39  HOH HOH A . 
M 3 HOH 28 1828 40  HOH HOH A . 
M 3 HOH 29 1829 41  HOH HOH A . 
M 3 HOH 30 1830 43  HOH HOH A . 
M 3 HOH 31 1831 44  HOH HOH A . 
M 3 HOH 32 1832 45  HOH HOH A . 
M 3 HOH 33 1833 46  HOH HOH A . 
M 3 HOH 34 1834 47  HOH HOH A . 
M 3 HOH 35 1835 48  HOH HOH A . 
M 3 HOH 36 1836 51  HOH HOH A . 
M 3 HOH 37 1837 53  HOH HOH A . 
M 3 HOH 38 1838 54  HOH HOH A . 
M 3 HOH 39 1839 55  HOH HOH A . 
M 3 HOH 40 1840 56  HOH HOH A . 
M 3 HOH 41 1841 58  HOH HOH A . 
M 3 HOH 42 1842 59  HOH HOH A . 
M 3 HOH 43 1843 60  HOH HOH A . 
M 3 HOH 44 1844 61  HOH HOH A . 
M 3 HOH 45 1845 62  HOH HOH A . 
M 3 HOH 46 1846 63  HOH HOH A . 
M 3 HOH 47 1847 66  HOH HOH A . 
M 3 HOH 48 1848 68  HOH HOH A . 
M 3 HOH 49 1849 70  HOH HOH A . 
M 3 HOH 50 1850 73  HOH HOH A . 
M 3 HOH 51 1851 74  HOH HOH A . 
M 3 HOH 52 1852 75  HOH HOH A . 
M 3 HOH 53 1853 76  HOH HOH A . 
M 3 HOH 54 1854 77  HOH HOH A . 
M 3 HOH 55 1855 78  HOH HOH A . 
M 3 HOH 56 1856 79  HOH HOH A . 
M 3 HOH 57 1857 80  HOH HOH A . 
M 3 HOH 58 1858 82  HOH HOH A . 
M 3 HOH 59 1859 83  HOH HOH A . 
M 3 HOH 60 1860 84  HOH HOH A . 
M 3 HOH 61 1861 85  HOH HOH A . 
M 3 HOH 62 1862 86  HOH HOH A . 
M 3 HOH 63 1863 87  HOH HOH A . 
M 3 HOH 64 1864 88  HOH HOH A . 
M 3 HOH 65 1865 89  HOH HOH A . 
M 3 HOH 66 1866 90  HOH HOH A . 
M 3 HOH 67 1867 91  HOH HOH A . 
M 3 HOH 68 1868 92  HOH HOH A . 
M 3 HOH 69 1869 93  HOH HOH A . 
M 3 HOH 70 1870 94  HOH HOH A . 
M 3 HOH 71 1871 95  HOH HOH A . 
M 3 HOH 72 1872 96  HOH HOH A . 
M 3 HOH 73 1873 97  HOH HOH A . 
M 3 HOH 74 1874 98  HOH HOH A . 
M 3 HOH 75 1875 99  HOH HOH A . 
M 3 HOH 76 1876 102 HOH HOH A . 
M 3 HOH 77 1877 103 HOH HOH A . 
M 3 HOH 78 1878 104 HOH HOH A . 
# 
loop_
_pdbx_unobs_or_zero_occ_atoms.id 
_pdbx_unobs_or_zero_occ_atoms.PDB_model_num 
_pdbx_unobs_or_zero_occ_atoms.polymer_flag 
_pdbx_unobs_or_zero_occ_atoms.occupancy_flag 
_pdbx_unobs_or_zero_occ_atoms.auth_asym_id 
_pdbx_unobs_or_zero_occ_atoms.auth_comp_id 
_pdbx_unobs_or_zero_occ_atoms.auth_seq_id 
_pdbx_unobs_or_zero_occ_atoms.PDB_ins_code 
_pdbx_unobs_or_zero_occ_atoms.auth_atom_id 
_pdbx_unobs_or_zero_occ_atoms.label_alt_id 
_pdbx_unobs_or_zero_occ_atoms.label_asym_id 
_pdbx_unobs_or_zero_occ_atoms.label_comp_id 
_pdbx_unobs_or_zero_occ_atoms.label_seq_id 
_pdbx_unobs_or_zero_occ_atoms.label_atom_id 
1  1 Y 1 A ASP 1496 ? OD1 ? A ASP 10  OD1 
2  1 Y 1 A ASP 1496 ? OD2 ? A ASP 10  OD2 
3  1 Y 1 A SER 1512 ? OG  ? A SER 26  OG  
4  1 Y 1 A GLU 1530 ? CD  ? A GLU 44  CD  
5  1 Y 1 A GLU 1530 ? OE1 ? A GLU 44  OE1 
6  1 Y 1 A GLU 1530 ? OE2 ? A GLU 44  OE2 
7  1 Y 1 A LYS 1547 ? CE  ? A LYS 61  CE  
8  1 Y 1 A LYS 1547 ? NZ  ? A LYS 61  NZ  
9  1 Y 1 A ILE 1574 ? CG1 ? A ILE 88  CG1 
10 1 Y 1 A ILE 1574 ? CG2 ? A ILE 88  CG2 
11 1 Y 1 A ILE 1574 ? CD1 ? A ILE 88  CD1 
12 1 Y 1 A TRP 1578 ? CG  ? A TRP 92  CG  
13 1 Y 1 A TRP 1578 ? CD1 ? A TRP 92  CD1 
14 1 Y 1 A TRP 1578 ? CD2 ? A TRP 92  CD2 
15 1 Y 1 A TRP 1578 ? NE1 ? A TRP 92  NE1 
16 1 Y 1 A TRP 1578 ? CE2 ? A TRP 92  CE2 
17 1 Y 1 A TRP 1578 ? CE3 ? A TRP 92  CE3 
18 1 Y 1 A TRP 1578 ? CZ2 ? A TRP 92  CZ2 
19 1 Y 1 A TRP 1578 ? CZ3 ? A TRP 92  CZ3 
20 1 Y 1 A TRP 1578 ? CH2 ? A TRP 92  CH2 
21 1 Y 1 A LYS 1579 ? CD  ? A LYS 93  CD  
22 1 Y 1 A LYS 1579 ? CE  ? A LYS 93  CE  
23 1 Y 1 A LYS 1579 ? NZ  ? A LYS 93  NZ  
24 1 Y 1 A ARG 1580 ? CG  ? A ARG 94  CG  
25 1 Y 1 A ARG 1580 ? CD  ? A ARG 94  CD  
26 1 Y 1 A ARG 1580 ? NE  ? A ARG 94  NE  
27 1 Y 1 A ARG 1580 ? CZ  ? A ARG 94  CZ  
28 1 Y 1 A ARG 1580 ? NH1 ? A ARG 94  NH1 
29 1 Y 1 A ARG 1580 ? NH2 ? A ARG 94  NH2 
30 1 Y 1 A THR 1603 ? OG1 ? A THR 117 OG1 
31 1 Y 1 A THR 1603 ? CG2 ? A THR 117 CG2 
# 
loop_
_software.pdbx_ordinal 
_software.name 
_software.version 
_software.date 
_software.type 
_software.contact_author 
_software.contact_author_email 
_software.classification 
_software.location 
_software.language 
_software.citation_id 
1 XSCALE      .        ?                package 'Wolfgang Kabsch'    ?                        'data scaling'    
http://www.mpimf-heidelberg.mpg.de/~kabsch/xds/html_doc/xscale_program.html ?          ? 
2 MOLREP      .        ?                program 'Alexei Vaguine'     alexei@ysbl.york.ac.uk   phasing           
http://www.ccp4.ac.uk/dist/html/molrep.html                                 Fortran_77 ? 
3 REFMAC      5.6.0117 ?                program 'Garib N. Murshudov' garib@ysbl.york.ac.uk    refinement        
http://www.ccp4.ac.uk/dist/html/refmac5.html                                Fortran_77 ? 
4 PDB_EXTRACT 3.11     'August 3, 2011' package PDB                  deposit@deposit.rcsb.org 'data extraction' 
http://sw-tools.pdb.org/apps/PDB_EXTRACT/                                   C++        ? 
5 XDS         .        ?                ?       ?                    ?                        'data reduction'  ? ?          ? 
# 
_cell.entry_id           4E74 
_cell.length_a           49.790 
_cell.length_b           49.790 
_cell.length_c           124.250 
_cell.angle_alpha        90.000 
_cell.angle_beta         90.000 
_cell.angle_gamma        90.000 
_cell.pdbx_unique_axis   ? 
_cell.Z_PDB              8 
_cell.length_a_esd       ? 
_cell.length_b_esd       ? 
_cell.length_c_esd       ? 
_cell.angle_alpha_esd    ? 
_cell.angle_beta_esd     ? 
_cell.angle_gamma_esd    ? 
# 
_symmetry.entry_id                         4E74 
_symmetry.space_group_name_H-M             'P 41 21 2' 
_symmetry.Int_Tables_number                92 
_symmetry.pdbx_full_space_group_name_H-M   ? 
_symmetry.cell_setting                     ? 
_symmetry.space_group_name_Hall            ? 
# 
_exptl.crystals_number   1 
_exptl.entry_id          4E74 
_exptl.method            'X-RAY DIFFRACTION' 
# 
_exptl_crystal.id                    1 
_exptl_crystal.density_percent_sol   57.99 
_exptl_crystal.density_Matthews      2.93 
_exptl_crystal.density_meas          ? 
_exptl_crystal.description           ? 
_exptl_crystal.F_000                 ? 
_exptl_crystal.preparation           ? 
# 
_exptl_crystal_grow.crystal_id      1 
_exptl_crystal_grow.method          'VAPOR DIFFUSION, SITTING DROP' 
_exptl_crystal_grow.pH              7.5 
_exptl_crystal_grow.temp            291 
_exptl_crystal_grow.pdbx_details    
'25% PEG3350, 0.2M ammonium acetate, 0.1M HEPES, pH 7.5, vapor diffusion, sitting drop, temperature 291K' 
_exptl_crystal_grow.temp_details    ? 
_exptl_crystal_grow.pdbx_pH_range   ? 
# 
_diffrn.id                     1 
_diffrn.ambient_temp           100 
_diffrn.ambient_temp_details   ? 
_diffrn.crystal_id             1 
# 
_diffrn_detector.diffrn_id              1 
_diffrn_detector.detector               CCD 
_diffrn_detector.type                   'ADSC QUANTUM 315' 
_diffrn_detector.pdbx_collection_date   2012-02-24 
_diffrn_detector.details                ? 
# 
_diffrn_radiation.diffrn_id                        1 
_diffrn_radiation.pdbx_diffrn_protocol             'SINGLE WAVELENGTH' 
_diffrn_radiation.monochromator                    ? 
_diffrn_radiation.wavelength_id                    1 
_diffrn_radiation.pdbx_monochromatic_or_laue_m_l   M 
_diffrn_radiation.pdbx_scattering_type             x-ray 
# 
_diffrn_radiation_wavelength.id           1 
_diffrn_radiation_wavelength.wavelength   0.97931 
_diffrn_radiation_wavelength.wt           1.0 
# 
_diffrn_source.diffrn_id                   1 
_diffrn_source.source                      SYNCHROTRON 
_diffrn_source.type                        'APS BEAMLINE 19-ID' 
_diffrn_source.pdbx_wavelength_list        0.97931 
_diffrn_source.pdbx_wavelength             ? 
_diffrn_source.pdbx_synchrotron_site       APS 
_diffrn_source.pdbx_synchrotron_beamline   19-ID 
# 
_reflns.entry_id                     4E74 
_reflns.d_resolution_high            1.580 
_reflns.number_obs                   22346 
_reflns.pdbx_Rmerge_I_obs            0.052 
_reflns.pdbx_netI_over_sigmaI        24.270 
_reflns.percent_possible_obs         100.000 
_reflns.B_iso_Wilson_estimate        28.208 
_reflns.observed_criterion_sigma_I   -3.000 
_reflns.observed_criterion_sigma_F   ? 
_reflns.d_resolution_low             46.2170 
_reflns.number_all                   ? 
_reflns.pdbx_Rsym_value              ? 
_reflns.pdbx_redundancy              ? 
_reflns.R_free_details               ? 
_reflns.limit_h_max                  ? 
_reflns.limit_h_min                  ? 
_reflns.limit_k_max                  ? 
_reflns.limit_k_min                  ? 
_reflns.limit_l_max                  ? 
_reflns.limit_l_min                  ? 
_reflns.observed_criterion_F_max     ? 
_reflns.observed_criterion_F_min     ? 
_reflns.pdbx_chi_squared             ? 
_reflns.pdbx_scaling_rejects         ? 
_reflns.pdbx_ordinal                 1 
_reflns.pdbx_diffrn_id               1 
# 
loop_
_reflns_shell.d_res_high 
_reflns_shell.d_res_low 
_reflns_shell.number_measured_obs 
_reflns_shell.number_measured_all 
_reflns_shell.number_unique_obs 
_reflns_shell.Rmerge_I_obs 
_reflns_shell.meanI_over_sigI_obs 
_reflns_shell.pdbx_Rsym_value 
_reflns_shell.pdbx_chi_squared 
_reflns_shell.pdbx_redundancy 
_reflns_shell.percent_possible_obs 
_reflns_shell.number_unique_all 
_reflns_shell.percent_possible_all 
_reflns_shell.pdbx_ordinal 
_reflns_shell.pdbx_diffrn_id 
1.580 1.620 12236 ? 1617 0.986 2.180  ? ? ? ? ? 99.900  1  1 
1.620 1.670 12104 ? 1571 0.821 2.780  ? ? ? ? ? 99.900  2  1 
1.670 1.710 12050 ? 1540 0.614 3.820  ? ? ? ? ? 100.000 3  1 
1.710 1.770 11676 ? 1478 0.477 4.830  ? ? ? ? ? 100.000 4  1 
1.770 1.820 11511 ? 1432 0.342 6.980  ? ? ? ? ? 100.000 5  1 
1.820 1.890 11378 ? 1396 0.260 9.130  ? ? ? ? ? 100.000 6  1 
1.890 1.960 11292 ? 1363 0.181 12.410 ? ? ? ? ? 99.900  7  1 
1.960 2.040 11078 ? 1304 0.130 17.070 ? ? ? ? ? 100.000 8  1 
2.040 2.130 10811 ? 1255 0.098 21.930 ? ? ? ? ? 100.000 9  1 
2.130 2.230 10516 ? 1205 0.077 26.370 ? ? ? ? ? 100.000 10 1 
2.230 2.360 10289 ? 1154 0.065 29.740 ? ? ? ? ? 100.000 11 1 
2.360 2.500 9960  ? 1098 0.057 34.190 ? ? ? ? ? 100.000 12 1 
2.500 2.670 9309  ? 1025 0.047 38.060 ? ? ? ? ? 100.000 13 1 
2.670 2.880 8697  ? 964  0.041 41.800 ? ? ? ? ? 100.000 14 1 
2.880 3.160 12429 ? 903  0.058 48.480 ? ? ? ? ? 100.000 15 1 
3.160 3.530 14626 ? 830  0.052 59.270 ? ? ? ? ? 100.000 16 1 
3.530 4.080 12862 ? 738  0.040 68.210 ? ? ? ? ? 100.000 17 1 
4.080 5.000 10918 ? 638  0.032 74.400 ? ? ? ? ? 100.000 18 1 
5.000 7.070 8530  ? 511  0.035 70.210 ? ? ? ? ? 100.000 19 1 
7.070 ?     4422  ? 324  0.029 69.330 ? ? ? ? ? 99.100  20 1 
# 
_refine.entry_id                                 4E74 
_refine.ls_d_res_high                            1.5800 
_refine.ls_d_res_low                             46.2170 
_refine.pdbx_ls_sigma_F                          0.000 
_refine.pdbx_data_cutoff_high_absF               ? 
_refine.pdbx_data_cutoff_low_absF                ? 
_refine.ls_percent_reflns_obs                    99.9730 
_refine.ls_number_reflns_obs                     22274 
_refine.ls_number_reflns_all                     ? 
_refine.pdbx_ls_cross_valid_method               THROUGHOUT 
_refine.pdbx_R_Free_selection_details            RANDOM 
_refine.details                                  
;HYDROGENS HAVE BEEN ADDED IN THE RIDING POSITIONS; U VALUES: REFINED INDIVIDUALLY  
ARP/WARP, COOT, the MOLPROBITY server were also used during refinement.
;
_refine.ls_R_factor_all                          ? 
_refine.ls_R_factor_obs                          0.2040 
_refine.ls_R_factor_R_work                       0.2029 
_refine.ls_wR_factor_R_work                      0.1970 
_refine.ls_R_factor_R_free                       0.2194 
_refine.ls_wR_factor_R_free                      0.2150 
_refine.ls_percent_reflns_R_free                 5.1540 
_refine.ls_number_reflns_R_free                  1148 
_refine.ls_R_factor_R_free_error                 ? 
_refine.B_iso_mean                               17.5190 
_refine.solvent_model_param_bsol                 ? 
_refine.solvent_model_param_ksol                 ? 
_refine.pdbx_isotropic_thermal_model             ? 
_refine.aniso_B[1][1]                            0.2690 
_refine.aniso_B[2][2]                            0.2690 
_refine.aniso_B[3][3]                            -0.5380 
_refine.aniso_B[1][2]                            0.0000 
_refine.aniso_B[1][3]                            0.0000 
_refine.aniso_B[2][3]                            0.0000 
_refine.correlation_coeff_Fo_to_Fc               0.9530 
_refine.correlation_coeff_Fo_to_Fc_free          0.9530 
_refine.overall_SU_R_Cruickshank_DPI             ? 
_refine.overall_SU_R_free                        ? 
_refine.pdbx_overall_ESU_R                       0.0720 
_refine.pdbx_overall_ESU_R_Free                  0.0710 
_refine.overall_SU_ML                            0.0450 
_refine.overall_SU_B                             1.2270 
_refine.solvent_model_details                    'MASK BULK SOLVENT' 
_refine.pdbx_solvent_vdw_probe_radii             1.2000 
_refine.pdbx_solvent_ion_probe_radii             0.8000 
_refine.pdbx_solvent_shrinkage_radii             0.8000 
_refine.ls_number_parameters                     ? 
_refine.ls_number_restraints                     ? 
_refine.pdbx_starting_model                      'PDB entry 2r2o' 
_refine.pdbx_method_to_determine_struct          'MOLECULAR REPLACEMENT' 
_refine.pdbx_stereochemistry_target_values       'MAXIMUM LIKELIHOOD' 
_refine.pdbx_stereochem_target_val_spec_case     ? 
_refine.overall_FOM_work_R_set                   ? 
_refine.B_iso_max                                61.500 
_refine.B_iso_min                                11.930 
_refine.pdbx_overall_phase_error                 ? 
_refine.occupancy_max                            1.000 
_refine.occupancy_min                            0.300 
_refine.pdbx_ls_sigma_I                          ? 
_refine.ls_redundancy_reflns_obs                 ? 
_refine.ls_R_factor_R_free_error_details         ? 
_refine.pdbx_data_cutoff_high_rms_absF           ? 
_refine.overall_FOM_free_R_set                   ? 
_refine.pdbx_diffrn_id                           1 
_refine.pdbx_refine_id                           'X-RAY DIFFRACTION' 
_refine.pdbx_TLS_residual_ADP_flag               ? 
_refine.pdbx_overall_SU_R_free_Cruickshank_DPI   ? 
_refine.pdbx_overall_SU_R_Blow_DPI               ? 
_refine.pdbx_overall_SU_R_free_Blow_DPI          ? 
# 
_refine_hist.pdbx_refine_id                   'X-RAY DIFFRACTION' 
_refine_hist.cycle_id                         LAST 
_refine_hist.pdbx_number_atoms_protein        761 
_refine_hist.pdbx_number_atoms_nucleic_acid   0 
_refine_hist.pdbx_number_atoms_ligand         11 
_refine_hist.number_atoms_solvent             78 
_refine_hist.number_atoms_total               850 
_refine_hist.d_res_high                       1.5800 
_refine_hist.d_res_low                        46.2170 
# 
loop_
_refine_ls_restr.type 
_refine_ls_restr.number 
_refine_ls_restr.dev_ideal 
_refine_ls_restr.dev_ideal_target 
_refine_ls_restr.weight 
_refine_ls_restr.pdbx_restraint_function 
_refine_ls_restr.pdbx_refine_id 
r_bond_refined_d       787  0.015  0.020  ? ? 'X-RAY DIFFRACTION' 
r_bond_other_d         522  0.001  0.020  ? ? 'X-RAY DIFFRACTION' 
r_angle_refined_deg    1073 1.471  1.983  ? ? 'X-RAY DIFFRACTION' 
r_angle_other_deg      1300 0.944  3.000  ? ? 'X-RAY DIFFRACTION' 
r_dihedral_angle_1_deg 104  5.230  5.000  ? ? 'X-RAY DIFFRACTION' 
r_dihedral_angle_2_deg 27   34.581 25.556 ? ? 'X-RAY DIFFRACTION' 
r_dihedral_angle_3_deg 142  10.823 15.000 ? ? 'X-RAY DIFFRACTION' 
r_dihedral_angle_4_deg 3    1.631  15.000 ? ? 'X-RAY DIFFRACTION' 
r_chiral_restr         134  0.097  0.200  ? ? 'X-RAY DIFFRACTION' 
r_gen_planes_refined   849  0.008  0.021  ? ? 'X-RAY DIFFRACTION' 
r_gen_planes_other     130  0.001  0.020  ? ? 'X-RAY DIFFRACTION' 
# 
loop_
_refine_ls_shell.pdbx_total_number_of_bins_used 
_refine_ls_shell.d_res_low 
_refine_ls_shell.d_res_high 
_refine_ls_shell.number_reflns_all 
_refine_ls_shell.percent_reflns_obs 
_refine_ls_shell.number_reflns_R_work 
_refine_ls_shell.R_factor_R_work 
_refine_ls_shell.number_reflns_R_free 
_refine_ls_shell.R_factor_R_free 
_refine_ls_shell.number_reflns_obs 
_refine_ls_shell.R_factor_R_free_error 
_refine_ls_shell.percent_reflns_R_free 
_refine_ls_shell.redundancy_reflns_obs 
_refine_ls_shell.R_factor_all 
_refine_ls_shell.pdbx_refine_id 
20 1.621  1.580 1427 99.790  1359 0.299 65 0.330 . . . . . 'X-RAY DIFFRACTION' 
20 1.665  1.621 1388 99.856  1310 0.273 76 0.301 . . . . . 'X-RAY DIFFRACTION' 
20 1.714  1.665 1354 100.000 1281 0.247 73 0.258 . . . . . 'X-RAY DIFFRACTION' 
20 1.766  1.714 1285 100.000 1218 0.223 67 0.286 . . . . . 'X-RAY DIFFRACTION' 
20 1.824  1.766 1256 100.000 1179 0.203 77 0.222 . . . . . 'X-RAY DIFFRACTION' 
20 1.888  1.824 1203 100.000 1121 0.211 82 0.241 . . . . . 'X-RAY DIFFRACTION' 
20 1.959  1.888 1176 99.915  1111 0.201 64 0.240 . . . . . 'X-RAY DIFFRACTION' 
20 2.039  1.959 1119 100.000 1058 0.186 61 0.209 . . . . . 'X-RAY DIFFRACTION' 
20 2.129  2.039 1072 100.000 1030 0.190 42 0.194 . . . . . 'X-RAY DIFFRACTION' 
20 2.233  2.129 1015 100.000 971  0.186 44 0.204 . . . . . 'X-RAY DIFFRACTION' 
20 2.354  2.233 971  100.000 929  0.184 42 0.253 . . . . . 'X-RAY DIFFRACTION' 
20 2.496  2.354 911  100.000 867  0.190 44 0.222 . . . . . 'X-RAY DIFFRACTION' 
20 2.668  2.496 839  100.000 784  0.195 55 0.219 . . . . . 'X-RAY DIFFRACTION' 
20 2.881  2.668 783  100.000 751  0.210 32 0.257 . . . . . 'X-RAY DIFFRACTION' 
20 3.155  2.881 714  100.000 683  0.197 31 0.199 . . . . . 'X-RAY DIFFRACTION' 
20 3.525  3.155 647  100.000 606  0.198 41 0.223 . . . . . 'X-RAY DIFFRACTION' 
20 4.066  3.525 547  100.000 522  0.196 25 0.204 . . . . . 'X-RAY DIFFRACTION' 
20 4.970  4.066 454  100.000 426  0.160 28 0.162 . . . . . 'X-RAY DIFFRACTION' 
20 6.989  4.970 332  100.000 323  0.239 9  0.219 . . . . . 'X-RAY DIFFRACTION' 
20 46.217 6.989 149  100.000 147  0.266 2  0.176 . . . . . 'X-RAY DIFFRACTION' 
# 
_struct.entry_id                  4E74 
_struct.title                     'Crystal structure of the RHO GTPASE BINDING DOMAIN of Plexin A4A' 
_struct.pdbx_model_details        ? 
_struct.pdbx_CASP_flag            ? 
_struct.pdbx_model_type_details   ? 
# 
_struct_keywords.entry_id        4E74 
_struct_keywords.text            'plexin, rbd, Structural Genomics, Structural Genomics Consortium, SGC, SIGNALING PROTEIN' 
_struct_keywords.pdbx_keywords   'SIGNALING PROTEIN' 
# 
loop_
_struct_asym.id 
_struct_asym.pdbx_blank_PDB_chainid_flag 
_struct_asym.pdbx_modified 
_struct_asym.entity_id 
_struct_asym.details 
A N N 1 ? 
B N N 2 ? 
C N N 2 ? 
D N N 2 ? 
E N N 2 ? 
F N N 2 ? 
G N N 2 ? 
H N N 2 ? 
I N N 2 ? 
J N N 2 ? 
K N N 2 ? 
L N N 2 ? 
M N N 3 ? 
# 
_struct_ref.id                         1 
_struct_ref.db_name                    UNP 
_struct_ref.db_code                    PLXA4_HUMAN 
_struct_ref.pdbx_db_accession          Q9HCM2 
_struct_ref.entity_id                  1 
_struct_ref.pdbx_seq_one_letter_code   
;DKLIRQQIDYKTLVLSCVSPDNANSPEVPVKILNCDTITQVKEKILDAIFKNVPCSHRPKAADMDLEWRQGSGARMILQD
EDITTKIENDWKRLNTLAHYQVPDGSVVALVSKQVT
;
_struct_ref.pdbx_align_begin           1488 
_struct_ref.pdbx_db_isoform            ? 
# 
_struct_ref_seq.align_id                      1 
_struct_ref_seq.ref_id                        1 
_struct_ref_seq.pdbx_PDB_id_code              4E74 
_struct_ref_seq.pdbx_strand_id                A 
_struct_ref_seq.seq_align_beg                 2 
_struct_ref_seq.pdbx_seq_align_beg_ins_code   ? 
_struct_ref_seq.seq_align_end                 117 
_struct_ref_seq.pdbx_seq_align_end_ins_code   ? 
_struct_ref_seq.pdbx_db_accession             Q9HCM2 
_struct_ref_seq.db_align_beg                  1488 
_struct_ref_seq.pdbx_db_align_beg_ins_code    ? 
_struct_ref_seq.db_align_end                  1603 
_struct_ref_seq.pdbx_db_align_end_ins_code    ? 
_struct_ref_seq.pdbx_auth_seq_align_beg       1488 
_struct_ref_seq.pdbx_auth_seq_align_end       1603 
# 
_struct_ref_seq_dif.align_id                     1 
_struct_ref_seq_dif.pdbx_pdb_id_code             4E74 
_struct_ref_seq_dif.mon_id                       GLY 
_struct_ref_seq_dif.pdbx_pdb_strand_id           A 
_struct_ref_seq_dif.seq_num                      1 
_struct_ref_seq_dif.pdbx_pdb_ins_code            ? 
_struct_ref_seq_dif.pdbx_seq_db_name             UNP 
_struct_ref_seq_dif.pdbx_seq_db_accession_code   Q9HCM2 
_struct_ref_seq_dif.db_mon_id                    ? 
_struct_ref_seq_dif.pdbx_seq_db_seq_num          ? 
_struct_ref_seq_dif.details                      'expression tag' 
_struct_ref_seq_dif.pdbx_auth_seq_num            1487 
_struct_ref_seq_dif.pdbx_ordinal                 1 
# 
_pdbx_struct_assembly.id                   1 
_pdbx_struct_assembly.details              software_defined_assembly 
_pdbx_struct_assembly.method_details       PISA 
_pdbx_struct_assembly.oligomeric_details   dimeric 
_pdbx_struct_assembly.oligomeric_count     2 
# 
loop_
_pdbx_struct_assembly_prop.biol_id 
_pdbx_struct_assembly_prop.type 
_pdbx_struct_assembly_prop.value 
_pdbx_struct_assembly_prop.details 
1 'ABSA (A^2)' 690   ? 
1 MORE         -6    ? 
1 'SSA (A^2)'  12240 ? 
# 
_pdbx_struct_assembly_gen.assembly_id       1 
_pdbx_struct_assembly_gen.oper_expression   1,2 
_pdbx_struct_assembly_gen.asym_id_list      A,B,C,D,E,F,G,H,I,J,K,L,M 
# 
loop_
_pdbx_struct_oper_list.id 
_pdbx_struct_oper_list.type 
_pdbx_struct_oper_list.name 
_pdbx_struct_oper_list.symmetry_operation 
_pdbx_struct_oper_list.matrix[1][1] 
_pdbx_struct_oper_list.matrix[1][2] 
_pdbx_struct_oper_list.matrix[1][3] 
_pdbx_struct_oper_list.vector[1] 
_pdbx_struct_oper_list.matrix[2][1] 
_pdbx_struct_oper_list.matrix[2][2] 
_pdbx_struct_oper_list.matrix[2][3] 
_pdbx_struct_oper_list.vector[2] 
_pdbx_struct_oper_list.matrix[3][1] 
_pdbx_struct_oper_list.matrix[3][2] 
_pdbx_struct_oper_list.matrix[3][3] 
_pdbx_struct_oper_list.vector[3] 
1 'identity operation'         1_555 x,y,z            1.0000000000 0.0000000000  0.0000000000  0.0000000000  0.0000000000  1.0000000000  0.0000000000 0.0000000000   0.0000000000  0.0000000000 1.0000000000  0.0000000000  
2 'crystal symmetry operation' 8_665 -y+1,-x+1,-z+1/2 0.1479544261 -0.1929943307 -0.9699807607 19.2803846699 -0.1929943307 -0.9675537540 0.1630733620 -11.3579173862 -0.9699807607 0.1630733620 -0.1804006720 25.0778340841 
# 
_struct_biol.id        1 
_struct_biol.details   ? 
# 
loop_
_struct_conf.conf_type_id 
_struct_conf.id 
_struct_conf.pdbx_PDB_helix_id 
_struct_conf.beg_label_comp_id 
_struct_conf.beg_label_asym_id 
_struct_conf.beg_label_seq_id 
_struct_conf.pdbx_beg_PDB_ins_code 
_struct_conf.end_label_comp_id 
_struct_conf.end_label_asym_id 
_struct_conf.end_label_seq_id 
_struct_conf.pdbx_end_PDB_ins_code 
_struct_conf.beg_auth_comp_id 
_struct_conf.beg_auth_asym_id 
_struct_conf.beg_auth_seq_id 
_struct_conf.end_auth_comp_id 
_struct_conf.end_auth_asym_id 
_struct_conf.end_auth_seq_id 
_struct_conf.pdbx_PDB_helix_class 
_struct_conf.details 
_struct_conf.pdbx_PDB_helix_length 
HELX_P HELX_P1 1 THR A 38 ? PHE A 51  ? THR A 1524 PHE A 1537 1 ? 14 
HELX_P HELX_P2 2 PRO A 55 ? ARG A 59  ? PRO A 1541 ARG A 1545 5 ? 5  
HELX_P HELX_P3 3 LYS A 61 ? ALA A 63  ? LYS A 1547 ALA A 1549 5 ? 3  
HELX_P HELX_P4 4 THR A 97 ? GLN A 102 ? THR A 1583 GLN A 1588 1 ? 6  
# 
_struct_conf_type.id          HELX_P 
_struct_conf_type.criteria    ? 
_struct_conf_type.reference   ? 
# 
_struct_conn.id                            disulf1 
_struct_conn.conn_type_id                  disulf 
_struct_conn.pdbx_leaving_atom_flag        ? 
_struct_conn.pdbx_PDB_id                   ? 
_struct_conn.ptnr1_label_asym_id           A 
_struct_conn.ptnr1_label_comp_id           CYS 
_struct_conn.ptnr1_label_seq_id            56 
_struct_conn.ptnr1_label_atom_id           SG 
_struct_conn.pdbx_ptnr1_label_alt_id       ? 
_struct_conn.pdbx_ptnr1_PDB_ins_code       ? 
_struct_conn.pdbx_ptnr1_standard_comp_id   ? 
_struct_conn.ptnr1_symmetry                1_555 
_struct_conn.ptnr2_label_asym_id           A 
_struct_conn.ptnr2_label_comp_id           CYS 
_struct_conn.ptnr2_label_seq_id            56 
_struct_conn.ptnr2_label_atom_id           SG 
_struct_conn.pdbx_ptnr2_label_alt_id       ? 
_struct_conn.pdbx_ptnr2_PDB_ins_code       ? 
_struct_conn.ptnr1_auth_asym_id            A 
_struct_conn.ptnr1_auth_comp_id            CYS 
_struct_conn.ptnr1_auth_seq_id             1542 
_struct_conn.ptnr2_auth_asym_id            A 
_struct_conn.ptnr2_auth_comp_id            CYS 
_struct_conn.ptnr2_auth_seq_id             1542 
_struct_conn.ptnr2_symmetry                8_665 
_struct_conn.pdbx_ptnr3_label_atom_id      ? 
_struct_conn.pdbx_ptnr3_label_seq_id       ? 
_struct_conn.pdbx_ptnr3_label_comp_id      ? 
_struct_conn.pdbx_ptnr3_label_asym_id      ? 
_struct_conn.pdbx_ptnr3_label_alt_id       ? 
_struct_conn.pdbx_ptnr3_PDB_ins_code       ? 
_struct_conn.details                       ? 
_struct_conn.pdbx_dist_value               2.034 
_struct_conn.pdbx_value_order              ? 
_struct_conn.pdbx_role                     ? 
# 
_struct_conn_type.id          disulf 
_struct_conn_type.criteria    ? 
_struct_conn_type.reference   ? 
# 
_pdbx_modification_feature.ordinal                            1 
_pdbx_modification_feature.label_comp_id                      CYS 
_pdbx_modification_feature.label_asym_id                      A 
_pdbx_modification_feature.label_seq_id                       56 
_pdbx_modification_feature.label_alt_id                       ? 
_pdbx_modification_feature.modified_residue_label_comp_id     CYS 
_pdbx_modification_feature.modified_residue_label_asym_id     A 
_pdbx_modification_feature.modified_residue_label_seq_id      56 
_pdbx_modification_feature.modified_residue_label_alt_id      ? 
_pdbx_modification_feature.auth_comp_id                       CYS 
_pdbx_modification_feature.auth_asym_id                       A 
_pdbx_modification_feature.auth_seq_id                        1542 
_pdbx_modification_feature.PDB_ins_code                       ? 
_pdbx_modification_feature.symmetry                           1_555 
_pdbx_modification_feature.modified_residue_auth_comp_id      CYS 
_pdbx_modification_feature.modified_residue_auth_asym_id      A 
_pdbx_modification_feature.modified_residue_auth_seq_id       1542 
_pdbx_modification_feature.modified_residue_PDB_ins_code      ? 
_pdbx_modification_feature.modified_residue_symmetry          8_665 
_pdbx_modification_feature.comp_id_linking_atom               SG 
_pdbx_modification_feature.modified_residue_id_linking_atom   SG 
_pdbx_modification_feature.modified_residue_id                . 
_pdbx_modification_feature.ref_pcm_id                         . 
_pdbx_modification_feature.ref_comp_id                        . 
_pdbx_modification_feature.type                               None 
_pdbx_modification_feature.category                           'Disulfide bridge' 
# 
_struct_sheet.id               A 
_struct_sheet.type             ? 
_struct_sheet.number_strands   5 
_struct_sheet.details          ? 
# 
loop_
_struct_sheet_order.sheet_id 
_struct_sheet_order.range_id_1 
_struct_sheet_order.range_id_2 
_struct_sheet_order.offset 
_struct_sheet_order.sense 
A 1 2 ? anti-parallel 
A 2 3 ? parallel      
A 3 4 ? anti-parallel 
A 4 5 ? anti-parallel 
# 
loop_
_struct_sheet_range.sheet_id 
_struct_sheet_range.id 
_struct_sheet_range.beg_label_comp_id 
_struct_sheet_range.beg_label_asym_id 
_struct_sheet_range.beg_label_seq_id 
_struct_sheet_range.pdbx_beg_PDB_ins_code 
_struct_sheet_range.end_label_comp_id 
_struct_sheet_range.end_label_asym_id 
_struct_sheet_range.end_label_seq_id 
_struct_sheet_range.pdbx_end_PDB_ins_code 
_struct_sheet_range.beg_auth_comp_id 
_struct_sheet_range.beg_auth_asym_id 
_struct_sheet_range.beg_auth_seq_id 
_struct_sheet_range.end_auth_comp_id 
_struct_sheet_range.end_auth_asym_id 
_struct_sheet_range.end_auth_seq_id 
A 1 VAL A 29  ? LEU A 34  ? VAL A 1515 LEU A 1520 
A 2 THR A 13  ? CYS A 18  ? THR A 1499 CYS A 1504 
A 3 VAL A 108 ? SER A 113 ? VAL A 1594 SER A 1599 
A 4 MET A 65  ? ARG A 70  ? MET A 1551 ARG A 1556 
A 5 ARG A 76  ? LEU A 79  ? ARG A 1562 LEU A 1565 
# 
loop_
_pdbx_struct_sheet_hbond.sheet_id 
_pdbx_struct_sheet_hbond.range_id_1 
_pdbx_struct_sheet_hbond.range_id_2 
_pdbx_struct_sheet_hbond.range_1_label_atom_id 
_pdbx_struct_sheet_hbond.range_1_label_comp_id 
_pdbx_struct_sheet_hbond.range_1_label_asym_id 
_pdbx_struct_sheet_hbond.range_1_label_seq_id 
_pdbx_struct_sheet_hbond.range_1_PDB_ins_code 
_pdbx_struct_sheet_hbond.range_1_auth_atom_id 
_pdbx_struct_sheet_hbond.range_1_auth_comp_id 
_pdbx_struct_sheet_hbond.range_1_auth_asym_id 
_pdbx_struct_sheet_hbond.range_1_auth_seq_id 
_pdbx_struct_sheet_hbond.range_2_label_atom_id 
_pdbx_struct_sheet_hbond.range_2_label_comp_id 
_pdbx_struct_sheet_hbond.range_2_label_asym_id 
_pdbx_struct_sheet_hbond.range_2_label_seq_id 
_pdbx_struct_sheet_hbond.range_2_PDB_ins_code 
_pdbx_struct_sheet_hbond.range_2_auth_atom_id 
_pdbx_struct_sheet_hbond.range_2_auth_comp_id 
_pdbx_struct_sheet_hbond.range_2_auth_asym_id 
_pdbx_struct_sheet_hbond.range_2_auth_seq_id 
A 1 2 O VAL A 31  ? O VAL A 1517 N LEU A 16  ? N LEU A 1502 
A 2 3 N SER A 17  ? N SER A 1503 O VAL A 109 ? O VAL A 1595 
A 3 4 O ALA A 110 ? O ALA A 1596 N GLU A 68  ? N GLU A 1554 
A 4 5 N TRP A 69  ? N TRP A 1555 O MET A 77  ? O MET A 1563 
# 
_pdbx_entry_details.entry_id                   4E74 
_pdbx_entry_details.compound_details           ? 
_pdbx_entry_details.source_details             ? 
_pdbx_entry_details.nonpolymer_details         ? 
_pdbx_entry_details.sequence_details           ? 
_pdbx_entry_details.has_ligand_of_interest     ? 
_pdbx_entry_details.has_protein_modification   Y 
# 
_pdbx_validate_close_contact.id               1 
_pdbx_validate_close_contact.PDB_model_num    1 
_pdbx_validate_close_contact.auth_atom_id_1   CG 
_pdbx_validate_close_contact.auth_asym_id_1   A 
_pdbx_validate_close_contact.auth_comp_id_1   GLU 
_pdbx_validate_close_contact.auth_seq_id_1    1530 
_pdbx_validate_close_contact.PDB_ins_code_1   ? 
_pdbx_validate_close_contact.label_alt_id_1   ? 
_pdbx_validate_close_contact.auth_atom_id_2   UNK 
_pdbx_validate_close_contact.auth_asym_id_2   A 
_pdbx_validate_close_contact.auth_comp_id_2   UNX 
_pdbx_validate_close_contact.auth_seq_id_2    1701 
_pdbx_validate_close_contact.PDB_ins_code_2   ? 
_pdbx_validate_close_contact.label_alt_id_2   ? 
_pdbx_validate_close_contact.dist             2.15 
# 
_pdbx_SG_project.id                    1 
_pdbx_SG_project.project_name          ? 
_pdbx_SG_project.full_name_of_center   'Structural Genomics Consortium' 
_pdbx_SG_project.initial_of_center     SGC 
# 
_phasing.method   MR 
# 
loop_
_pdbx_unobs_or_zero_occ_residues.id 
_pdbx_unobs_or_zero_occ_residues.PDB_model_num 
_pdbx_unobs_or_zero_occ_residues.polymer_flag 
_pdbx_unobs_or_zero_occ_residues.occupancy_flag 
_pdbx_unobs_or_zero_occ_residues.auth_asym_id 
_pdbx_unobs_or_zero_occ_residues.auth_comp_id 
_pdbx_unobs_or_zero_occ_residues.auth_seq_id 
_pdbx_unobs_or_zero_occ_residues.PDB_ins_code 
_pdbx_unobs_or_zero_occ_residues.label_asym_id 
_pdbx_unobs_or_zero_occ_residues.label_comp_id 
_pdbx_unobs_or_zero_occ_residues.label_seq_id 
1  1 Y 1 A GLY 1487 ? A GLY 1  
2  1 Y 1 A ASP 1488 ? A ASP 2  
3  1 Y 1 A LYS 1489 ? A LYS 3  
4  1 Y 1 A LEU 1490 ? A LEU 4  
5  1 Y 1 A ILE 1491 ? A ILE 5  
6  1 Y 1 A ARG 1492 ? A ARG 6  
7  1 Y 1 A GLN 1493 ? A GLN 7  
8  1 Y 1 A GLN 1494 ? A GLN 8  
9  1 Y 1 A ILE 1495 ? A ILE 9  
10 1 Y 1 A ASP 1508 ? A ASP 22 
11 1 Y 1 A ASN 1509 ? A ASN 23 
12 1 Y 1 A ALA 1510 ? A ALA 24 
13 1 Y 1 A ASN 1511 ? A ASN 25 
14 1 Y 1 A GLU 1575 ? A GLU 89 
15 1 Y 1 A ASN 1576 ? A ASN 90 
16 1 Y 1 A ASP 1577 ? A ASP 91 
# 
loop_
_chem_comp_atom.comp_id 
_chem_comp_atom.atom_id 
_chem_comp_atom.type_symbol 
_chem_comp_atom.pdbx_aromatic_flag 
_chem_comp_atom.pdbx_stereo_config 
_chem_comp_atom.pdbx_ordinal 
ALA N    N N N 1   
ALA CA   C N S 2   
ALA C    C N N 3   
ALA O    O N N 4   
ALA CB   C N N 5   
ALA OXT  O N N 6   
ALA H    H N N 7   
ALA H2   H N N 8   
ALA HA   H N N 9   
ALA HB1  H N N 10  
ALA HB2  H N N 11  
ALA HB3  H N N 12  
ALA HXT  H N N 13  
ARG N    N N N 14  
ARG CA   C N S 15  
ARG C    C N N 16  
ARG O    O N N 17  
ARG CB   C N N 18  
ARG CG   C N N 19  
ARG CD   C N N 20  
ARG NE   N N N 21  
ARG CZ   C N N 22  
ARG NH1  N N N 23  
ARG NH2  N N N 24  
ARG OXT  O N N 25  
ARG H    H N N 26  
ARG H2   H N N 27  
ARG HA   H N N 28  
ARG HB2  H N N 29  
ARG HB3  H N N 30  
ARG HG2  H N N 31  
ARG HG3  H N N 32  
ARG HD2  H N N 33  
ARG HD3  H N N 34  
ARG HE   H N N 35  
ARG HH11 H N N 36  
ARG HH12 H N N 37  
ARG HH21 H N N 38  
ARG HH22 H N N 39  
ARG HXT  H N N 40  
ASN N    N N N 41  
ASN CA   C N S 42  
ASN C    C N N 43  
ASN O    O N N 44  
ASN CB   C N N 45  
ASN CG   C N N 46  
ASN OD1  O N N 47  
ASN ND2  N N N 48  
ASN OXT  O N N 49  
ASN H    H N N 50  
ASN H2   H N N 51  
ASN HA   H N N 52  
ASN HB2  H N N 53  
ASN HB3  H N N 54  
ASN HD21 H N N 55  
ASN HD22 H N N 56  
ASN HXT  H N N 57  
ASP N    N N N 58  
ASP CA   C N S 59  
ASP C    C N N 60  
ASP O    O N N 61  
ASP CB   C N N 62  
ASP CG   C N N 63  
ASP OD1  O N N 64  
ASP OD2  O N N 65  
ASP OXT  O N N 66  
ASP H    H N N 67  
ASP H2   H N N 68  
ASP HA   H N N 69  
ASP HB2  H N N 70  
ASP HB3  H N N 71  
ASP HD2  H N N 72  
ASP HXT  H N N 73  
CYS N    N N N 74  
CYS CA   C N R 75  
CYS C    C N N 76  
CYS O    O N N 77  
CYS CB   C N N 78  
CYS SG   S N N 79  
CYS OXT  O N N 80  
CYS H    H N N 81  
CYS H2   H N N 82  
CYS HA   H N N 83  
CYS HB2  H N N 84  
CYS HB3  H N N 85  
CYS HG   H N N 86  
CYS HXT  H N N 87  
GLN N    N N N 88  
GLN CA   C N S 89  
GLN C    C N N 90  
GLN O    O N N 91  
GLN CB   C N N 92  
GLN CG   C N N 93  
GLN CD   C N N 94  
GLN OE1  O N N 95  
GLN NE2  N N N 96  
GLN OXT  O N N 97  
GLN H    H N N 98  
GLN H2   H N N 99  
GLN HA   H N N 100 
GLN HB2  H N N 101 
GLN HB3  H N N 102 
GLN HG2  H N N 103 
GLN HG3  H N N 104 
GLN HE21 H N N 105 
GLN HE22 H N N 106 
GLN HXT  H N N 107 
GLU N    N N N 108 
GLU CA   C N S 109 
GLU C    C N N 110 
GLU O    O N N 111 
GLU CB   C N N 112 
GLU CG   C N N 113 
GLU CD   C N N 114 
GLU OE1  O N N 115 
GLU OE2  O N N 116 
GLU OXT  O N N 117 
GLU H    H N N 118 
GLU H2   H N N 119 
GLU HA   H N N 120 
GLU HB2  H N N 121 
GLU HB3  H N N 122 
GLU HG2  H N N 123 
GLU HG3  H N N 124 
GLU HE2  H N N 125 
GLU HXT  H N N 126 
GLY N    N N N 127 
GLY CA   C N N 128 
GLY C    C N N 129 
GLY O    O N N 130 
GLY OXT  O N N 131 
GLY H    H N N 132 
GLY H2   H N N 133 
GLY HA2  H N N 134 
GLY HA3  H N N 135 
GLY HXT  H N N 136 
HIS N    N N N 137 
HIS CA   C N S 138 
HIS C    C N N 139 
HIS O    O N N 140 
HIS CB   C N N 141 
HIS CG   C Y N 142 
HIS ND1  N Y N 143 
HIS CD2  C Y N 144 
HIS CE1  C Y N 145 
HIS NE2  N Y N 146 
HIS OXT  O N N 147 
HIS H    H N N 148 
HIS H2   H N N 149 
HIS HA   H N N 150 
HIS HB2  H N N 151 
HIS HB3  H N N 152 
HIS HD1  H N N 153 
HIS HD2  H N N 154 
HIS HE1  H N N 155 
HIS HE2  H N N 156 
HIS HXT  H N N 157 
HOH O    O N N 158 
HOH H1   H N N 159 
HOH H2   H N N 160 
ILE N    N N N 161 
ILE CA   C N S 162 
ILE C    C N N 163 
ILE O    O N N 164 
ILE CB   C N S 165 
ILE CG1  C N N 166 
ILE CG2  C N N 167 
ILE CD1  C N N 168 
ILE OXT  O N N 169 
ILE H    H N N 170 
ILE H2   H N N 171 
ILE HA   H N N 172 
ILE HB   H N N 173 
ILE HG12 H N N 174 
ILE HG13 H N N 175 
ILE HG21 H N N 176 
ILE HG22 H N N 177 
ILE HG23 H N N 178 
ILE HD11 H N N 179 
ILE HD12 H N N 180 
ILE HD13 H N N 181 
ILE HXT  H N N 182 
LEU N    N N N 183 
LEU CA   C N S 184 
LEU C    C N N 185 
LEU O    O N N 186 
LEU CB   C N N 187 
LEU CG   C N N 188 
LEU CD1  C N N 189 
LEU CD2  C N N 190 
LEU OXT  O N N 191 
LEU H    H N N 192 
LEU H2   H N N 193 
LEU HA   H N N 194 
LEU HB2  H N N 195 
LEU HB3  H N N 196 
LEU HG   H N N 197 
LEU HD11 H N N 198 
LEU HD12 H N N 199 
LEU HD13 H N N 200 
LEU HD21 H N N 201 
LEU HD22 H N N 202 
LEU HD23 H N N 203 
LEU HXT  H N N 204 
LYS N    N N N 205 
LYS CA   C N S 206 
LYS C    C N N 207 
LYS O    O N N 208 
LYS CB   C N N 209 
LYS CG   C N N 210 
LYS CD   C N N 211 
LYS CE   C N N 212 
LYS NZ   N N N 213 
LYS OXT  O N N 214 
LYS H    H N N 215 
LYS H2   H N N 216 
LYS HA   H N N 217 
LYS HB2  H N N 218 
LYS HB3  H N N 219 
LYS HG2  H N N 220 
LYS HG3  H N N 221 
LYS HD2  H N N 222 
LYS HD3  H N N 223 
LYS HE2  H N N 224 
LYS HE3  H N N 225 
LYS HZ1  H N N 226 
LYS HZ2  H N N 227 
LYS HZ3  H N N 228 
LYS HXT  H N N 229 
MET N    N N N 230 
MET CA   C N S 231 
MET C    C N N 232 
MET O    O N N 233 
MET CB   C N N 234 
MET CG   C N N 235 
MET SD   S N N 236 
MET CE   C N N 237 
MET OXT  O N N 238 
MET H    H N N 239 
MET H2   H N N 240 
MET HA   H N N 241 
MET HB2  H N N 242 
MET HB3  H N N 243 
MET HG2  H N N 244 
MET HG3  H N N 245 
MET HE1  H N N 246 
MET HE2  H N N 247 
MET HE3  H N N 248 
MET HXT  H N N 249 
PHE N    N N N 250 
PHE CA   C N S 251 
PHE C    C N N 252 
PHE O    O N N 253 
PHE CB   C N N 254 
PHE CG   C Y N 255 
PHE CD1  C Y N 256 
PHE CD2  C Y N 257 
PHE CE1  C Y N 258 
PHE CE2  C Y N 259 
PHE CZ   C Y N 260 
PHE OXT  O N N 261 
PHE H    H N N 262 
PHE H2   H N N 263 
PHE HA   H N N 264 
PHE HB2  H N N 265 
PHE HB3  H N N 266 
PHE HD1  H N N 267 
PHE HD2  H N N 268 
PHE HE1  H N N 269 
PHE HE2  H N N 270 
PHE HZ   H N N 271 
PHE HXT  H N N 272 
PRO N    N N N 273 
PRO CA   C N S 274 
PRO C    C N N 275 
PRO O    O N N 276 
PRO CB   C N N 277 
PRO CG   C N N 278 
PRO CD   C N N 279 
PRO OXT  O N N 280 
PRO H    H N N 281 
PRO HA   H N N 282 
PRO HB2  H N N 283 
PRO HB3  H N N 284 
PRO HG2  H N N 285 
PRO HG3  H N N 286 
PRO HD2  H N N 287 
PRO HD3  H N N 288 
PRO HXT  H N N 289 
SER N    N N N 290 
SER CA   C N S 291 
SER C    C N N 292 
SER O    O N N 293 
SER CB   C N N 294 
SER OG   O N N 295 
SER OXT  O N N 296 
SER H    H N N 297 
SER H2   H N N 298 
SER HA   H N N 299 
SER HB2  H N N 300 
SER HB3  H N N 301 
SER HG   H N N 302 
SER HXT  H N N 303 
THR N    N N N 304 
THR CA   C N S 305 
THR C    C N N 306 
THR O    O N N 307 
THR CB   C N R 308 
THR OG1  O N N 309 
THR CG2  C N N 310 
THR OXT  O N N 311 
THR H    H N N 312 
THR H2   H N N 313 
THR HA   H N N 314 
THR HB   H N N 315 
THR HG1  H N N 316 
THR HG21 H N N 317 
THR HG22 H N N 318 
THR HG23 H N N 319 
THR HXT  H N N 320 
TRP N    N N N 321 
TRP CA   C N S 322 
TRP C    C N N 323 
TRP O    O N N 324 
TRP CB   C N N 325 
TRP CG   C Y N 326 
TRP CD1  C Y N 327 
TRP CD2  C Y N 328 
TRP NE1  N Y N 329 
TRP CE2  C Y N 330 
TRP CE3  C Y N 331 
TRP CZ2  C Y N 332 
TRP CZ3  C Y N 333 
TRP CH2  C Y N 334 
TRP OXT  O N N 335 
TRP H    H N N 336 
TRP H2   H N N 337 
TRP HA   H N N 338 
TRP HB2  H N N 339 
TRP HB3  H N N 340 
TRP HD1  H N N 341 
TRP HE1  H N N 342 
TRP HE3  H N N 343 
TRP HZ2  H N N 344 
TRP HZ3  H N N 345 
TRP HH2  H N N 346 
TRP HXT  H N N 347 
TYR N    N N N 348 
TYR CA   C N S 349 
TYR C    C N N 350 
TYR O    O N N 351 
TYR CB   C N N 352 
TYR CG   C Y N 353 
TYR CD1  C Y N 354 
TYR CD2  C Y N 355 
TYR CE1  C Y N 356 
TYR CE2  C Y N 357 
TYR CZ   C Y N 358 
TYR OH   O N N 359 
TYR OXT  O N N 360 
TYR H    H N N 361 
TYR H2   H N N 362 
TYR HA   H N N 363 
TYR HB2  H N N 364 
TYR HB3  H N N 365 
TYR HD1  H N N 366 
TYR HD2  H N N 367 
TYR HE1  H N N 368 
TYR HE2  H N N 369 
TYR HH   H N N 370 
TYR HXT  H N N 371 
VAL N    N N N 372 
VAL CA   C N S 373 
VAL C    C N N 374 
VAL O    O N N 375 
VAL CB   C N N 376 
VAL CG1  C N N 377 
VAL CG2  C N N 378 
VAL OXT  O N N 379 
VAL H    H N N 380 
VAL H2   H N N 381 
VAL HA   H N N 382 
VAL HB   H N N 383 
VAL HG11 H N N 384 
VAL HG12 H N N 385 
VAL HG13 H N N 386 
VAL HG21 H N N 387 
VAL HG22 H N N 388 
VAL HG23 H N N 389 
VAL HXT  H N N 390 
# 
loop_
_chem_comp_bond.comp_id 
_chem_comp_bond.atom_id_1 
_chem_comp_bond.atom_id_2 
_chem_comp_bond.value_order 
_chem_comp_bond.pdbx_aromatic_flag 
_chem_comp_bond.pdbx_stereo_config 
_chem_comp_bond.pdbx_ordinal 
ALA N   CA   sing N N 1   
ALA N   H    sing N N 2   
ALA N   H2   sing N N 3   
ALA CA  C    sing N N 4   
ALA CA  CB   sing N N 5   
ALA CA  HA   sing N N 6   
ALA C   O    doub N N 7   
ALA C   OXT  sing N N 8   
ALA CB  HB1  sing N N 9   
ALA CB  HB2  sing N N 10  
ALA CB  HB3  sing N N 11  
ALA OXT HXT  sing N N 12  
ARG N   CA   sing N N 13  
ARG N   H    sing N N 14  
ARG N   H2   sing N N 15  
ARG CA  C    sing N N 16  
ARG CA  CB   sing N N 17  
ARG CA  HA   sing N N 18  
ARG C   O    doub N N 19  
ARG C   OXT  sing N N 20  
ARG CB  CG   sing N N 21  
ARG CB  HB2  sing N N 22  
ARG CB  HB3  sing N N 23  
ARG CG  CD   sing N N 24  
ARG CG  HG2  sing N N 25  
ARG CG  HG3  sing N N 26  
ARG CD  NE   sing N N 27  
ARG CD  HD2  sing N N 28  
ARG CD  HD3  sing N N 29  
ARG NE  CZ   sing N N 30  
ARG NE  HE   sing N N 31  
ARG CZ  NH1  sing N N 32  
ARG CZ  NH2  doub N N 33  
ARG NH1 HH11 sing N N 34  
ARG NH1 HH12 sing N N 35  
ARG NH2 HH21 sing N N 36  
ARG NH2 HH22 sing N N 37  
ARG OXT HXT  sing N N 38  
ASN N   CA   sing N N 39  
ASN N   H    sing N N 40  
ASN N   H2   sing N N 41  
ASN CA  C    sing N N 42  
ASN CA  CB   sing N N 43  
ASN CA  HA   sing N N 44  
ASN C   O    doub N N 45  
ASN C   OXT  sing N N 46  
ASN CB  CG   sing N N 47  
ASN CB  HB2  sing N N 48  
ASN CB  HB3  sing N N 49  
ASN CG  OD1  doub N N 50  
ASN CG  ND2  sing N N 51  
ASN ND2 HD21 sing N N 52  
ASN ND2 HD22 sing N N 53  
ASN OXT HXT  sing N N 54  
ASP N   CA   sing N N 55  
ASP N   H    sing N N 56  
ASP N   H2   sing N N 57  
ASP CA  C    sing N N 58  
ASP CA  CB   sing N N 59  
ASP CA  HA   sing N N 60  
ASP C   O    doub N N 61  
ASP C   OXT  sing N N 62  
ASP CB  CG   sing N N 63  
ASP CB  HB2  sing N N 64  
ASP CB  HB3  sing N N 65  
ASP CG  OD1  doub N N 66  
ASP CG  OD2  sing N N 67  
ASP OD2 HD2  sing N N 68  
ASP OXT HXT  sing N N 69  
CYS N   CA   sing N N 70  
CYS N   H    sing N N 71  
CYS N   H2   sing N N 72  
CYS CA  C    sing N N 73  
CYS CA  CB   sing N N 74  
CYS CA  HA   sing N N 75  
CYS C   O    doub N N 76  
CYS C   OXT  sing N N 77  
CYS CB  SG   sing N N 78  
CYS CB  HB2  sing N N 79  
CYS CB  HB3  sing N N 80  
CYS SG  HG   sing N N 81  
CYS OXT HXT  sing N N 82  
GLN N   CA   sing N N 83  
GLN N   H    sing N N 84  
GLN N   H2   sing N N 85  
GLN CA  C    sing N N 86  
GLN CA  CB   sing N N 87  
GLN CA  HA   sing N N 88  
GLN C   O    doub N N 89  
GLN C   OXT  sing N N 90  
GLN CB  CG   sing N N 91  
GLN CB  HB2  sing N N 92  
GLN CB  HB3  sing N N 93  
GLN CG  CD   sing N N 94  
GLN CG  HG2  sing N N 95  
GLN CG  HG3  sing N N 96  
GLN CD  OE1  doub N N 97  
GLN CD  NE2  sing N N 98  
GLN NE2 HE21 sing N N 99  
GLN NE2 HE22 sing N N 100 
GLN OXT HXT  sing N N 101 
GLU N   CA   sing N N 102 
GLU N   H    sing N N 103 
GLU N   H2   sing N N 104 
GLU CA  C    sing N N 105 
GLU CA  CB   sing N N 106 
GLU CA  HA   sing N N 107 
GLU C   O    doub N N 108 
GLU C   OXT  sing N N 109 
GLU CB  CG   sing N N 110 
GLU CB  HB2  sing N N 111 
GLU CB  HB3  sing N N 112 
GLU CG  CD   sing N N 113 
GLU CG  HG2  sing N N 114 
GLU CG  HG3  sing N N 115 
GLU CD  OE1  doub N N 116 
GLU CD  OE2  sing N N 117 
GLU OE2 HE2  sing N N 118 
GLU OXT HXT  sing N N 119 
GLY N   CA   sing N N 120 
GLY N   H    sing N N 121 
GLY N   H2   sing N N 122 
GLY CA  C    sing N N 123 
GLY CA  HA2  sing N N 124 
GLY CA  HA3  sing N N 125 
GLY C   O    doub N N 126 
GLY C   OXT  sing N N 127 
GLY OXT HXT  sing N N 128 
HIS N   CA   sing N N 129 
HIS N   H    sing N N 130 
HIS N   H2   sing N N 131 
HIS CA  C    sing N N 132 
HIS CA  CB   sing N N 133 
HIS CA  HA   sing N N 134 
HIS C   O    doub N N 135 
HIS C   OXT  sing N N 136 
HIS CB  CG   sing N N 137 
HIS CB  HB2  sing N N 138 
HIS CB  HB3  sing N N 139 
HIS CG  ND1  sing Y N 140 
HIS CG  CD2  doub Y N 141 
HIS ND1 CE1  doub Y N 142 
HIS ND1 HD1  sing N N 143 
HIS CD2 NE2  sing Y N 144 
HIS CD2 HD2  sing N N 145 
HIS CE1 NE2  sing Y N 146 
HIS CE1 HE1  sing N N 147 
HIS NE2 HE2  sing N N 148 
HIS OXT HXT  sing N N 149 
HOH O   H1   sing N N 150 
HOH O   H2   sing N N 151 
ILE N   CA   sing N N 152 
ILE N   H    sing N N 153 
ILE N   H2   sing N N 154 
ILE CA  C    sing N N 155 
ILE CA  CB   sing N N 156 
ILE CA  HA   sing N N 157 
ILE C   O    doub N N 158 
ILE C   OXT  sing N N 159 
ILE CB  CG1  sing N N 160 
ILE CB  CG2  sing N N 161 
ILE CB  HB   sing N N 162 
ILE CG1 CD1  sing N N 163 
ILE CG1 HG12 sing N N 164 
ILE CG1 HG13 sing N N 165 
ILE CG2 HG21 sing N N 166 
ILE CG2 HG22 sing N N 167 
ILE CG2 HG23 sing N N 168 
ILE CD1 HD11 sing N N 169 
ILE CD1 HD12 sing N N 170 
ILE CD1 HD13 sing N N 171 
ILE OXT HXT  sing N N 172 
LEU N   CA   sing N N 173 
LEU N   H    sing N N 174 
LEU N   H2   sing N N 175 
LEU CA  C    sing N N 176 
LEU CA  CB   sing N N 177 
LEU CA  HA   sing N N 178 
LEU C   O    doub N N 179 
LEU C   OXT  sing N N 180 
LEU CB  CG   sing N N 181 
LEU CB  HB2  sing N N 182 
LEU CB  HB3  sing N N 183 
LEU CG  CD1  sing N N 184 
LEU CG  CD2  sing N N 185 
LEU CG  HG   sing N N 186 
LEU CD1 HD11 sing N N 187 
LEU CD1 HD12 sing N N 188 
LEU CD1 HD13 sing N N 189 
LEU CD2 HD21 sing N N 190 
LEU CD2 HD22 sing N N 191 
LEU CD2 HD23 sing N N 192 
LEU OXT HXT  sing N N 193 
LYS N   CA   sing N N 194 
LYS N   H    sing N N 195 
LYS N   H2   sing N N 196 
LYS CA  C    sing N N 197 
LYS CA  CB   sing N N 198 
LYS CA  HA   sing N N 199 
LYS C   O    doub N N 200 
LYS C   OXT  sing N N 201 
LYS CB  CG   sing N N 202 
LYS CB  HB2  sing N N 203 
LYS CB  HB3  sing N N 204 
LYS CG  CD   sing N N 205 
LYS CG  HG2  sing N N 206 
LYS CG  HG3  sing N N 207 
LYS CD  CE   sing N N 208 
LYS CD  HD2  sing N N 209 
LYS CD  HD3  sing N N 210 
LYS CE  NZ   sing N N 211 
LYS CE  HE2  sing N N 212 
LYS CE  HE3  sing N N 213 
LYS NZ  HZ1  sing N N 214 
LYS NZ  HZ2  sing N N 215 
LYS NZ  HZ3  sing N N 216 
LYS OXT HXT  sing N N 217 
MET N   CA   sing N N 218 
MET N   H    sing N N 219 
MET N   H2   sing N N 220 
MET CA  C    sing N N 221 
MET CA  CB   sing N N 222 
MET CA  HA   sing N N 223 
MET C   O    doub N N 224 
MET C   OXT  sing N N 225 
MET CB  CG   sing N N 226 
MET CB  HB2  sing N N 227 
MET CB  HB3  sing N N 228 
MET CG  SD   sing N N 229 
MET CG  HG2  sing N N 230 
MET CG  HG3  sing N N 231 
MET SD  CE   sing N N 232 
MET CE  HE1  sing N N 233 
MET CE  HE2  sing N N 234 
MET CE  HE3  sing N N 235 
MET OXT HXT  sing N N 236 
PHE N   CA   sing N N 237 
PHE N   H    sing N N 238 
PHE N   H2   sing N N 239 
PHE CA  C    sing N N 240 
PHE CA  CB   sing N N 241 
PHE CA  HA   sing N N 242 
PHE C   O    doub N N 243 
PHE C   OXT  sing N N 244 
PHE CB  CG   sing N N 245 
PHE CB  HB2  sing N N 246 
PHE CB  HB3  sing N N 247 
PHE CG  CD1  doub Y N 248 
PHE CG  CD2  sing Y N 249 
PHE CD1 CE1  sing Y N 250 
PHE CD1 HD1  sing N N 251 
PHE CD2 CE2  doub Y N 252 
PHE CD2 HD2  sing N N 253 
PHE CE1 CZ   doub Y N 254 
PHE CE1 HE1  sing N N 255 
PHE CE2 CZ   sing Y N 256 
PHE CE2 HE2  sing N N 257 
PHE CZ  HZ   sing N N 258 
PHE OXT HXT  sing N N 259 
PRO N   CA   sing N N 260 
PRO N   CD   sing N N 261 
PRO N   H    sing N N 262 
PRO CA  C    sing N N 263 
PRO CA  CB   sing N N 264 
PRO CA  HA   sing N N 265 
PRO C   O    doub N N 266 
PRO C   OXT  sing N N 267 
PRO CB  CG   sing N N 268 
PRO CB  HB2  sing N N 269 
PRO CB  HB3  sing N N 270 
PRO CG  CD   sing N N 271 
PRO CG  HG2  sing N N 272 
PRO CG  HG3  sing N N 273 
PRO CD  HD2  sing N N 274 
PRO CD  HD3  sing N N 275 
PRO OXT HXT  sing N N 276 
SER N   CA   sing N N 277 
SER N   H    sing N N 278 
SER N   H2   sing N N 279 
SER CA  C    sing N N 280 
SER CA  CB   sing N N 281 
SER CA  HA   sing N N 282 
SER C   O    doub N N 283 
SER C   OXT  sing N N 284 
SER CB  OG   sing N N 285 
SER CB  HB2  sing N N 286 
SER CB  HB3  sing N N 287 
SER OG  HG   sing N N 288 
SER OXT HXT  sing N N 289 
THR N   CA   sing N N 290 
THR N   H    sing N N 291 
THR N   H2   sing N N 292 
THR CA  C    sing N N 293 
THR CA  CB   sing N N 294 
THR CA  HA   sing N N 295 
THR C   O    doub N N 296 
THR C   OXT  sing N N 297 
THR CB  OG1  sing N N 298 
THR CB  CG2  sing N N 299 
THR CB  HB   sing N N 300 
THR OG1 HG1  sing N N 301 
THR CG2 HG21 sing N N 302 
THR CG2 HG22 sing N N 303 
THR CG2 HG23 sing N N 304 
THR OXT HXT  sing N N 305 
TRP N   CA   sing N N 306 
TRP N   H    sing N N 307 
TRP N   H2   sing N N 308 
TRP CA  C    sing N N 309 
TRP CA  CB   sing N N 310 
TRP CA  HA   sing N N 311 
TRP C   O    doub N N 312 
TRP C   OXT  sing N N 313 
TRP CB  CG   sing N N 314 
TRP CB  HB2  sing N N 315 
TRP CB  HB3  sing N N 316 
TRP CG  CD1  doub Y N 317 
TRP CG  CD2  sing Y N 318 
TRP CD1 NE1  sing Y N 319 
TRP CD1 HD1  sing N N 320 
TRP CD2 CE2  doub Y N 321 
TRP CD2 CE3  sing Y N 322 
TRP NE1 CE2  sing Y N 323 
TRP NE1 HE1  sing N N 324 
TRP CE2 CZ2  sing Y N 325 
TRP CE3 CZ3  doub Y N 326 
TRP CE3 HE3  sing N N 327 
TRP CZ2 CH2  doub Y N 328 
TRP CZ2 HZ2  sing N N 329 
TRP CZ3 CH2  sing Y N 330 
TRP CZ3 HZ3  sing N N 331 
TRP CH2 HH2  sing N N 332 
TRP OXT HXT  sing N N 333 
TYR N   CA   sing N N 334 
TYR N   H    sing N N 335 
TYR N   H2   sing N N 336 
TYR CA  C    sing N N 337 
TYR CA  CB   sing N N 338 
TYR CA  HA   sing N N 339 
TYR C   O    doub N N 340 
TYR C   OXT  sing N N 341 
TYR CB  CG   sing N N 342 
TYR CB  HB2  sing N N 343 
TYR CB  HB3  sing N N 344 
TYR CG  CD1  doub Y N 345 
TYR CG  CD2  sing Y N 346 
TYR CD1 CE1  sing Y N 347 
TYR CD1 HD1  sing N N 348 
TYR CD2 CE2  doub Y N 349 
TYR CD2 HD2  sing N N 350 
TYR CE1 CZ   doub Y N 351 
TYR CE1 HE1  sing N N 352 
TYR CE2 CZ   sing Y N 353 
TYR CE2 HE2  sing N N 354 
TYR CZ  OH   sing N N 355 
TYR OH  HH   sing N N 356 
TYR OXT HXT  sing N N 357 
VAL N   CA   sing N N 358 
VAL N   H    sing N N 359 
VAL N   H2   sing N N 360 
VAL CA  C    sing N N 361 
VAL CA  CB   sing N N 362 
VAL CA  HA   sing N N 363 
VAL C   O    doub N N 364 
VAL C   OXT  sing N N 365 
VAL CB  CG1  sing N N 366 
VAL CB  CG2  sing N N 367 
VAL CB  HB   sing N N 368 
VAL CG1 HG11 sing N N 369 
VAL CG1 HG12 sing N N 370 
VAL CG1 HG13 sing N N 371 
VAL CG2 HG21 sing N N 372 
VAL CG2 HG22 sing N N 373 
VAL CG2 HG23 sing N N 374 
VAL OXT HXT  sing N N 375 
# 
_pdbx_initial_refinement_model.id               1 
_pdbx_initial_refinement_model.entity_id_list   ? 
_pdbx_initial_refinement_model.type             'experimental model' 
_pdbx_initial_refinement_model.source_name      PDB 
_pdbx_initial_refinement_model.accession_code   2R2O 
_pdbx_initial_refinement_model.details          'PDB entry 2r2o' 
# 
_atom_sites.entry_id                    4E74 
_atom_sites.fract_transf_matrix[1][1]   0.01144146 
_atom_sites.fract_transf_matrix[1][2]   -0.01554506 
_atom_sites.fract_transf_matrix[1][3]   -0.00555077 
_atom_sites.fract_transf_matrix[2][1]   -0.01007707 
_atom_sites.fract_transf_matrix[2][2]   -0.01192736 
_atom_sites.fract_transf_matrix[2][3]   0.01263162 
_atom_sites.fract_transf_matrix[3][1]   -0.00523872 
_atom_sites.fract_transf_matrix[3][2]   -0.00176752 
_atom_sites.fract_transf_matrix[3][3]   -0.00584825 
_atom_sites.fract_transf_vector[1]      0.491878 
_atom_sites.fract_transf_vector[2]      0.250151 
_atom_sites.fract_transf_vector[3]      0.363786 
# 
loop_
_atom_type.symbol 
C 
N 
O 
S 
X 
# 
loop_
_atom_site.group_PDB 
_atom_site.id 
_atom_site.type_symbol 
_atom_site.label_atom_id 
_atom_site.label_alt_id 
_atom_site.label_comp_id 
_atom_site.label_asym_id 
_atom_site.label_entity_id 
_atom_site.label_seq_id 
_atom_site.pdbx_PDB_ins_code 
_atom_site.Cartn_x 
_atom_site.Cartn_y 
_atom_site.Cartn_z 
_atom_site.occupancy 
_atom_site.B_iso_or_equiv 
_atom_site.pdbx_formal_charge 
_atom_site.auth_seq_id 
_atom_site.auth_comp_id 
_atom_site.auth_asym_id 
_atom_site.auth_atom_id 
_atom_site.pdbx_PDB_model_num 
ATOM   1   N N   . ASP A 1 10  ? -8.101  -15.261 -7.072  1.00 41.68 ? 1496 ASP A N   1 
ATOM   2   C CA  . ASP A 1 10  ? -6.891  -15.029 -7.914  1.00 37.73 ? 1496 ASP A CA  1 
ATOM   3   C C   . ASP A 1 10  ? -5.637  -14.887 -7.021  1.00 35.81 ? 1496 ASP A C   1 
ATOM   4   O O   . ASP A 1 10  ? -5.724  -14.418 -5.882  1.00 38.46 ? 1496 ASP A O   1 
ATOM   5   C CB  . ASP A 1 10  ? -7.085  -13.779 -8.775  1.00 40.47 ? 1496 ASP A CB  1 
ATOM   6   C CG  . ASP A 1 10  ? -6.046  -13.656 -9.884  1.00 41.48 ? 1496 ASP A CG  1 
ATOM   7   N N   . TYR A 1 11  ? -4.488  -15.305 -7.547  1.00 29.26 ? 1497 TYR A N   1 
ATOM   8   C CA  . TYR A 1 11  ? -3.222  -15.258 -6.816  1.00 23.34 ? 1497 TYR A CA  1 
ATOM   9   C C   . TYR A 1 11  ? -2.179  -14.952 -7.861  1.00 21.09 ? 1497 TYR A C   1 
ATOM   10  O O   . TYR A 1 11  ? -1.625  -15.863 -8.512  1.00 22.45 ? 1497 TYR A O   1 
ATOM   11  C CB  . TYR A 1 11  ? -2.953  -16.597 -6.130  1.00 22.96 ? 1497 TYR A CB  1 
ATOM   12  C CG  . TYR A 1 11  ? -1.848  -16.616 -5.088  1.00 21.31 ? 1497 TYR A CG  1 
ATOM   13  C CD1 . TYR A 1 11  ? -2.147  -16.657 -3.749  1.00 20.87 ? 1497 TYR A CD1 1 
ATOM   14  C CD2 . TYR A 1 11  ? -0.501  -16.692 -5.458  1.00 22.69 ? 1497 TYR A CD2 1 
ATOM   15  C CE1 . TYR A 1 11  ? -1.153  -16.689 -2.773  1.00 21.54 ? 1497 TYR A CE1 1 
ATOM   16  C CE2 . TYR A 1 11  ? 0.513   -16.730 -4.500  1.00 20.66 ? 1497 TYR A CE2 1 
ATOM   17  C CZ  . TYR A 1 11  ? 0.192   -16.744 -3.154  1.00 20.37 ? 1497 TYR A CZ  1 
ATOM   18  O OH  . TYR A 1 11  ? 1.189   -16.767 -2.149  1.00 19.84 ? 1497 TYR A OH  1 
ATOM   19  N N   . LYS A 1 12  ? -1.971  -13.671 -8.093  1.00 19.14 ? 1498 LYS A N   1 
ATOM   20  C CA  . LYS A 1 12  ? -1.053  -13.168 -9.077  1.00 18.16 ? 1498 LYS A CA  1 
ATOM   21  C C   . LYS A 1 12  ? -0.196  -12.035 -8.519  1.00 18.01 ? 1498 LYS A C   1 
ATOM   22  O O   . LYS A 1 12  ? -0.649  -11.281 -7.646  1.00 18.07 ? 1498 LYS A O   1 
ATOM   23  C CB  . LYS A 1 12  ? -1.787  -12.627 -10.304 1.00 21.66 ? 1498 LYS A CB  1 
ATOM   24  C CG  . LYS A 1 12  ? -2.690  -13.641 -10.998 1.00 24.13 ? 1498 LYS A CG  1 
ATOM   25  C CD  . LYS A 1 12  ? -3.091  -13.097 -12.365 1.00 28.65 ? 1498 LYS A CD  1 
ATOM   26  C CE  . LYS A 1 12  ? -4.087  -14.000 -13.076 1.00 31.68 ? 1498 LYS A CE  1 
ATOM   27  N NZ  . LYS A 1 12  ? -3.491  -15.312 -13.413 1.00 35.15 ? 1498 LYS A NZ  1 
ATOM   28  N N   . THR A 1 13  ? 1.010   -11.848 -9.065  1.00 16.18 ? 1499 THR A N   1 
ATOM   29  C CA  . THR A 1 13  ? 1.873   -10.740 -8.662  1.00 15.84 ? 1499 THR A CA  1 
ATOM   30  C C   . THR A 1 13  ? 1.583   -9.490  -9.477  1.00 15.87 ? 1499 THR A C   1 
ATOM   31  O O   . THR A 1 13  ? 1.178   -9.530  -10.637 1.00 15.56 ? 1499 THR A O   1 
ATOM   32  C CB  . THR A 1 13  ? 3.394   -11.046 -8.805  1.00 16.65 ? 1499 THR A CB  1 
ATOM   33  O OG1 . THR A 1 13  ? 3.730   -11.308 -10.174 1.00 15.25 ? 1499 THR A OG1 1 
ATOM   34  C CG2 . THR A 1 13  ? 3.751   -12.198 -7.937  1.00 16.32 ? 1499 THR A CG2 1 
ATOM   35  N N   . LEU A 1 14  ? 1.813   -8.325  -8.855  1.00 16.05 ? 1500 LEU A N   1 
ATOM   36  C CA  . LEU A 1 14  ? 1.913   -7.074  -9.583  1.00 15.40 ? 1500 LEU A CA  1 
ATOM   37  C C   . LEU A 1 14  ? 3.000   -6.188  -8.945  1.00 14.51 ? 1500 LEU A C   1 
ATOM   38  O O   . LEU A 1 14  ? 3.479   -6.486  -7.837  1.00 15.23 ? 1500 LEU A O   1 
ATOM   39  C CB  . LEU A 1 14  ? 0.552   -6.293  -9.670  1.00 15.89 ? 1500 LEU A CB  1 
ATOM   40  C CG  . LEU A 1 14  ? 0.029   -5.690  -8.376  1.00 16.52 ? 1500 LEU A CG  1 
ATOM   41  C CD1 . LEU A 1 14  ? -0.972  -4.557  -8.702  1.00 18.65 ? 1500 LEU A CD1 1 
ATOM   42  C CD2 . LEU A 1 14  ? -0.583  -6.724  -7.443  1.00 17.47 ? 1500 LEU A CD2 1 
ATOM   43  N N   . VAL A 1 15  ? 3.423   -5.183  -9.676  1.00 15.54 ? 1501 VAL A N   1 
ATOM   44  C CA  . VAL A 1 15  ? 4.402   -4.204  -9.214  1.00 16.34 ? 1501 VAL A CA  1 
ATOM   45  C C   . VAL A 1 15  ? 3.725   -2.872  -8.846  1.00 16.98 ? 1501 VAL A C   1 
ATOM   46  O O   . VAL A 1 15  ? 2.973   -2.318  -9.662  1.00 17.70 ? 1501 VAL A O   1 
ATOM   47  C CB  . VAL A 1 15  ? 5.494   -3.957  -10.258 1.00 16.94 ? 1501 VAL A CB  1 
ATOM   48  C CG1 . VAL A 1 15  ? 6.497   -2.904  -9.797  1.00 18.61 ? 1501 VAL A CG1 1 
ATOM   49  C CG2 . VAL A 1 15  ? 6.226   -5.282  -10.625 1.00 18.74 ? 1501 VAL A CG2 1 
ATOM   50  N N   . LEU A 1 16  ? 4.124   -2.307  -7.696  1.00 16.67 ? 1502 LEU A N   1 
ATOM   51  C CA  . LEU A 1 16  ? 3.782   -0.914  -7.337  1.00 16.03 ? 1502 LEU A CA  1 
ATOM   52  C C   . LEU A 1 16  ? 5.050   -0.104  -7.328  1.00 16.60 ? 1502 LEU A C   1 
ATOM   53  O O   . LEU A 1 16  ? 6.080   -0.591  -6.843  1.00 17.42 ? 1502 LEU A O   1 
ATOM   54  C CB  . LEU A 1 16  ? 3.135   -0.868  -5.991  1.00 16.75 ? 1502 LEU A CB  1 
ATOM   55  C CG  . LEU A 1 16  ? 1.805   -1.590  -5.869  1.00 16.56 ? 1502 LEU A CG  1 
ATOM   56  C CD1 . LEU A 1 16  ? 1.268   -1.478  -4.434  1.00 16.53 ? 1502 LEU A CD1 1 
ATOM   57  C CD2 . LEU A 1 16  ? 0.814   -1.027  -6.895  1.00 16.52 ? 1502 LEU A CD2 1 
ATOM   58  N N   . SER A 1 17  ? 4.995   1.128   -7.831  1.00 17.11 ? 1503 SER A N   1 
ATOM   59  C CA  . SER A 1 17  ? 6.132   2.040   -7.823  1.00 17.40 ? 1503 SER A CA  1 
ATOM   60  C C   . SER A 1 17  ? 5.997   2.936   -6.593  1.00 18.54 ? 1503 SER A C   1 
ATOM   61  O O   . SER A 1 17  ? 5.125   3.811   -6.592  1.00 16.00 ? 1503 SER A O   1 
ATOM   62  C CB  . SER A 1 17  ? 6.149   2.833   -9.116  1.00 19.56 ? 1503 SER A CB  1 
ATOM   63  O OG  . SER A 1 17  ? 7.351   3.544   -9.218  1.00 23.44 ? 1503 SER A OG  1 
ATOM   64  N N   . CYS A 1 18  ? 6.806   2.724   -5.545  1.00 17.88 ? 1504 CYS A N   1 
ATOM   65  C CA  A CYS A 1 18  ? 6.616   3.352   -4.252  0.70 18.53 ? 1504 CYS A CA  1 
ATOM   66  C CA  B CYS A 1 18  ? 6.569   3.455   -4.248  0.30 18.14 ? 1504 CYS A CA  1 
ATOM   67  C C   . CYS A 1 18  ? 7.478   4.630   -4.091  1.00 19.85 ? 1504 CYS A C   1 
ATOM   68  O O   . CYS A 1 18  ? 8.703   4.579   -4.268  1.00 19.31 ? 1504 CYS A O   1 
ATOM   69  C CB  A CYS A 1 18  ? 6.922   2.274   -3.182  0.70 19.23 ? 1504 CYS A CB  1 
ATOM   70  C CB  B CYS A 1 18  ? 6.631   2.622   -2.932  0.30 17.99 ? 1504 CYS A CB  1 
ATOM   71  S SG  A CYS A 1 18  ? 5.999   0.724   -3.475  0.70 20.07 ? 1504 CYS A SG  1 
ATOM   72  S SG  B CYS A 1 18  ? 6.210   3.624   -1.419  0.30 16.34 ? 1504 CYS A SG  1 
ATOM   73  N N   . VAL A 1 19  ? 6.842   5.736   -3.754  1.00 19.59 ? 1505 VAL A N   1 
ATOM   74  C CA  . VAL A 1 19  ? 7.527   6.998   -3.539  1.00 22.23 ? 1505 VAL A CA  1 
ATOM   75  C C   . VAL A 1 19  ? 8.437   6.864   -2.314  1.00 25.85 ? 1505 VAL A C   1 
ATOM   76  O O   . VAL A 1 19  ? 8.051   6.269   -1.291  1.00 22.40 ? 1505 VAL A O   1 
ATOM   77  C CB  . VAL A 1 19  ? 6.494   8.114   -3.329  1.00 24.57 ? 1505 VAL A CB  1 
ATOM   78  C CG1 . VAL A 1 19  ? 7.188   9.410   -2.936  1.00 25.87 ? 1505 VAL A CG1 1 
ATOM   79  C CG2 . VAL A 1 19  ? 5.638   8.281   -4.608  1.00 23.13 ? 1505 VAL A CG2 1 
ATOM   80  N N   . SER A 1 20  ? 9.657   7.387   -2.448  1.00 31.83 ? 1506 SER A N   1 
ATOM   81  C CA  A SER A 1 20  ? 10.644  7.324   -1.366  0.50 35.35 ? 1506 SER A CA  1 
ATOM   82  C CA  B SER A 1 20  ? 10.664  7.361   -1.375  0.50 34.70 ? 1506 SER A CA  1 
ATOM   83  C C   . SER A 1 20  ? 10.196  8.157   -0.157  1.00 37.59 ? 1506 SER A C   1 
ATOM   84  O O   . SER A 1 20  ? 9.647   9.257   -0.311  1.00 37.72 ? 1506 SER A O   1 
ATOM   85  C CB  A SER A 1 20  ? 12.028  7.774   -1.846  0.50 35.93 ? 1506 SER A CB  1 
ATOM   86  C CB  B SER A 1 20  ? 11.992  7.946   -1.878  0.50 34.40 ? 1506 SER A CB  1 
ATOM   87  O OG  A SER A 1 20  ? 12.721  6.699   -2.460  0.50 37.97 ? 1506 SER A OG  1 
ATOM   88  O OG  B SER A 1 20  ? 12.791  8.429   -0.807  0.50 34.08 ? 1506 SER A OG  1 
ATOM   89  N N   . PRO A 1 21  ? 10.418  7.621   1.065   1.00 43.92 ? 1507 PRO A N   1 
ATOM   90  C CA  . PRO A 1 21  ? 9.971   8.343   2.256   1.00 46.27 ? 1507 PRO A CA  1 
ATOM   91  C C   . PRO A 1 21  ? 10.975  9.421   2.668   1.00 49.12 ? 1507 PRO A C   1 
ATOM   92  O O   . PRO A 1 21  ? 10.603  10.578  2.798   1.00 53.81 ? 1507 PRO A O   1 
ATOM   93  C CB  . PRO A 1 21  ? 9.895   7.244   3.316   1.00 47.19 ? 1507 PRO A CB  1 
ATOM   94  C CG  . PRO A 1 21  ? 10.973  6.282   2.924   1.00 45.88 ? 1507 PRO A CG  1 
ATOM   95  C CD  . PRO A 1 21  ? 11.079  6.343   1.415   1.00 44.36 ? 1507 PRO A CD  1 
ATOM   96  N N   . SER A 1 26  ? 14.472  11.505  -4.575  1.00 49.13 ? 1512 SER A N   1 
ATOM   97  C CA  . SER A 1 26  ? 15.002  10.160  -4.759  1.00 46.82 ? 1512 SER A CA  1 
ATOM   98  C C   . SER A 1 26  ? 14.035  9.312   -5.602  1.00 45.95 ? 1512 SER A C   1 
ATOM   99  O O   . SER A 1 26  ? 12.838  9.597   -5.654  1.00 44.91 ? 1512 SER A O   1 
ATOM   100 C CB  . SER A 1 26  ? 15.271  9.489   -3.405  1.00 47.86 ? 1512 SER A CB  1 
ATOM   101 N N   . PRO A 1 27  ? 14.551  8.261   -6.266  1.00 43.13 ? 1513 PRO A N   1 
ATOM   102 C CA  . PRO A 1 27  ? 13.703  7.537   -7.208  1.00 39.97 ? 1513 PRO A CA  1 
ATOM   103 C C   . PRO A 1 27  ? 12.645  6.666   -6.527  1.00 35.01 ? 1513 PRO A C   1 
ATOM   104 O O   . PRO A 1 27  ? 12.813  6.238   -5.373  1.00 31.61 ? 1513 PRO A O   1 
ATOM   105 C CB  . PRO A 1 27  ? 14.694  6.645   -7.986  1.00 42.51 ? 1513 PRO A CB  1 
ATOM   106 C CG  . PRO A 1 27  ? 16.062  6.966   -7.459  1.00 44.62 ? 1513 PRO A CG  1 
ATOM   107 C CD  . PRO A 1 27  ? 15.880  7.641   -6.137  1.00 44.17 ? 1513 PRO A CD  1 
ATOM   108 N N   . GLU A 1 28  ? 11.564  6.412   -7.252  1.00 32.01 ? 1514 GLU A N   1 
ATOM   109 C CA  . GLU A 1 28  ? 10.572  5.436   -6.809  1.00 28.32 ? 1514 GLU A CA  1 
ATOM   110 C C   . GLU A 1 28  ? 11.171  4.032   -6.786  1.00 27.42 ? 1514 GLU A C   1 
ATOM   111 O O   . GLU A 1 28  ? 12.080  3.721   -7.567  1.00 31.03 ? 1514 GLU A O   1 
ATOM   112 C CB  . GLU A 1 28  ? 9.349   5.482   -7.715  1.00 27.83 ? 1514 GLU A CB  1 
ATOM   113 C CG  . GLU A 1 28  ? 8.514   6.729   -7.496  1.00 28.70 ? 1514 GLU A CG  1 
ATOM   114 C CD  . GLU A 1 28  ? 7.534   7.031   -8.623  1.00 30.46 ? 1514 GLU A CD  1 
ATOM   115 O OE1 . GLU A 1 28  ? 7.151   6.125   -9.387  1.00 29.76 ? 1514 GLU A OE1 1 
ATOM   116 O OE2 . GLU A 1 28  ? 7.138   8.211   -8.762  1.00 34.69 ? 1514 GLU A OE2 1 
ATOM   117 N N   . VAL A 1 29  ? 10.660  3.192   -5.878  1.00 25.88 ? 1515 VAL A N   1 
ATOM   118 C CA  . VAL A 1 29  ? 11.143  1.806   -5.692  1.00 27.13 ? 1515 VAL A CA  1 
ATOM   119 C C   . VAL A 1 29  ? 10.070  0.821   -6.186  1.00 25.26 ? 1515 VAL A C   1 
ATOM   120 O O   . VAL A 1 29  ? 8.972   0.843   -5.622  1.00 23.00 ? 1515 VAL A O   1 
ATOM   121 C CB  . VAL A 1 29  ? 11.362  1.535   -4.178  1.00 28.89 ? 1515 VAL A CB  1 
ATOM   122 C CG1 . VAL A 1 29  ? 11.744  0.077   -3.930  1.00 32.47 ? 1515 VAL A CG1 1 
ATOM   123 C CG2 . VAL A 1 29  ? 12.414  2.491   -3.608  1.00 32.51 ? 1515 VAL A CG2 1 
ATOM   124 N N   . PRO A 1 30  ? 10.372  -0.053  -7.205  1.00 23.88 ? 1516 PRO A N   1 
ATOM   125 C CA  . PRO A 1 30  ? 9.351   -1.016  -7.626  1.00 23.80 ? 1516 PRO A CA  1 
ATOM   126 C C   . PRO A 1 30  ? 9.293   -2.221  -6.698  1.00 21.49 ? 1516 PRO A C   1 
ATOM   127 O O   . PRO A 1 30  ? 10.299  -2.955  -6.566  1.00 24.62 ? 1516 PRO A O   1 
ATOM   128 C CB  . PRO A 1 30  ? 9.813   -1.449  -9.026  1.00 24.95 ? 1516 PRO A CB  1 
ATOM   129 C CG  . PRO A 1 30  ? 11.288  -1.314  -8.981  1.00 26.63 ? 1516 PRO A CG  1 
ATOM   130 C CD  . PRO A 1 30  ? 11.513  -0.057  -8.149  1.00 25.47 ? 1516 PRO A CD  1 
ATOM   131 N N   . VAL A 1 31  ? 8.137   -2.453  -6.118  1.00 17.33 ? 1517 VAL A N   1 
ATOM   132 C CA  . VAL A 1 31  ? 7.906   -3.505  -5.135  1.00 17.01 ? 1517 VAL A CA  1 
ATOM   133 C C   . VAL A 1 31  ? 6.887   -4.512  -5.629  1.00 17.27 ? 1517 VAL A C   1 
ATOM   134 O O   . VAL A 1 31  ? 5.812   -4.142  -6.107  1.00 16.93 ? 1517 VAL A O   1 
ATOM   135 C CB  . VAL A 1 31  ? 7.453   -2.931  -3.780  1.00 16.80 ? 1517 VAL A CB  1 
ATOM   136 C CG1 . VAL A 1 31  ? 7.235   -4.056  -2.768  1.00 17.37 ? 1517 VAL A CG1 1 
ATOM   137 C CG2 . VAL A 1 31  ? 8.472   -1.901  -3.268  1.00 18.72 ? 1517 VAL A CG2 1 
ATOM   138 N N   . LYS A 1 32  ? 7.248   -5.794  -5.581  1.00 15.88 ? 1518 LYS A N   1 
ATOM   139 C CA  . LYS A 1 32  ? 6.297   -6.883  -5.853  1.00 15.83 ? 1518 LYS A CA  1 
ATOM   140 C C   . LYS A 1 32  ? 5.353   -7.183  -4.725  1.00 15.65 ? 1518 LYS A C   1 
ATOM   141 O O   . LYS A 1 32  ? 5.771   -7.381  -3.558  1.00 16.58 ? 1518 LYS A O   1 
ATOM   142 C CB  . LYS A 1 32  ? 7.056   -8.212  -6.173  1.00 15.53 ? 1518 LYS A CB  1 
ATOM   143 C CG  . LYS A 1 32  ? 7.782   -8.243  -7.495  1.00 16.49 ? 1518 LYS A CG  1 
ATOM   144 C CD  . LYS A 1 32  ? 6.937   -8.699  -8.671  1.00 16.49 ? 1518 LYS A CD  1 
ATOM   145 C CE  . LYS A 1 32  ? 7.712   -8.506  -9.971  1.00 17.14 ? 1518 LYS A CE  1 
ATOM   146 N NZ  . LYS A 1 32  ? 7.028   -8.995  -11.179 1.00 16.75 ? 1518 LYS A NZ  1 
ATOM   147 N N   . ILE A 1 33  ? 4.055   -7.240  -5.028  1.00 15.16 ? 1519 ILE A N   1 
ATOM   148 C CA  . ILE A 1 33  ? 3.067   -7.755  -4.076  1.00 16.26 ? 1519 ILE A CA  1 
ATOM   149 C C   . ILE A 1 33  ? 2.043   -8.642  -4.784  1.00 14.47 ? 1519 ILE A C   1 
ATOM   150 O O   . ILE A 1 33  ? 2.138   -8.831  -5.997  1.00 15.92 ? 1519 ILE A O   1 
ATOM   151 C CB  . ILE A 1 33  ? 2.399   -6.664  -3.192  1.00 18.39 ? 1519 ILE A CB  1 
ATOM   152 C CG1 . ILE A 1 33  ? 1.322   -5.910  -3.948  1.00 18.26 ? 1519 ILE A CG1 1 
ATOM   153 C CG2 . ILE A 1 33  ? 3.425   -5.675  -2.580  1.00 18.31 ? 1519 ILE A CG2 1 
ATOM   154 C CD1 . ILE A 1 33  ? 1.866   -5.176  -5.164  1.00 19.20 ? 1519 ILE A CD1 1 
ATOM   155 N N   . LEU A 1 34  ? 1.127   -9.259  -4.029  1.00 14.89 ? 1520 LEU A N   1 
ATOM   156 C CA  . LEU A 1 34  ? 0.120   -10.112 -4.635  1.00 14.71 ? 1520 LEU A CA  1 
ATOM   157 C C   . LEU A 1 34  ? -1.171  -9.346  -4.760  1.00 16.32 ? 1520 LEU A C   1 
ATOM   158 O O   . LEU A 1 34  ? -1.511  -8.533  -3.866  1.00 17.45 ? 1520 LEU A O   1 
ATOM   159 C CB  . LEU A 1 34  ? -0.132  -11.334 -3.795  1.00 14.71 ? 1520 LEU A CB  1 
ATOM   160 C CG  . LEU A 1 34  ? 1.101   -12.249 -3.598  1.00 14.82 ? 1520 LEU A CG  1 
ATOM   161 C CD1 . LEU A 1 34  ? 0.824   -13.311 -2.561  1.00 17.35 ? 1520 LEU A CD1 1 
ATOM   162 C CD2 . LEU A 1 34  ? 1.464   -12.891 -4.929  1.00 18.55 ? 1520 LEU A CD2 1 
ATOM   163 N N   . ASN A 1 35  ? -1.920  -9.656  -5.810  1.00 18.18 ? 1521 ASN A N   1 
ATOM   164 C CA  . ASN A 1 35  ? -3.227  -8.990  -5.974  1.00 18.56 ? 1521 ASN A CA  1 
ATOM   165 C C   . ASN A 1 35  ? -4.286  -9.406  -4.957  1.00 18.46 ? 1521 ASN A C   1 
ATOM   166 O O   . ASN A 1 35  ? -5.335  -8.708  -4.847  1.00 18.89 ? 1521 ASN A O   1 
ATOM   167 C CB  . ASN A 1 35  ? -3.736  -9.129  -7.389  1.00 19.76 ? 1521 ASN A CB  1 
ATOM   168 C CG  . ASN A 1 35  ? -4.153  -10.530 -7.722  1.00 21.45 ? 1521 ASN A CG  1 
ATOM   169 O OD1 . ASN A 1 35  ? -3.890  -11.498 -6.998  1.00 23.77 ? 1521 ASN A OD1 1 
ATOM   170 N ND2 . ASN A 1 35  ? -4.799  -10.668 -8.884  1.00 27.28 ? 1521 ASN A ND2 1 
ATOM   171 N N   . CYS A 1 36  ? -4.021  -10.466 -4.178  1.00 17.05 ? 1522 CYS A N   1 
ATOM   172 C CA  . CYS A 1 36  ? -4.863  -10.930 -3.103  1.00 18.07 ? 1522 CYS A CA  1 
ATOM   173 C C   . CYS A 1 36  ? -4.424  -10.550 -1.680  1.00 15.34 ? 1522 CYS A C   1 
ATOM   174 O O   . CYS A 1 36  ? -5.030  -10.990 -0.718  1.00 16.03 ? 1522 CYS A O   1 
ATOM   175 C CB  . CYS A 1 36  ? -5.041  -12.446 -3.193  1.00 18.64 ? 1522 CYS A CB  1 
ATOM   176 S SG  . CYS A 1 36  ? -3.483  -13.434 -3.225  1.00 21.90 ? 1522 CYS A SG  1 
ATOM   177 N N   . ASP A 1 37  ? -3.304  -9.828  -1.554  1.00 15.02 ? 1523 ASP A N   1 
ATOM   178 C CA  . ASP A 1 37  ? -2.823  -9.372  -0.253  1.00 14.00 ? 1523 ASP A CA  1 
ATOM   179 C C   . ASP A 1 37  ? -3.853  -8.357  0.241   1.00 13.98 ? 1523 ASP A C   1 
ATOM   180 O O   . ASP A 1 37  ? -4.403  -7.576  -0.546  1.00 16.20 ? 1523 ASP A O   1 
ATOM   181 C CB  . ASP A 1 37  ? -1.481  -8.642  -0.381  1.00 14.47 ? 1523 ASP A CB  1 
ATOM   182 C CG  . ASP A 1 37  ? -0.270  -9.590  -0.510  1.00 14.77 ? 1523 ASP A CG  1 
ATOM   183 O OD1 . ASP A 1 37  ? -0.332  -10.676 0.065   1.00 19.39 ? 1523 ASP A OD1 1 
ATOM   184 O OD2 . ASP A 1 37  ? 0.728   -9.155  -1.097  1.00 16.21 ? 1523 ASP A OD2 1 
ATOM   185 N N   . THR A 1 38  ? -4.137  -8.423  1.514   1.00 13.85 ? 1524 THR A N   1 
ATOM   186 C CA  . THR A 1 38  ? -4.952  -7.343  2.112   1.00 13.90 ? 1524 THR A CA  1 
ATOM   187 C C   . THR A 1 38  ? -4.153  -6.060  2.010   1.00 14.19 ? 1524 THR A C   1 
ATOM   188 O O   . THR A 1 38  ? -2.920  -6.044  1.864   1.00 14.41 ? 1524 THR A O   1 
ATOM   189 C CB  . THR A 1 38  ? -5.290  -7.607  3.589   1.00 15.15 ? 1524 THR A CB  1 
ATOM   190 O OG1 . THR A 1 38  ? -4.109  -7.552  4.412   1.00 16.38 ? 1524 THR A OG1 1 
ATOM   191 C CG2 . THR A 1 38  ? -6.086  -8.910  3.767   1.00 16.36 ? 1524 THR A CG2 1 
ATOM   192 N N   . ILE A 1 39  ? -4.811  -4.913  2.161   1.00 12.39 ? 1525 ILE A N   1 
ATOM   193 C CA  . ILE A 1 39  ? -4.005  -3.664  2.120   1.00 12.62 ? 1525 ILE A CA  1 
ATOM   194 C C   . ILE A 1 39  ? -2.956  -3.584  3.241   1.00 12.68 ? 1525 ILE A C   1 
ATOM   195 O O   . ILE A 1 39  ? -1.882  -3.027  3.045   1.00 13.72 ? 1525 ILE A O   1 
ATOM   196 C CB  . ILE A 1 39  ? -4.919  -2.387  2.126   1.00 12.58 ? 1525 ILE A CB  1 
ATOM   197 C CG1 . ILE A 1 39  ? -5.867  -2.411  0.927   1.00 13.83 ? 1525 ILE A CG1 1 
ATOM   198 C CG2 . ILE A 1 39  ? -4.045  -1.113  2.132   1.00 12.30 ? 1525 ILE A CG2 1 
ATOM   199 C CD1 . ILE A 1 39  ? -5.226  -2.596  -0.426  1.00 14.21 ? 1525 ILE A CD1 1 
ATOM   200 N N   . THR A 1 40  ? -3.268  -4.127  4.416   1.00 13.26 ? 1526 THR A N   1 
ATOM   201 C CA  . THR A 1 40  ? -2.285  -4.206  5.542   1.00 13.84 ? 1526 THR A CA  1 
ATOM   202 C C   . THR A 1 40  ? -1.068  -5.041  5.096   1.00 13.65 ? 1526 THR A C   1 
ATOM   203 O O   . THR A 1 40  ? 0.044   -4.603  5.292   1.00 13.75 ? 1526 THR A O   1 
ATOM   204 C CB  . THR A 1 40  ? -2.907  -4.756  6.805   1.00 14.98 ? 1526 THR A CB  1 
ATOM   205 O OG1 . THR A 1 40  ? -3.944  -3.821  7.224   1.00 16.51 ? 1526 THR A OG1 1 
ATOM   206 C CG2 . THR A 1 40  ? -1.904  -4.914  7.896   1.00 16.27 ? 1526 THR A CG2 1 
ATOM   207 N N   . GLN A 1 41  ? -1.318  -6.142  4.433   1.00 14.88 ? 1527 GLN A N   1 
ATOM   208 C CA  . GLN A 1 41  ? -0.221  -6.998  3.918   1.00 14.50 ? 1527 GLN A CA  1 
ATOM   209 C C   . GLN A 1 41  ? 0.595   -6.291  2.823   1.00 14.38 ? 1527 GLN A C   1 
ATOM   210 O O   . GLN A 1 41  ? 1.828   -6.418  2.794   1.00 15.83 ? 1527 GLN A O   1 
ATOM   211 C CB  . GLN A 1 41  ? -0.785  -8.328  3.438   1.00 15.83 ? 1527 GLN A CB  1 
ATOM   212 C CG  . GLN A 1 41  ? -1.265  -9.217  4.560   1.00 18.15 ? 1527 GLN A CG  1 
ATOM   213 C CD  . GLN A 1 41  ? -2.021  -10.460 4.075   1.00 19.47 ? 1527 GLN A CD  1 
ATOM   214 O OE1 . GLN A 1 41  ? -2.714  -10.458 3.045   1.00 18.31 ? 1527 GLN A OE1 1 
ATOM   215 N NE2 . GLN A 1 41  ? -1.833  -11.568 4.813   1.00 25.53 ? 1527 GLN A NE2 1 
ATOM   216 N N   . VAL A 1 42  ? -0.060  -5.511  1.967   1.00 12.56 ? 1528 VAL A N   1 
ATOM   217 C CA  . VAL A 1 42  ? 0.651   -4.698  0.985   1.00 12.20 ? 1528 VAL A CA  1 
ATOM   218 C C   . VAL A 1 42  ? 1.597   -3.702  1.687   1.00 12.65 ? 1528 VAL A C   1 
ATOM   219 O O   . VAL A 1 42  ? 2.756   -3.500  1.278   1.00 13.28 ? 1528 VAL A O   1 
ATOM   220 C CB  . VAL A 1 42  ? -0.315  -3.942  0.050   1.00 12.31 ? 1528 VAL A CB  1 
ATOM   221 C CG1 . VAL A 1 42  ? 0.418   -2.985  -0.881  1.00 11.93 ? 1528 VAL A CG1 1 
ATOM   222 C CG2 . VAL A 1 42  ? -1.184  -4.942  -0.728  1.00 13.03 ? 1528 VAL A CG2 1 
ATOM   223 N N   . LYS A 1 43  ? 1.032   -2.949  2.640   1.00 13.13 ? 1529 LYS A N   1 
ATOM   224 C CA  . LYS A 1 43  ? 1.813   -1.980  3.391   1.00 13.21 ? 1529 LYS A CA  1 
ATOM   225 C C   . LYS A 1 43  ? 3.039   -2.616  4.054   1.00 12.94 ? 1529 LYS A C   1 
ATOM   226 O O   . LYS A 1 43  ? 4.126   -2.023  3.986   1.00 13.74 ? 1529 LYS A O   1 
ATOM   227 C CB  . LYS A 1 43  ? 0.958   -1.220  4.400   1.00 14.25 ? 1529 LYS A CB  1 
ATOM   228 C CG  . LYS A 1 43  ? -0.050  -0.270  3.753   1.00 13.97 ? 1529 LYS A CG  1 
ATOM   229 C CD  . LYS A 1 43  ? -0.838  0.523   4.802   1.00 13.76 ? 1529 LYS A CD  1 
ATOM   230 C CE  . LYS A 1 43  ? -1.666  -0.326  5.736   1.00 13.98 ? 1529 LYS A CE  1 
ATOM   231 N NZ  . LYS A 1 43  ? -2.605  0.484   6.602   1.00 14.63 ? 1529 LYS A NZ  1 
ATOM   232 N N   . GLU A 1 44  ? 2.855   -3.811  4.617   1.00 13.85 ? 1530 GLU A N   1 
ATOM   233 C CA  . GLU A 1 44  ? 3.988   -4.539  5.237   1.00 14.95 ? 1530 GLU A CA  1 
ATOM   234 C C   . GLU A 1 44  ? 5.112   -4.783  4.209   1.00 13.75 ? 1530 GLU A C   1 
ATOM   235 O O   . GLU A 1 44  ? 6.308   -4.510  4.478   1.00 13.80 ? 1530 GLU A O   1 
ATOM   236 C CB  . GLU A 1 44  ? 3.536   -5.849  5.852   1.00 16.23 ? 1530 GLU A CB  1 
ATOM   237 C CG  . GLU A 1 44  ? 2.701   -5.662  7.110   1.00 17.43 ? 1530 GLU A CG  1 
ATOM   238 N N   . LYS A 1 45  ? 4.750   -5.216  3.008   1.00 13.68 ? 1531 LYS A N   1 
ATOM   239 C CA  . LYS A 1 45  ? 5.755   -5.489  1.947   1.00 13.45 ? 1531 LYS A CA  1 
ATOM   240 C C   . LYS A 1 45  ? 6.447   -4.240  1.445   1.00 12.71 ? 1531 LYS A C   1 
ATOM   241 O O   . LYS A 1 45  ? 7.641   -4.217  1.148   1.00 13.56 ? 1531 LYS A O   1 
ATOM   242 C CB  . LYS A 1 45  ? 5.097   -6.247  0.785   1.00 13.83 ? 1531 LYS A CB  1 
ATOM   243 C CG  . LYS A 1 45  ? 4.739   -7.685  1.162   1.00 14.33 ? 1531 LYS A CG  1 
ATOM   244 C CD  . LYS A 1 45  ? 4.058   -8.494  0.034   1.00 14.59 ? 1531 LYS A CD  1 
ATOM   245 C CE  . LYS A 1 45  ? 3.640   -9.880  0.551   1.00 15.96 ? 1531 LYS A CE  1 
ATOM   246 N NZ  . LYS A 1 45  ? 2.923   -10.663 -0.502  1.00 15.48 ? 1531 LYS A NZ  1 
ATOM   247 N N   . ILE A 1 46  ? 5.683   -3.135  1.393   1.00 12.17 ? 1532 ILE A N   1 
ATOM   248 C CA  . ILE A 1 46  ? 6.274   -1.869  0.978   1.00 11.97 ? 1532 ILE A CA  1 
ATOM   249 C C   . ILE A 1 46  ? 7.311   -1.373  2.031   1.00 13.21 ? 1532 ILE A C   1 
ATOM   250 O O   . ILE A 1 46  ? 8.416   -0.920  1.690   1.00 13.97 ? 1532 ILE A O   1 
ATOM   251 C CB  . ILE A 1 46  ? 5.201   -0.765  0.699   1.00 12.62 ? 1532 ILE A CB  1 
ATOM   252 C CG1 . ILE A 1 46  ? 4.347   -1.167  -0.498  1.00 12.63 ? 1532 ILE A CG1 1 
ATOM   253 C CG2 . ILE A 1 46  ? 5.886   0.518   0.372   1.00 14.00 ? 1532 ILE A CG2 1 
ATOM   254 C CD1 . ILE A 1 46  ? 3.121   -0.262  -0.692  1.00 14.20 ? 1532 ILE A CD1 1 
ATOM   255 N N   . LEU A 1 47  ? 6.935   -1.490  3.289   1.00 13.46 ? 1533 LEU A N   1 
ATOM   256 C CA  . LEU A 1 47  ? 7.808   -1.087  4.388   1.00 14.60 ? 1533 LEU A CA  1 
ATOM   257 C C   . LEU A 1 47  ? 9.097   -1.927  4.358   1.00 14.90 ? 1533 LEU A C   1 
ATOM   258 O O   . LEU A 1 47  ? 10.192  -1.389  4.561   1.00 15.10 ? 1533 LEU A O   1 
ATOM   259 C CB  . LEU A 1 47  ? 7.088   -1.216  5.728   1.00 14.71 ? 1533 LEU A CB  1 
ATOM   260 C CG  . LEU A 1 47  ? 5.984   -0.183  6.046   1.00 16.30 ? 1533 LEU A CG  1 
ATOM   261 C CD1 . LEU A 1 47  ? 5.168   -0.682  7.231   1.00 17.71 ? 1533 LEU A CD1 1 
ATOM   262 C CD2 . LEU A 1 47  ? 6.586   1.193   6.280   1.00 16.17 ? 1533 LEU A CD2 1 
ATOM   263 N N   . ASP A 1 48  ? 8.964   -3.209  4.086   1.00 15.61 ? 1534 ASP A N   1 
ATOM   264 C CA  . ASP A 1 48  ? 10.140  -4.129  3.953   1.00 17.34 ? 1534 ASP A CA  1 
ATOM   265 C C   . ASP A 1 48  ? 11.147  -3.670  2.900   1.00 17.28 ? 1534 ASP A C   1 
ATOM   266 O O   . ASP A 1 48  ? 12.377  -3.923  3.033   1.00 18.61 ? 1534 ASP A O   1 
ATOM   267 C CB  . ASP A 1 48  ? 9.691   -5.535  3.500   1.00 18.39 ? 1534 ASP A CB  1 
ATOM   268 C CG  . ASP A 1 48  ? 8.922   -6.307  4.519   1.00 22.26 ? 1534 ASP A CG  1 
ATOM   269 O OD1 . ASP A 1 48  ? 9.068   -6.012  5.710   1.00 29.29 ? 1534 ASP A OD1 1 
ATOM   270 O OD2 . ASP A 1 48  ? 8.170   -7.285  4.105   1.00 25.01 ? 1534 ASP A OD2 1 
ATOM   271 N N   . ALA A 1 49  ? 10.648  -3.097  1.810   1.00 16.27 ? 1535 ALA A N   1 
ATOM   272 C CA  . ALA A 1 49  ? 11.439  -2.587  0.711   1.00 17.40 ? 1535 ALA A CA  1 
ATOM   273 C C   . ALA A 1 49  ? 12.023  -1.240  1.042   1.00 18.35 ? 1535 ALA A C   1 
ATOM   274 O O   . ALA A 1 49  ? 13.271  -1.082  1.065   1.00 19.76 ? 1535 ALA A O   1 
ATOM   275 C CB  . ALA A 1 49  ? 10.578  -2.501  -0.551  1.00 17.59 ? 1535 ALA A CB  1 
ATOM   276 N N   . ILE A 1 50  ? 11.170  -0.273  1.342   1.00 18.00 ? 1536 ILE A N   1 
ATOM   277 C CA  . ILE A 1 50  ? 11.612  1.126   1.507   1.00 19.63 ? 1536 ILE A CA  1 
ATOM   278 C C   . ILE A 1 50  ? 12.430  1.397   2.779   1.00 20.39 ? 1536 ILE A C   1 
ATOM   279 O O   . ILE A 1 50  ? 13.179  2.386   2.818   1.00 23.51 ? 1536 ILE A O   1 
ATOM   280 C CB  . ILE A 1 50  ? 10.465  2.160   1.330   1.00 20.89 ? 1536 ILE A CB  1 
ATOM   281 C CG1 . ILE A 1 50  ? 9.411   2.062   2.443   1.00 23.38 ? 1536 ILE A CG1 1 
ATOM   282 C CG2 . ILE A 1 50  ? 9.811   1.988   -0.054  1.00 22.76 ? 1536 ILE A CG2 1 
ATOM   283 C CD1 . ILE A 1 50  ? 8.329   3.133   2.391   1.00 25.20 ? 1536 ILE A CD1 1 
ATOM   284 N N   . PHE A 1 51  ? 12.302  0.547   3.786   1.00 18.21 ? 1537 PHE A N   1 
ATOM   285 C CA  . PHE A 1 51  ? 13.095  0.676   5.017   1.00 18.86 ? 1537 PHE A CA  1 
ATOM   286 C C   . PHE A 1 51  ? 13.978  -0.552  5.214   1.00 17.93 ? 1537 PHE A C   1 
ATOM   287 O O   . PHE A 1 51  ? 14.284  -0.940  6.351   1.00 16.89 ? 1537 PHE A O   1 
ATOM   288 C CB  . PHE A 1 51  ? 12.167  0.861   6.232   1.00 19.56 ? 1537 PHE A CB  1 
ATOM   289 C CG  . PHE A 1 51  ? 11.413  2.151   6.232   1.00 21.59 ? 1537 PHE A CG  1 
ATOM   290 C CD1 . PHE A 1 51  ? 12.073  3.357   6.450   1.00 25.34 ? 1537 PHE A CD1 1 
ATOM   291 C CD2 . PHE A 1 51  ? 10.065  2.178   6.012   1.00 23.41 ? 1537 PHE A CD2 1 
ATOM   292 C CE1 . PHE A 1 51  ? 11.377  4.558   6.424   1.00 25.32 ? 1537 PHE A CE1 1 
ATOM   293 C CE2 . PHE A 1 51  ? 9.366   3.366   5.993   1.00 23.70 ? 1537 PHE A CE2 1 
ATOM   294 C CZ  . PHE A 1 51  ? 10.017  4.552   6.206   1.00 23.61 ? 1537 PHE A CZ  1 
ATOM   295 N N   . LYS A 1 52  ? 14.403  -1.187  4.113   1.00 18.66 ? 1538 LYS A N   1 
ATOM   296 C CA  . LYS A 1 52  ? 15.173  -2.427  4.198   1.00 19.37 ? 1538 LYS A CA  1 
ATOM   297 C C   . LYS A 1 52  ? 16.375  -2.400  5.160   1.00 19.51 ? 1538 LYS A C   1 
ATOM   298 O O   . LYS A 1 52  ? 16.644  -3.399  5.828   1.00 21.54 ? 1538 LYS A O   1 
ATOM   299 C CB  A LYS A 1 52  ? 15.610  -2.937  2.820   0.70 21.83 ? 1538 LYS A CB  1 
ATOM   300 C CB  B LYS A 1 52  ? 15.660  -2.847  2.809   0.30 19.50 ? 1538 LYS A CB  1 
ATOM   301 C CG  A LYS A 1 52  ? 16.699  -2.152  2.103   0.70 23.75 ? 1538 LYS A CG  1 
ATOM   302 C CG  B LYS A 1 52  ? 16.647  -4.002  2.814   0.30 19.40 ? 1538 LYS A CG  1 
ATOM   303 C CD  A LYS A 1 52  ? 17.125  -2.909  0.833   0.70 25.01 ? 1538 LYS A CD  1 
ATOM   304 C CE  A LYS A 1 52  ? 18.578  -2.710  0.466   0.70 25.20 ? 1538 LYS A CE  1 
ATOM   305 N NZ  A LYS A 1 52  ? 19.458  -3.478  1.380   0.70 25.44 ? 1538 LYS A NZ  1 
ATOM   306 N N   . ASN A 1 53  ? 17.062  -1.278  5.221   1.00 18.98 ? 1539 ASN A N   1 
ATOM   307 C CA  . ASN A 1 53  ? 18.255  -1.183  6.092   1.00 19.62 ? 1539 ASN A CA  1 
ATOM   308 C C   . ASN A 1 53  ? 18.025  -0.634  7.492   1.00 19.63 ? 1539 ASN A C   1 
ATOM   309 O O   . ASN A 1 53  ? 18.992  -0.396  8.232   1.00 20.03 ? 1539 ASN A O   1 
ATOM   310 C CB  . ASN A 1 53  ? 19.303  -0.350  5.404   1.00 20.83 ? 1539 ASN A CB  1 
ATOM   311 C CG  . ASN A 1 53  ? 19.819  -1.025  4.140   1.00 23.39 ? 1539 ASN A CG  1 
ATOM   312 O OD1 . ASN A 1 53  ? 19.707  -2.257  3.996   1.00 25.19 ? 1539 ASN A OD1 1 
ATOM   313 N ND2 . ASN A 1 53  ? 20.305  -0.238  3.216   1.00 24.79 ? 1539 ASN A ND2 1 
ATOM   314 N N   . VAL A 1 54  ? 16.761  -0.455  7.879   1.00 17.84 ? 1540 VAL A N   1 
ATOM   315 C CA  . VAL A 1 54  ? 16.414  0.000   9.202   1.00 17.47 ? 1540 VAL A CA  1 
ATOM   316 C C   . VAL A 1 54  ? 15.969  -1.192  10.019  1.00 16.35 ? 1540 VAL A C   1 
ATOM   317 O O   . VAL A 1 54  ? 15.111  -1.975  9.549   1.00 16.91 ? 1540 VAL A O   1 
ATOM   318 C CB  . VAL A 1 54  ? 15.259  1.034   9.138   1.00 16.98 ? 1540 VAL A CB  1 
ATOM   319 C CG1 . VAL A 1 54  ? 14.834  1.473   10.538  1.00 17.70 ? 1540 VAL A CG1 1 
ATOM   320 C CG2 . VAL A 1 54  ? 15.640  2.247   8.266   1.00 16.89 ? 1540 VAL A CG2 1 
ATOM   321 N N   . PRO A 1 55  ? 16.506  -1.354  11.234  1.00 16.56 ? 1541 PRO A N   1 
ATOM   322 C CA  . PRO A 1 55  ? 16.041  -2.466  12.056  1.00 17.32 ? 1541 PRO A CA  1 
ATOM   323 C C   . PRO A 1 55  ? 14.537  -2.442  12.300  1.00 17.83 ? 1541 PRO A C   1 
ATOM   324 O O   . PRO A 1 55  ? 13.950  -1.370  12.411  1.00 16.30 ? 1541 PRO A O   1 
ATOM   325 C CB  . PRO A 1 55  ? 16.795  -2.260  13.368  1.00 18.08 ? 1541 PRO A CB  1 
ATOM   326 C CG  . PRO A 1 55  ? 18.013  -1.521  13.005  1.00 19.55 ? 1541 PRO A CG  1 
ATOM   327 C CD  . PRO A 1 55  ? 17.633  -0.630  11.869  1.00 17.94 ? 1541 PRO A CD  1 
ATOM   328 N N   . CYS A 1 56  ? 13.910  -3.617  12.377  1.00 18.31 ? 1542 CYS A N   1 
ATOM   329 C CA  . CYS A 1 56  ? 12.446  -3.719  12.588  1.00 18.94 ? 1542 CYS A CA  1 
ATOM   330 C C   . CYS A 1 56  ? 11.938  -2.827  13.707  1.00 17.80 ? 1542 CYS A C   1 
ATOM   331 O O   . CYS A 1 56  ? 10.866  -2.172  13.587  1.00 19.40 ? 1542 CYS A O   1 
ATOM   332 C CB  . CYS A 1 56  ? 12.022  -5.175  12.871  1.00 19.68 ? 1542 CYS A CB  1 
ATOM   333 S SG  . CYS A 1 56  ? 12.356  -6.324  11.519  1.00 25.37 ? 1542 CYS A SG  1 
ATOM   334 N N   . SER A 1 57  ? 12.716  -2.772  14.807  1.00 18.08 ? 1543 SER A N   1 
ATOM   335 C CA  . SER A 1 57  ? 12.380  -1.981  15.974  1.00 20.20 ? 1543 SER A CA  1 
ATOM   336 C C   . SER A 1 57  ? 12.150  -0.494  15.715  1.00 18.28 ? 1543 SER A C   1 
ATOM   337 O O   . SER A 1 57  ? 11.436  0.156   16.495  1.00 21.48 ? 1543 SER A O   1 
ATOM   338 C CB  . SER A 1 57  ? 13.512  -2.136  17.062  1.00 19.69 ? 1543 SER A CB  1 
ATOM   339 O OG  . SER A 1 57  ? 14.749  -1.706  16.520  1.00 23.55 ? 1543 SER A OG  1 
ATOM   340 N N   . HIS A 1 58  ? 12.767  0.070   14.663  1.00 17.12 ? 1544 HIS A N   1 
ATOM   341 C CA  . HIS A 1 58  ? 12.748  1.491   14.408  1.00 17.16 ? 1544 HIS A CA  1 
ATOM   342 C C   . HIS A 1 58  ? 12.035  1.848   13.140  1.00 17.37 ? 1544 HIS A C   1 
ATOM   343 O O   . HIS A 1 58  ? 12.115  2.978   12.712  1.00 18.80 ? 1544 HIS A O   1 
ATOM   344 C CB  . HIS A 1 58  ? 14.182  2.067   14.410  1.00 18.00 ? 1544 HIS A CB  1 
ATOM   345 C CG  . HIS A 1 58  ? 14.792  2.097   15.796  1.00 19.38 ? 1544 HIS A CG  1 
ATOM   346 N ND1 . HIS A 1 58  ? 15.277  1.009   16.387  1.00 21.90 ? 1544 HIS A ND1 1 
ATOM   347 C CD2 . HIS A 1 58  ? 14.912  3.127   16.710  1.00 20.17 ? 1544 HIS A CD2 1 
ATOM   348 C CE1 . HIS A 1 58  ? 15.712  1.323   17.619  1.00 20.58 ? 1544 HIS A CE1 1 
ATOM   349 N NE2 . HIS A 1 58  ? 15.499  2.628   17.803  1.00 21.22 ? 1544 HIS A NE2 1 
ATOM   350 N N   . ARG A 1 59  ? 11.311  0.890   12.555  1.00 17.52 ? 1545 ARG A N   1 
ATOM   351 C CA  . ARG A 1 59  ? 10.482  1.151   11.370  1.00 18.45 ? 1545 ARG A CA  1 
ATOM   352 C C   . ARG A 1 59  ? 9.090   1.616   11.775  1.00 18.70 ? 1545 ARG A C   1 
ATOM   353 O O   . ARG A 1 59  ? 8.554   1.145   12.783  1.00 17.93 ? 1545 ARG A O   1 
ATOM   354 C CB  . ARG A 1 59  ? 10.283  -0.159  10.598  1.00 18.54 ? 1545 ARG A CB  1 
ATOM   355 C CG  . ARG A 1 59  ? 11.492  -0.624  9.859   1.00 18.34 ? 1545 ARG A CG  1 
ATOM   356 C CD  . ARG A 1 59  ? 11.208  -1.806  8.951   1.00 19.06 ? 1545 ARG A CD  1 
ATOM   357 N NE  . ARG A 1 59  ? 12.458  -2.427  8.566   1.00 19.70 ? 1545 ARG A NE  1 
ATOM   358 C CZ  . ARG A 1 59  ? 12.566  -3.479  7.765   1.00 22.69 ? 1545 ARG A CZ  1 
ATOM   359 N NH1 . ARG A 1 59  ? 11.469  -4.073  7.312   1.00 22.56 ? 1545 ARG A NH1 1 
ATOM   360 N NH2 . ARG A 1 59  ? 13.783  -3.954  7.501   1.00 22.64 ? 1545 ARG A NH2 1 
ATOM   361 N N   . PRO A 1 60  ? 8.447   2.454   10.937  1.00 20.18 ? 1546 PRO A N   1 
ATOM   362 C CA  . PRO A 1 60  ? 7.021   2.692   11.156  1.00 22.25 ? 1546 PRO A CA  1 
ATOM   363 C C   . PRO A 1 60  ? 6.246   1.386   11.005  1.00 21.63 ? 1546 PRO A C   1 
ATOM   364 O O   . PRO A 1 60  ? 6.693   0.531   10.249  1.00 21.67 ? 1546 PRO A O   1 
ATOM   365 C CB  . PRO A 1 60  ? 6.645   3.688   10.041  1.00 22.02 ? 1546 PRO A CB  1 
ATOM   366 C CG  . PRO A 1 60  ? 7.827   3.918   9.229   1.00 24.17 ? 1546 PRO A CG  1 
ATOM   367 C CD  . PRO A 1 60  ? 8.987   3.154   9.768   1.00 21.95 ? 1546 PRO A CD  1 
ATOM   368 N N   . LYS A 1 61  ? 5.136   1.228   11.728  1.00 22.50 ? 1547 LYS A N   1 
ATOM   369 C CA  . LYS A 1 61  ? 4.313   0.033   11.676  1.00 22.66 ? 1547 LYS A CA  1 
ATOM   370 C C   . LYS A 1 61  ? 3.244   0.198   10.604  1.00 20.89 ? 1547 LYS A C   1 
ATOM   371 O O   . LYS A 1 61  ? 2.723   1.300   10.438  1.00 19.54 ? 1547 LYS A O   1 
ATOM   372 C CB  . LYS A 1 61  ? 3.640   -0.236  13.051  1.00 26.54 ? 1547 LYS A CB  1 
ATOM   373 C CG  . LYS A 1 61  ? 4.627   -0.477  14.214  1.00 28.29 ? 1547 LYS A CG  1 
ATOM   374 C CD  . LYS A 1 61  ? 5.750   -1.417  13.792  1.00 30.80 ? 1547 LYS A CD  1 
ATOM   375 N N   . ALA A 1 62  ? 2.924   -0.886  9.914   1.00 19.33 ? 1548 ALA A N   1 
ATOM   376 C CA  . ALA A 1 62  ? 1.855   -0.871  8.869   1.00 19.12 ? 1548 ALA A CA  1 
ATOM   377 C C   . ALA A 1 62  ? 0.549   -0.237  9.369   1.00 18.67 ? 1548 ALA A C   1 
ATOM   378 O O   . ALA A 1 62  ? -0.125  0.485   8.609   1.00 19.53 ? 1548 ALA A O   1 
ATOM   379 C CB  . ALA A 1 62  ? 1.611   -2.260  8.355   1.00 18.65 ? 1548 ALA A CB  1 
ATOM   380 N N   . ALA A 1 63  ? 0.176   -0.544  10.607  1.00 20.58 ? 1549 ALA A N   1 
ATOM   381 C CA  . ALA A 1 63  ? -1.103  -0.059  11.181  1.00 21.34 ? 1549 ALA A CA  1 
ATOM   382 C C   . ALA A 1 63  ? -1.103  1.428   11.487  1.00 22.39 ? 1549 ALA A C   1 
ATOM   383 O O   . ALA A 1 63  ? -2.186  2.017   11.688  1.00 22.36 ? 1549 ALA A O   1 
ATOM   384 C CB  . ALA A 1 63  ? -1.491  -0.879  12.424  1.00 23.35 ? 1549 ALA A CB  1 
ATOM   385 N N   . ASP A 1 64  ? 0.081   2.067   11.498  1.00 21.31 ? 1550 ASP A N   1 
ATOM   386 C CA  . ASP A 1 64  ? 0.181   3.488   11.736  1.00 22.22 ? 1550 ASP A CA  1 
ATOM   387 C C   . ASP A 1 64  ? 0.316   4.318   10.464  1.00 19.47 ? 1550 ASP A C   1 
ATOM   388 O O   . ASP A 1 64  ? 0.514   5.522   10.538  1.00 18.99 ? 1550 ASP A O   1 
ATOM   389 C CB  . ASP A 1 64  ? 1.381   3.780   12.660  1.00 26.06 ? 1550 ASP A CB  1 
ATOM   390 C CG  . ASP A 1 64  ? 1.212   3.175   14.062  1.00 30.01 ? 1550 ASP A CG  1 
ATOM   391 O OD1 . ASP A 1 64  ? 0.059   2.902   14.513  1.00 34.17 ? 1550 ASP A OD1 1 
ATOM   392 O OD2 . ASP A 1 64  ? 2.255   2.950   14.710  1.00 34.64 ? 1550 ASP A OD2 1 
ATOM   393 N N   . MET A 1 65  ? 0.216   3.655   9.296   1.00 16.59 ? 1551 MET A N   1 
ATOM   394 C CA  A MET A 1 65  ? 0.425   4.267   7.974   0.70 16.78 ? 1551 MET A CA  1 
ATOM   395 C CA  B MET A 1 65  ? 0.318   4.378   8.030   0.30 15.94 ? 1551 MET A CA  1 
ATOM   396 C C   . MET A 1 65  ? -0.806  3.932   7.118   1.00 15.25 ? 1551 MET A C   1 
ATOM   397 O O   . MET A 1 65  ? -1.477  2.941   7.381   1.00 15.78 ? 1551 MET A O   1 
ATOM   398 C CB  A MET A 1 65  ? 1.647   3.628   7.276   0.70 18.63 ? 1551 MET A CB  1 
ATOM   399 C CB  B MET A 1 65  ? 1.676   4.163   7.365   0.30 15.96 ? 1551 MET A CB  1 
ATOM   400 C CG  A MET A 1 65  ? 2.966   3.705   8.032   0.70 20.59 ? 1551 MET A CG  1 
ATOM   401 C CG  B MET A 1 65  ? 2.852   4.536   8.250   0.30 15.90 ? 1551 MET A CG  1 
ATOM   402 S SD  A MET A 1 65  ? 3.442   5.387   8.432   0.70 23.65 ? 1551 MET A SD  1 
ATOM   403 S SD  B MET A 1 65  ? 4.391   4.458   7.321   0.30 15.63 ? 1551 MET A SD  1 
ATOM   404 C CE  A MET A 1 65  ? 3.813   5.977   6.819   0.70 20.81 ? 1551 MET A CE  1 
ATOM   405 C CE  B MET A 1 65  ? 4.499   6.083   6.588   0.30 17.17 ? 1551 MET A CE  1 
ATOM   406 N N   . ASP A 1 66  ? -1.041  4.736   6.105   1.00 14.92 ? 1552 ASP A N   1 
ATOM   407 C CA  . ASP A 1 66  ? -2.074  4.453   5.076   1.00 13.90 ? 1552 ASP A CA  1 
ATOM   408 C C   . ASP A 1 66  ? -1.429  4.386   3.690   1.00 13.35 ? 1552 ASP A C   1 
ATOM   409 O O   . ASP A 1 66  ? -0.484  5.108   3.368   1.00 13.85 ? 1552 ASP A O   1 
ATOM   410 C CB  . ASP A 1 66  ? -3.179  5.544   5.096   1.00 14.49 ? 1552 ASP A CB  1 
ATOM   411 C CG  . ASP A 1 66  ? -4.265  5.259   6.069   1.00 14.75 ? 1552 ASP A CG  1 
ATOM   412 O OD1 . ASP A 1 66  ? -4.822  4.122   6.123   1.00 14.86 ? 1552 ASP A OD1 1 
ATOM   413 O OD2 . ASP A 1 66  ? -4.626  6.241   6.821   1.00 15.88 ? 1552 ASP A OD2 1 
ATOM   414 N N   . LEU A 1 67  ? -1.997  3.529   2.815   1.00 12.07 ? 1553 LEU A N   1 
ATOM   415 C CA  . LEU A 1 67  ? -1.576  3.422   1.451   1.00 13.01 ? 1553 LEU A CA  1 
ATOM   416 C C   . LEU A 1 67  ? -2.283  4.441   0.572   1.00 13.41 ? 1553 LEU A C   1 
ATOM   417 O O   . LEU A 1 67  ? -3.513  4.452   0.518   1.00 14.12 ? 1553 LEU A O   1 
ATOM   418 C CB  . LEU A 1 67  ? -1.884  2.011   0.908   1.00 13.32 ? 1553 LEU A CB  1 
ATOM   419 C CG  . LEU A 1 67  ? -1.373  1.661   -0.498  1.00 14.17 ? 1553 LEU A CG  1 
ATOM   420 C CD1 . LEU A 1 67  ? 0.160   1.778   -0.651  1.00 15.53 ? 1553 LEU A CD1 1 
ATOM   421 C CD2 . LEU A 1 67  ? -1.876  0.272   -0.885  1.00 15.46 ? 1553 LEU A CD2 1 
ATOM   422 N N   . GLU A 1 68  ? -1.515  5.259   -0.122  1.00 13.45 ? 1554 GLU A N   1 
ATOM   423 C CA  . GLU A 1 68  ? -2.088  6.288   -1.012  1.00 13.88 ? 1554 GLU A CA  1 
ATOM   424 C C   . GLU A 1 68  ? -1.816  5.927   -2.459  1.00 14.13 ? 1554 GLU A C   1 
ATOM   425 O O   . GLU A 1 68  ? -0.656  5.842   -2.887  1.00 13.79 ? 1554 GLU A O   1 
ATOM   426 C CB  . GLU A 1 68  ? -1.489  7.641   -0.711  1.00 14.36 ? 1554 GLU A CB  1 
ATOM   427 C CG  . GLU A 1 68  ? -2.111  8.837   -1.448  1.00 14.37 ? 1554 GLU A CG  1 
ATOM   428 C CD  . GLU A 1 68  ? -1.397  10.116  -1.134  1.00 15.35 ? 1554 GLU A CD  1 
ATOM   429 O OE1 . GLU A 1 68  ? -0.166  10.213  -1.374  1.00 15.75 ? 1554 GLU A OE1 1 
ATOM   430 O OE2 . GLU A 1 68  ? -2.112  11.072  -0.716  1.00 15.21 ? 1554 GLU A OE2 1 
ATOM   431 N N   . TRP A 1 69  ? -2.880  5.702   -3.226  1.00 13.01 ? 1555 TRP A N   1 
ATOM   432 C CA  . TRP A 1 69  ? -2.746  5.471   -4.679  1.00 13.48 ? 1555 TRP A CA  1 
ATOM   433 C C   . TRP A 1 69  ? -2.712  6.772   -5.437  1.00 13.56 ? 1555 TRP A C   1 
ATOM   434 O O   . TRP A 1 69  ? -3.682  7.543   -5.408  1.00 13.53 ? 1555 TRP A O   1 
ATOM   435 C CB  . TRP A 1 69  ? -3.914  4.583   -5.140  1.00 14.09 ? 1555 TRP A CB  1 
ATOM   436 C CG  . TRP A 1 69  ? -3.977  4.260   -6.614  1.00 14.73 ? 1555 TRP A CG  1 
ATOM   437 C CD1 . TRP A 1 69  ? -2.999  4.376   -7.574  1.00 15.54 ? 1555 TRP A CD1 1 
ATOM   438 C CD2 . TRP A 1 69  ? -5.166  3.743   -7.304  1.00 15.34 ? 1555 TRP A CD2 1 
ATOM   439 N NE1 . TRP A 1 69  ? -3.482  3.961   -8.838  1.00 16.14 ? 1555 TRP A NE1 1 
ATOM   440 C CE2 . TRP A 1 69  ? -4.788  3.567   -8.707  1.00 16.04 ? 1555 TRP A CE2 1 
ATOM   441 C CE3 . TRP A 1 69  ? -6.459  3.426   -6.894  1.00 16.28 ? 1555 TRP A CE3 1 
ATOM   442 C CZ2 . TRP A 1 69  ? -5.707  3.103   -9.639  1.00 16.88 ? 1555 TRP A CZ2 1 
ATOM   443 C CZ3 . TRP A 1 69  ? -7.358  2.920   -7.854  1.00 16.65 ? 1555 TRP A CZ3 1 
ATOM   444 C CH2 . TRP A 1 69  ? -6.978  2.787   -9.177  1.00 16.66 ? 1555 TRP A CH2 1 
ATOM   445 N N   . ARG A 1 70  ? -1.575  7.092   -6.027  1.00 13.81 ? 1556 ARG A N   1 
ATOM   446 C CA  . ARG A 1 70  ? -1.389  8.308   -6.828  1.00 14.43 ? 1556 ARG A CA  1 
ATOM   447 C C   . ARG A 1 70  ? -1.676  8.012   -8.298  1.00 16.10 ? 1556 ARG A C   1 
ATOM   448 O O   . ARG A 1 70  ? -0.788  7.587   -9.066  1.00 16.63 ? 1556 ARG A O   1 
ATOM   449 C CB  . ARG A 1 70  ? 0.004   8.912   -6.631  1.00 14.54 ? 1556 ARG A CB  1 
ATOM   450 C CG  . ARG A 1 70  ? 0.260   9.264   -5.171  1.00 15.64 ? 1556 ARG A CG  1 
ATOM   451 C CD  . ARG A 1 70  ? 1.547   10.055  -4.946  1.00 17.04 ? 1556 ARG A CD  1 
ATOM   452 N NE  . ARG A 1 70  ? 1.611   10.393  -3.545  1.00 17.83 ? 1556 ARG A NE  1 
ATOM   453 C CZ  . ARG A 1 70  ? 2.560   11.126  -2.965  1.00 21.18 ? 1556 ARG A CZ  1 
ATOM   454 N NH1 . ARG A 1 70  ? 3.590   11.560  -3.663  1.00 22.49 ? 1556 ARG A NH1 1 
ATOM   455 N NH2 . ARG A 1 70  ? 2.455   11.403  -1.672  1.00 20.64 ? 1556 ARG A NH2 1 
ATOM   456 N N   . GLN A 1 71  ? -2.957  8.149   -8.668  1.00 16.81 ? 1557 GLN A N   1 
ATOM   457 C CA  . GLN A 1 71  ? -3.438  7.813   -10.018 1.00 16.72 ? 1557 GLN A CA  1 
ATOM   458 C C   . GLN A 1 71  ? -2.819  8.694   -11.098 1.00 17.11 ? 1557 GLN A C   1 
ATOM   459 O O   . GLN A 1 71  ? -2.493  9.856   -10.863 1.00 18.70 ? 1557 GLN A O   1 
ATOM   460 C CB  . GLN A 1 71  ? -4.963  8.022   -10.096 1.00 17.21 ? 1557 GLN A CB  1 
ATOM   461 C CG  . GLN A 1 71  ? -5.776  7.085   -9.261  1.00 17.53 ? 1557 GLN A CG  1 
ATOM   462 C CD  . GLN A 1 71  ? -7.259  7.168   -9.579  1.00 17.88 ? 1557 GLN A CD  1 
ATOM   463 O OE1 . GLN A 1 71  ? -7.747  8.152   -10.195 1.00 18.18 ? 1557 GLN A OE1 1 
ATOM   464 N NE2 . GLN A 1 71  ? -8.021  6.149   -9.120  1.00 16.78 ? 1557 GLN A NE2 1 
ATOM   465 N N   . GLY A 1 72  ? -2.773  8.159   -12.318 1.00 18.04 ? 1558 GLY A N   1 
ATOM   466 C CA  . GLY A 1 72  ? -2.356  8.942   -13.472 1.00 18.87 ? 1558 GLY A CA  1 
ATOM   467 C C   . GLY A 1 72  ? -3.286  10.138  -13.695 1.00 20.45 ? 1558 GLY A C   1 
ATOM   468 O O   . GLY A 1 72  ? -2.872  11.176  -14.234 1.00 23.40 ? 1558 GLY A O   1 
ATOM   469 N N   . SER A 1 73  ? -4.542  10.007  -13.259 1.00 18.43 ? 1559 SER A N   1 
ATOM   470 C CA  . SER A 1 73  ? -5.514  11.140  -13.283 1.00 18.29 ? 1559 SER A CA  1 
ATOM   471 C C   . SER A 1 73  ? -5.098  12.383  -12.468 1.00 19.16 ? 1559 SER A C   1 
ATOM   472 O O   . SER A 1 73  ? -5.676  13.472  -12.628 1.00 20.40 ? 1559 SER A O   1 
ATOM   473 C CB  . SER A 1 73  ? -6.874  10.650  -12.729 1.00 18.26 ? 1559 SER A CB  1 
ATOM   474 O OG  . SER A 1 73  ? -6.811  10.514  -11.327 1.00 16.71 ? 1559 SER A OG  1 
ATOM   475 N N   . GLY A 1 74  ? -4.140  12.202  -11.546 1.00 18.62 ? 1560 GLY A N   1 
ATOM   476 C CA  . GLY A 1 74  ? -3.823  13.208  -10.550 1.00 18.86 ? 1560 GLY A CA  1 
ATOM   477 C C   . GLY A 1 74  ? -4.536  13.062  -9.217  1.00 18.09 ? 1560 GLY A C   1 
ATOM   478 O O   . GLY A 1 74  ? -4.150  13.718  -8.224  1.00 19.96 ? 1560 GLY A O   1 
ATOM   479 N N   . ALA A 1 75  ? -5.555  12.214  -9.148  1.00 17.17 ? 1561 ALA A N   1 
ATOM   480 C CA  . ALA A 1 75  ? -6.250  11.913  -7.882  1.00 16.36 ? 1561 ALA A CA  1 
ATOM   481 C C   . ALA A 1 75  ? -5.315  11.144  -6.974  1.00 16.25 ? 1561 ALA A C   1 
ATOM   482 O O   . ALA A 1 75  ? -4.532  10.327  -7.468  1.00 16.67 ? 1561 ALA A O   1 
ATOM   483 C CB  . ALA A 1 75  ? -7.495  11.070  -8.141  1.00 17.22 ? 1561 ALA A CB  1 
ATOM   484 N N   . ARG A 1 76  ? -5.435  11.362  -5.666  1.00 15.17 ? 1562 ARG A N   1 
ATOM   485 C CA  . ARG A 1 76  ? -4.702  10.586  -4.629  1.00 16.63 ? 1562 ARG A CA  1 
ATOM   486 C C   . ARG A 1 76  ? -5.698  9.966   -3.669  1.00 17.29 ? 1562 ARG A C   1 
ATOM   487 O O   . ARG A 1 76  ? -6.418  10.701  -2.945  1.00 20.74 ? 1562 ARG A O   1 
ATOM   488 C CB  . ARG A 1 76  ? -3.672  11.460  -3.906  1.00 15.15 ? 1562 ARG A CB  1 
ATOM   489 C CG  . ARG A 1 76  ? -2.634  12.037  -4.818  1.00 15.42 ? 1562 ARG A CG  1 
ATOM   490 C CD  . ARG A 1 76  ? -1.509  12.685  -4.041  1.00 16.78 ? 1562 ARG A CD  1 
ATOM   491 N NE  . ARG A 1 76  ? -0.508  13.263  -4.921  1.00 18.15 ? 1562 ARG A NE  1 
ATOM   492 C CZ  . ARG A 1 76  ? 0.586   13.884  -4.479  1.00 18.84 ? 1562 ARG A CZ  1 
ATOM   493 N NH1 . ARG A 1 76  ? 0.775   14.027  -3.174  1.00 20.32 ? 1562 ARG A NH1 1 
ATOM   494 N NH2 . ARG A 1 76  ? 1.473   14.366  -5.341  1.00 22.26 ? 1562 ARG A NH2 1 
ATOM   495 N N   . MET A 1 77  ? -5.828  8.642   -3.723  1.00 17.65 ? 1563 MET A N   1 
ATOM   496 C CA  . MET A 1 77  ? -6.849  7.913   -3.020  1.00 18.71 ? 1563 MET A CA  1 
ATOM   497 C C   . MET A 1 77  ? -6.257  7.049   -1.894  1.00 17.06 ? 1563 MET A C   1 
ATOM   498 O O   . MET A 1 77  ? -5.300  6.296   -2.119  1.00 16.11 ? 1563 MET A O   1 
ATOM   499 C CB  . MET A 1 77  ? -7.643  7.034   -4.025  1.00 22.66 ? 1563 MET A CB  1 
ATOM   500 C CG  . MET A 1 77  ? -8.325  7.830   -5.164  1.00 30.35 ? 1563 MET A CG  1 
ATOM   501 S SD  . MET A 1 77  ? -9.412  6.747   -6.093  1.00 40.81 ? 1563 MET A SD  1 
ATOM   502 C CE  . MET A 1 77  ? -9.509  5.329   -4.987  1.00 32.32 ? 1563 MET A CE  1 
ATOM   503 N N   . ILE A 1 78  ? -6.866  7.088   -0.722  1.00 15.97 ? 1564 ILE A N   1 
ATOM   504 C CA  . ILE A 1 78  ? -6.447  6.212   0.387   1.00 14.77 ? 1564 ILE A CA  1 
ATOM   505 C C   . ILE A 1 78  ? -7.143  4.857   0.324   1.00 14.87 ? 1564 ILE A C   1 
ATOM   506 O O   . ILE A 1 78  ? -8.369  4.756   0.250   1.00 14.89 ? 1564 ILE A O   1 
ATOM   507 C CB  . ILE A 1 78  ? -6.661  6.886   1.761   1.00 15.87 ? 1564 ILE A CB  1 
ATOM   508 C CG1 . ILE A 1 78  ? -5.822  8.185   1.866   1.00 17.19 ? 1564 ILE A CG1 1 
ATOM   509 C CG2 . ILE A 1 78  ? -6.355  5.901   2.881   1.00 15.88 ? 1564 ILE A CG2 1 
ATOM   510 C CD1 . ILE A 1 78  ? -4.299  8.016   1.821   1.00 16.71 ? 1564 ILE A CD1 1 
ATOM   511 N N   . LEU A 1 79  ? -6.342  3.790   0.267   1.00 13.64 ? 1565 LEU A N   1 
ATOM   512 C CA  . LEU A 1 79  ? -6.812  2.424   0.249   1.00 13.76 ? 1565 LEU A CA  1 
ATOM   513 C C   . LEU A 1 79  ? -6.567  1.805   1.604   1.00 13.94 ? 1565 LEU A C   1 
ATOM   514 O O   . LEU A 1 79  ? -5.554  2.119   2.265   1.00 14.01 ? 1565 LEU A O   1 
ATOM   515 C CB  . LEU A 1 79  ? -6.048  1.655   -0.863  1.00 12.46 ? 1565 LEU A CB  1 
ATOM   516 C CG  . LEU A 1 79  ? -5.951  2.273   -2.255  1.00 14.13 ? 1565 LEU A CG  1 
ATOM   517 C CD1 . LEU A 1 79  ? -5.248  1.304   -3.215  1.00 14.81 ? 1565 LEU A CD1 1 
ATOM   518 C CD2 . LEU A 1 79  ? -7.363  2.649   -2.766  1.00 13.95 ? 1565 LEU A CD2 1 
ATOM   519 N N   . GLN A 1 80  ? -7.501  0.976   2.063   1.00 13.83 ? 1566 GLN A N   1 
ATOM   520 C CA  . GLN A 1 80  ? -7.410  0.333   3.342   1.00 13.88 ? 1566 GLN A CA  1 
ATOM   521 C C   . GLN A 1 80  ? -8.202  -0.960  3.384   1.00 14.65 ? 1566 GLN A C   1 
ATOM   522 O O   . GLN A 1 80  ? -8.941  -1.266  2.451   1.00 14.35 ? 1566 GLN A O   1 
ATOM   523 C CB  . GLN A 1 80  ? -7.863  1.290   4.478   1.00 15.83 ? 1566 GLN A CB  1 
ATOM   524 C CG  . GLN A 1 80  ? -9.299  1.745   4.341   1.00 15.48 ? 1566 GLN A CG  1 
ATOM   525 C CD  . GLN A 1 80  ? -9.708  2.719   5.457   1.00 16.30 ? 1566 GLN A CD  1 
ATOM   526 O OE1 . GLN A 1 80  ? -9.495  2.451   6.665   1.00 17.40 ? 1566 GLN A OE1 1 
ATOM   527 N NE2 . GLN A 1 80  ? -10.383 3.775   5.073   1.00 15.54 ? 1566 GLN A NE2 1 
ATOM   528 N N   . ASP A 1 81  ? -8.023  -1.724  4.436   1.00 15.97 ? 1567 ASP A N   1 
ATOM   529 C CA  . ASP A 1 81  ? -8.661  -3.056  4.572   1.00 16.30 ? 1567 ASP A CA  1 
ATOM   530 C C   . ASP A 1 81  ? -10.215 -2.962  4.563   1.00 17.27 ? 1567 ASP A C   1 
ATOM   531 O O   . ASP A 1 81  ? -10.884 -3.818  3.999   1.00 17.31 ? 1567 ASP A O   1 
ATOM   532 C CB  . ASP A 1 81  ? -8.266  -3.744  5.864   1.00 16.56 ? 1567 ASP A CB  1 
ATOM   533 C CG  . ASP A 1 81  ? -6.829  -4.306  5.872   1.00 17.76 ? 1567 ASP A CG  1 
ATOM   534 O OD1 . ASP A 1 81  ? -6.164  -4.363  4.817   1.00 16.05 ? 1567 ASP A OD1 1 
ATOM   535 O OD2 . ASP A 1 81  ? -6.410  -4.699  6.983   1.00 19.59 ? 1567 ASP A OD2 1 
ATOM   536 N N   . GLU A 1 82  ? -10.763 -1.920  5.191   1.00 17.15 ? 1568 GLU A N   1 
ATOM   537 C CA  . GLU A 1 82  ? -12.222 -1.728  5.252   1.00 19.47 ? 1568 GLU A CA  1 
ATOM   538 C C   . GLU A 1 82  ? -12.608 -0.277  5.060   1.00 18.17 ? 1568 GLU A C   1 
ATOM   539 O O   . GLU A 1 82  ? -12.106 0.607   5.766   1.00 17.53 ? 1568 GLU A O   1 
ATOM   540 C CB  . GLU A 1 82  ? -12.776 -2.245  6.575   1.00 22.57 ? 1568 GLU A CB  1 
ATOM   541 C CG  . GLU A 1 82  ? -14.314 -2.237  6.621   1.00 26.74 ? 1568 GLU A CG  1 
ATOM   542 C CD  . GLU A 1 82  ? -14.878 -2.684  7.961   1.00 33.30 ? 1568 GLU A CD  1 
ATOM   543 O OE1 . GLU A 1 82  ? -14.222 -3.487  8.651   1.00 34.81 ? 1568 GLU A OE1 1 
ATOM   544 O OE2 . GLU A 1 82  ? -16.000 -2.210  8.311   1.00 41.06 ? 1568 GLU A OE2 1 
ATOM   545 N N   . ASP A 1 83  ? -13.505 -0.042  4.096   1.00 17.49 ? 1569 ASP A N   1 
ATOM   546 C CA  . ASP A 1 83  ? -14.035 1.294   3.846   1.00 17.71 ? 1569 ASP A CA  1 
ATOM   547 C C   . ASP A 1 83  ? -15.423 1.209   3.224   1.00 17.94 ? 1569 ASP A C   1 
ATOM   548 O O   . ASP A 1 83  ? -16.039 0.133   3.281   1.00 18.43 ? 1569 ASP A O   1 
ATOM   549 C CB  . ASP A 1 83  ? -13.026 2.147   3.058   1.00 17.80 ? 1569 ASP A CB  1 
ATOM   550 C CG  . ASP A 1 83  ? -12.830 1.706   1.640   1.00 17.86 ? 1569 ASP A CG  1 
ATOM   551 O OD1 . ASP A 1 83  ? -13.551 0.807   1.171   1.00 16.78 ? 1569 ASP A OD1 1 
ATOM   552 O OD2 . ASP A 1 83  ? -11.949 2.335   0.969   1.00 18.25 ? 1569 ASP A OD2 1 
ATOM   553 N N   . ILE A 1 84  ? -15.937 2.330   2.702   1.00 18.54 ? 1570 ILE A N   1 
ATOM   554 C CA  . ILE A 1 84  ? -17.289 2.359   2.111   1.00 19.90 ? 1570 ILE A CA  1 
ATOM   555 C C   . ILE A 1 84  ? -17.443 1.458   0.856   1.00 21.79 ? 1570 ILE A C   1 
ATOM   556 O O   . ILE A 1 84  ? -18.584 1.086   0.470   1.00 22.48 ? 1570 ILE A O   1 
ATOM   557 C CB  . ILE A 1 84  ? -17.724 3.832   1.860   1.00 21.38 ? 1570 ILE A CB  1 
ATOM   558 C CG1 . ILE A 1 84  ? -19.267 3.969   1.686   1.00 22.22 ? 1570 ILE A CG1 1 
ATOM   559 C CG2 . ILE A 1 84  ? -16.997 4.391   0.630   1.00 21.25 ? 1570 ILE A CG2 1 
ATOM   560 C CD1 . ILE A 1 84  ? -20.094 3.407   2.822   1.00 23.40 ? 1570 ILE A CD1 1 
ATOM   561 N N   . THR A 1 85  ? -16.321 1.046   0.259   1.00 19.37 ? 1571 THR A N   1 
ATOM   562 C CA  . THR A 1 85  ? -16.348 0.149   -0.910  1.00 20.38 ? 1571 THR A CA  1 
ATOM   563 C C   . THR A 1 85  ? -16.401 -1.361  -0.571  1.00 20.21 ? 1571 THR A C   1 
ATOM   564 O O   . THR A 1 85  ? -16.593 -2.165  -1.473  1.00 22.27 ? 1571 THR A O   1 
ATOM   565 C CB  . THR A 1 85  ? -15.155 0.414   -1.859  1.00 21.86 ? 1571 THR A CB  1 
ATOM   566 O OG1 . THR A 1 85  ? -13.956 -0.114  -1.286  1.00 20.83 ? 1571 THR A OG1 1 
ATOM   567 C CG2 . THR A 1 85  ? -14.990 1.906   -2.215  1.00 22.90 ? 1571 THR A CG2 1 
ATOM   568 N N   . THR A 1 86  ? -16.215 -1.709  0.687   1.00 20.39 ? 1572 THR A N   1 
ATOM   569 C CA  . THR A 1 86  ? -16.257 -3.089  1.161   1.00 22.94 ? 1572 THR A CA  1 
ATOM   570 C C   . THR A 1 86  ? -17.729 -3.555  1.108   1.00 29.14 ? 1572 THR A C   1 
ATOM   571 O O   . THR A 1 86  ? -18.615 -2.832  1.553   1.00 29.98 ? 1572 THR A O   1 
ATOM   572 C CB  . THR A 1 86  ? -15.700 -3.179  2.593   1.00 21.78 ? 1572 THR A CB  1 
ATOM   573 O OG1 . THR A 1 86  ? -14.377 -2.566  2.635   1.00 19.03 ? 1572 THR A OG1 1 
ATOM   574 C CG2 . THR A 1 86  ? -15.638 -4.619  3.084   1.00 22.48 ? 1572 THR A CG2 1 
ATOM   575 N N   . LYS A 1 87  ? -17.977 -4.735  0.552   1.00 37.45 ? 1573 LYS A N   1 
ATOM   576 C CA  . LYS A 1 87  ? -19.345 -5.310  0.565   1.00 40.78 ? 1573 LYS A CA  1 
ATOM   577 C C   . LYS A 1 87  ? -19.520 -6.243  1.780   1.00 44.52 ? 1573 LYS A C   1 
ATOM   578 O O   . LYS A 1 87  ? -18.629 -7.033  2.093   1.00 43.32 ? 1573 LYS A O   1 
ATOM   579 C CB  . LYS A 1 87  ? -19.638 -6.054  -0.752  1.00 43.65 ? 1573 LYS A CB  1 
ATOM   580 C CG  . LYS A 1 87  ? -20.038 -5.145  -1.911  1.00 45.46 ? 1573 LYS A CG  1 
ATOM   581 C CD  . LYS A 1 87  ? -18.841 -4.452  -2.564  1.00 47.19 ? 1573 LYS A CD  1 
ATOM   582 C CE  . LYS A 1 87  ? -19.198 -3.048  -3.056  1.00 47.69 ? 1573 LYS A CE  1 
ATOM   583 N NZ  . LYS A 1 87  ? -18.054 -2.316  -3.699  1.00 44.79 ? 1573 LYS A NZ  1 
ATOM   584 N N   . ILE A 1 88  ? -20.665 -6.128  2.463   1.00 48.22 ? 1574 ILE A N   1 
ATOM   585 C CA  . ILE A 1 88  ? -20.964 -6.945  3.657   1.00 51.40 ? 1574 ILE A CA  1 
ATOM   586 C C   . ILE A 1 88  ? -21.330 -8.388  3.290   1.00 56.24 ? 1574 ILE A C   1 
ATOM   587 O O   . ILE A 1 88  ? -22.435 -8.664  2.820   1.00 61.50 ? 1574 ILE A O   1 
ATOM   588 C CB  . ILE A 1 88  ? -22.114 -6.344  4.498   1.00 49.25 ? 1574 ILE A CB  1 
ATOM   589 N N   . TRP A 1 92  ? -20.470 -11.151 7.036   1.00 61.11 ? 1578 TRP A N   1 
ATOM   590 C CA  . TRP A 1 92  ? -19.076 -11.400 6.661   1.00 58.38 ? 1578 TRP A CA  1 
ATOM   591 C C   . TRP A 1 92  ? -18.605 -10.372 5.661   1.00 56.35 ? 1578 TRP A C   1 
ATOM   592 O O   . TRP A 1 92  ? -19.168 -10.260 4.570   1.00 59.25 ? 1578 TRP A O   1 
ATOM   593 C CB  . TRP A 1 92  ? -18.916 -12.811 6.085   1.00 57.83 ? 1578 TRP A CB  1 
ATOM   594 N N   . LYS A 1 93  ? -17.584 -9.596  6.034   1.00 52.47 ? 1579 LYS A N   1 
ATOM   595 C CA  . LYS A 1 93  ? -16.938 -8.642  5.110   1.00 48.01 ? 1579 LYS A CA  1 
ATOM   596 C C   . LYS A 1 93  ? -15.548 -9.170  4.733   1.00 44.80 ? 1579 LYS A C   1 
ATOM   597 O O   . LYS A 1 93  ? -14.753 -9.485  5.623   1.00 48.18 ? 1579 LYS A O   1 
ATOM   598 C CB  . LYS A 1 93  ? -16.840 -7.233  5.735   1.00 45.89 ? 1579 LYS A CB  1 
ATOM   599 C CG  . LYS A 1 93  ? -16.114 -7.156  7.072   1.00 44.63 ? 1579 LYS A CG  1 
ATOM   600 N N   . ARG A 1 94  ? -15.274 -9.299  3.429   1.00 38.03 ? 1580 ARG A N   1 
ATOM   601 C CA  . ARG A 1 94  ? -13.930 -9.660  2.944   1.00 33.98 ? 1580 ARG A CA  1 
ATOM   602 C C   . ARG A 1 94  ? -13.053 -8.424  3.049   1.00 29.26 ? 1580 ARG A C   1 
ATOM   603 O O   . ARG A 1 94  ? -13.484 -7.338  2.723   1.00 26.12 ? 1580 ARG A O   1 
ATOM   604 C CB  . ARG A 1 94  ? -13.954 -10.113 1.488   1.00 34.04 ? 1580 ARG A CB  1 
ATOM   605 N N   . LEU A 1 95  ? -11.824 -8.589  3.514   1.00 23.85 ? 1581 LEU A N   1 
ATOM   606 C CA  . LEU A 1 95  ? -10.901 -7.469  3.571   1.00 22.98 ? 1581 LEU A CA  1 
ATOM   607 C C   . LEU A 1 95  ? -10.482 -7.038  2.173   1.00 21.00 ? 1581 LEU A C   1 
ATOM   608 O O   . LEU A 1 95  ? -10.292 -7.866  1.253   1.00 20.79 ? 1581 LEU A O   1 
ATOM   609 C CB  . LEU A 1 95  ? -9.687  -7.804  4.451   1.00 24.40 ? 1581 LEU A CB  1 
ATOM   610 C CG  . LEU A 1 95  ? -9.989  -8.097  5.940   1.00 26.69 ? 1581 LEU A CG  1 
ATOM   611 C CD1 . LEU A 1 95  ? -8.708  -8.052  6.758   1.00 29.89 ? 1581 LEU A CD1 1 
ATOM   612 C CD2 . LEU A 1 95  ? -10.995 -7.105  6.523   1.00 27.27 ? 1581 LEU A CD2 1 
ATOM   613 N N   . ASN A 1 96  ? -10.324 -5.728  1.984   1.00 17.67 ? 1582 ASN A N   1 
ATOM   614 C CA  . ASN A 1 96  ? -10.044 -5.165  0.687   1.00 16.64 ? 1582 ASN A CA  1 
ATOM   615 C C   . ASN A 1 96  ? -8.594  -5.533  0.237   1.00 16.31 ? 1582 ASN A C   1 
ATOM   616 O O   . ASN A 1 96  ? -7.695  -5.549  1.066   1.00 16.74 ? 1582 ASN A O   1 
ATOM   617 C CB  . ASN A 1 96  ? -10.150 -3.633  0.726   1.00 16.45 ? 1582 ASN A CB  1 
ATOM   618 C CG  . ASN A 1 96  ? -11.564 -3.094  0.945   1.00 17.45 ? 1582 ASN A CG  1 
ATOM   619 O OD1 . ASN A 1 96  ? -12.610 -3.799  0.891   1.00 17.39 ? 1582 ASN A OD1 1 
ATOM   620 N ND2 . ASN A 1 96  ? -11.605 -1.810  1.241   1.00 16.82 ? 1582 ASN A ND2 1 
ATOM   621 N N   . THR A 1 97  ? -8.411  -5.764  -1.061  1.00 16.12 ? 1583 THR A N   1 
ATOM   622 C CA  . THR A 1 97  ? -7.148  -6.115  -1.694  1.00 15.14 ? 1583 THR A CA  1 
ATOM   623 C C   . THR A 1 97  ? -6.903  -5.153  -2.858  1.00 15.02 ? 1583 THR A C   1 
ATOM   624 O O   . THR A 1 97  ? -7.796  -4.329  -3.218  1.00 14.22 ? 1583 THR A O   1 
ATOM   625 C CB  . THR A 1 97  ? -7.223  -7.541  -2.296  1.00 15.97 ? 1583 THR A CB  1 
ATOM   626 O OG1 . THR A 1 97  ? -8.223  -7.522  -3.345  1.00 15.93 ? 1583 THR A OG1 1 
ATOM   627 C CG2 . THR A 1 97  ? -7.567  -8.573  -1.216  1.00 16.13 ? 1583 THR A CG2 1 
ATOM   628 N N   . LEU A 1 98  ? -5.748  -5.199  -3.506  1.00 14.20 ? 1584 LEU A N   1 
ATOM   629 C CA  . LEU A 1 98  ? -5.515  -4.367  -4.665  1.00 15.73 ? 1584 LEU A CA  1 
ATOM   630 C C   . LEU A 1 98  ? -6.471  -4.760  -5.813  1.00 16.81 ? 1584 LEU A C   1 
ATOM   631 O O   . LEU A 1 98  ? -6.860  -3.915  -6.623  1.00 18.05 ? 1584 LEU A O   1 
ATOM   632 C CB  . LEU A 1 98  ? -4.063  -4.401  -5.141  1.00 15.79 ? 1584 LEU A CB  1 
ATOM   633 C CG  . LEU A 1 98  ? -3.038  -3.735  -4.193  1.00 16.40 ? 1584 LEU A CG  1 
ATOM   634 C CD1 . LEU A 1 98  ? -1.628  -4.111  -4.575  1.00 17.52 ? 1584 LEU A CD1 1 
ATOM   635 C CD2 . LEU A 1 98  ? -3.195  -2.222  -4.147  1.00 16.11 ? 1584 LEU A CD2 1 
ATOM   636 N N   . ALA A 1 99  ? -6.785  -6.062  -5.916  1.00 17.03 ? 1585 ALA A N   1 
ATOM   637 C CA  . ALA A 1 99  ? -7.735  -6.530  -6.956  1.00 17.46 ? 1585 ALA A CA  1 
ATOM   638 C C   . ALA A 1 99  ? -9.105  -5.925  -6.720  1.00 17.26 ? 1585 ALA A C   1 
ATOM   639 O O   . ALA A 1 99  ? -9.786  -5.549  -7.684  1.00 18.88 ? 1585 ALA A O   1 
ATOM   640 C CB  . ALA A 1 99  ? -7.803  -8.060  -6.988  1.00 17.80 ? 1585 ALA A CB  1 
ATOM   641 N N   . HIS A 1 100 ? -9.514  -5.838  -5.461  1.00 16.61 ? 1586 HIS A N   1 
ATOM   642 C CA  . HIS A 1 100 ? -10.777 -5.155  -5.093  1.00 16.73 ? 1586 HIS A CA  1 
ATOM   643 C C   . HIS A 1 100 ? -10.860 -3.754  -5.636  1.00 18.23 ? 1586 HIS A C   1 
ATOM   644 O O   . HIS A 1 100 ? -11.921 -3.316  -6.186  1.00 18.06 ? 1586 HIS A O   1 
ATOM   645 C CB  . HIS A 1 100 ? -10.909 -5.156  -3.586  1.00 16.96 ? 1586 HIS A CB  1 
ATOM   646 C CG  . HIS A 1 100 ? -12.040 -4.315  -3.066  1.00 18.52 ? 1586 HIS A CG  1 
ATOM   647 N ND1 . HIS A 1 100 ? -13.333 -4.769  -3.018  1.00 20.01 ? 1586 HIS A ND1 1 
ATOM   648 C CD2 . HIS A 1 100 ? -12.050 -3.021  -2.557  1.00 19.00 ? 1586 HIS A CD2 1 
ATOM   649 C CE1 . HIS A 1 100 ? -14.121 -3.787  -2.489  1.00 19.85 ? 1586 HIS A CE1 1 
ATOM   650 N NE2 . HIS A 1 100 ? -13.347 -2.723  -2.213  1.00 19.05 ? 1586 HIS A NE2 1 
ATOM   651 N N   . TYR A 1 101 ? -9.770  -3.017  -5.519  1.00 17.53 ? 1587 TYR A N   1 
ATOM   652 C CA  . TYR A 1 101 ? -9.715  -1.631  -5.999  1.00 16.50 ? 1587 TYR A CA  1 
ATOM   653 C C   . TYR A 1 101 ? -9.339  -1.458  -7.476  1.00 17.78 ? 1587 TYR A C   1 
ATOM   654 O O   . TYR A 1 101 ? -9.322  -0.348  -7.996  1.00 18.27 ? 1587 TYR A O   1 
ATOM   655 C CB  . TYR A 1 101 ? -8.736  -0.821  -5.136  1.00 16.44 ? 1587 TYR A CB  1 
ATOM   656 C CG  . TYR A 1 101 ? -9.156  -0.499  -3.704  1.00 15.59 ? 1587 TYR A CG  1 
ATOM   657 C CD1 . TYR A 1 101 ? -10.148 0.467   -3.430  1.00 15.86 ? 1587 TYR A CD1 1 
ATOM   658 C CD2 . TYR A 1 101 ? -8.491  -1.045  -2.619  1.00 15.17 ? 1587 TYR A CD2 1 
ATOM   659 C CE1 . TYR A 1 101 ? -10.464 0.795   -2.129  1.00 14.57 ? 1587 TYR A CE1 1 
ATOM   660 C CE2 . TYR A 1 101 ? -8.790  -0.735  -1.307  1.00 14.85 ? 1587 TYR A CE2 1 
ATOM   661 C CZ  . TYR A 1 101 ? -9.768  0.232   -1.052  1.00 14.69 ? 1587 TYR A CZ  1 
ATOM   662 O OH  . TYR A 1 101 ? -10.064 0.625   0.220   1.00 15.49 ? 1587 TYR A OH  1 
ATOM   663 N N   . GLN A 1 102 ? -9.028  -2.582  -8.154  1.00 17.62 ? 1588 GLN A N   1 
ATOM   664 C CA  . GLN A 1 102 ? -8.670  -2.595  -9.551  1.00 17.46 ? 1588 GLN A CA  1 
ATOM   665 C C   . GLN A 1 102 ? -7.452  -1.727  -9.840  1.00 16.71 ? 1588 GLN A C   1 
ATOM   666 O O   . GLN A 1 102 ? -7.354  -1.005  -10.842 1.00 18.00 ? 1588 GLN A O   1 
ATOM   667 C CB  . GLN A 1 102 ? -9.895  -2.234  -10.433 1.00 20.00 ? 1588 GLN A CB  1 
ATOM   668 C CG  . GLN A 1 102 ? -11.020 -3.228  -10.288 1.00 21.81 ? 1588 GLN A CG  1 
ATOM   669 C CD  . GLN A 1 102 ? -12.181 -2.904  -11.222 1.00 25.48 ? 1588 GLN A CD  1 
ATOM   670 O OE1 . GLN A 1 102 ? -12.722 -1.822  -11.166 1.00 29.83 ? 1588 GLN A OE1 1 
ATOM   671 N NE2 . GLN A 1 102 ? -12.550 -3.852  -12.096 1.00 30.93 ? 1588 GLN A NE2 1 
ATOM   672 N N   . VAL A 1 103 ? -6.427  -1.871  -8.968  1.00 15.74 ? 1589 VAL A N   1 
ATOM   673 C CA  . VAL A 1 103 ? -5.197  -1.124  -9.142  1.00 16.05 ? 1589 VAL A CA  1 
ATOM   674 C C   . VAL A 1 103 ? -4.333  -1.773  -10.233 1.00 16.77 ? 1589 VAL A C   1 
ATOM   675 O O   . VAL A 1 103 ? -4.004  -2.926  -10.109 1.00 18.07 ? 1589 VAL A O   1 
ATOM   676 C CB  . VAL A 1 103 ? -4.405  -1.041  -7.815  1.00 15.99 ? 1589 VAL A CB  1 
ATOM   677 C CG1 . VAL A 1 103 ? -3.098  -0.322  -8.043  1.00 17.34 ? 1589 VAL A CG1 1 
ATOM   678 C CG2 . VAL A 1 103 ? -5.259  -0.323  -6.747  1.00 15.55 ? 1589 VAL A CG2 1 
ATOM   679 N N   . PRO A 1 104 ? -4.005  -1.029  -11.312 1.00 17.57 ? 1590 PRO A N   1 
ATOM   680 C CA  . PRO A 1 104 ? -3.197  -1.574  -12.400 1.00 18.52 ? 1590 PRO A CA  1 
ATOM   681 C C   . PRO A 1 104 ? -1.762  -1.838  -12.025 1.00 18.11 ? 1590 PRO A C   1 
ATOM   682 O O   . PRO A 1 104 ? -1.217  -1.155  -11.139 1.00 16.91 ? 1590 PRO A O   1 
ATOM   683 C CB  . PRO A 1 104 ? -3.212  -0.469  -13.455 1.00 19.52 ? 1590 PRO A CB  1 
ATOM   684 C CG  . PRO A 1 104 ? -4.379  0.386   -13.156 1.00 19.75 ? 1590 PRO A CG  1 
ATOM   685 C CD  . PRO A 1 104 ? -4.604  0.279   -11.663 1.00 17.82 ? 1590 PRO A CD  1 
ATOM   686 N N   . ASP A 1 105 ? -1.130  -2.799  -12.711 1.00 19.06 ? 1591 ASP A N   1 
ATOM   687 C CA  . ASP A 1 105 ? 0.287   -3.029  -12.517 1.00 18.76 ? 1591 ASP A CA  1 
ATOM   688 C C   . ASP A 1 105 ? 1.052   -1.753  -12.840 1.00 18.34 ? 1591 ASP A C   1 
ATOM   689 O O   . ASP A 1 105 ? 0.698   -1.008  -13.793 1.00 19.37 ? 1591 ASP A O   1 
ATOM   690 C CB  . ASP A 1 105 ? 0.770   -4.182  -13.425 1.00 20.20 ? 1591 ASP A CB  1 
ATOM   691 C CG  . ASP A 1 105 ? 2.294   -4.418  -13.336 1.00 23.09 ? 1591 ASP A CG  1 
ATOM   692 O OD1 . ASP A 1 105 ? 2.745   -5.042  -12.393 1.00 22.22 ? 1591 ASP A OD1 1 
ATOM   693 O OD2 . ASP A 1 105 ? 3.045   -3.963  -14.240 1.00 28.77 ? 1591 ASP A OD2 1 
ATOM   694 N N   . GLY A 1 106 ? 2.081   -1.442  -12.034 1.00 17.70 ? 1592 GLY A N   1 
ATOM   695 C CA  . GLY A 1 106 ? 2.881   -0.273  -12.228 1.00 17.34 ? 1592 GLY A CA  1 
ATOM   696 C C   . GLY A 1 106 ? 2.373   1.028   -11.615 1.00 17.61 ? 1592 GLY A C   1 
ATOM   697 O O   . GLY A 1 106 ? 3.021   2.074   -11.720 1.00 18.38 ? 1592 GLY A O   1 
ATOM   698 N N   . SER A 1 107 ? 1.240   0.957   -10.946 1.00 16.00 ? 1593 SER A N   1 
ATOM   699 C CA  . SER A 1 107 ? 0.675   2.148   -10.272 1.00 15.77 ? 1593 SER A CA  1 
ATOM   700 C C   . SER A 1 107 ? 1.663   2.732   -9.247  1.00 16.73 ? 1593 SER A C   1 
ATOM   701 O O   . SER A 1 107 ? 2.384   1.999   -8.540  1.00 17.03 ? 1593 SER A O   1 
ATOM   702 C CB  . SER A 1 107 ? -0.619  1.758   -9.562  1.00 16.30 ? 1593 SER A CB  1 
ATOM   703 O OG  . SER A 1 107 ? -1.629  1.369   -10.500 1.00 16.43 ? 1593 SER A OG  1 
ATOM   704 N N   . VAL A 1 108 ? 1.609   4.060   -9.121  1.00 14.32 ? 1594 VAL A N   1 
ATOM   705 C CA  . VAL A 1 108 ? 2.429   4.827   -8.164  1.00 15.10 ? 1594 VAL A CA  1 
ATOM   706 C C   . VAL A 1 108 ? 1.685   4.906   -6.839  1.00 14.49 ? 1594 VAL A C   1 
ATOM   707 O O   . VAL A 1 108 ? 0.494   5.217   -6.800  1.00 13.90 ? 1594 VAL A O   1 
ATOM   708 C CB  . VAL A 1 108 ? 2.725   6.255   -8.656  1.00 15.78 ? 1594 VAL A CB  1 
ATOM   709 C CG1 . VAL A 1 108 ? 3.558   7.042   -7.612  1.00 17.17 ? 1594 VAL A CG1 1 
ATOM   710 C CG2 . VAL A 1 108 ? 3.447   6.235   -10.002 1.00 16.99 ? 1594 VAL A CG2 1 
ATOM   711 N N   . VAL A 1 109 ? 2.380   4.624   -5.737  1.00 13.81 ? 1595 VAL A N   1 
ATOM   712 C CA  . VAL A 1 109 ? 1.804   4.624   -4.400  1.00 13.59 ? 1595 VAL A CA  1 
ATOM   713 C C   . VAL A 1 109 ? 2.760   5.282   -3.424  1.00 13.92 ? 1595 VAL A C   1 
ATOM   714 O O   . VAL A 1 109 ? 3.973   5.380   -3.722  1.00 14.97 ? 1595 VAL A O   1 
ATOM   715 C CB  . VAL A 1 109 ? 1.430   3.224   -3.852  1.00 13.91 ? 1595 VAL A CB  1 
ATOM   716 C CG1 . VAL A 1 109 ? 0.449   2.497   -4.783  1.00 13.60 ? 1595 VAL A CG1 1 
ATOM   717 C CG2 . VAL A 1 109 ? 2.698   2.371   -3.624  1.00 13.11 ? 1595 VAL A CG2 1 
ATOM   718 N N   . ALA A 1 110 ? 2.205   5.779   -2.311  1.00 13.92 ? 1596 ALA A N   1 
ATOM   719 C CA  . ALA A 1 110 ? 2.999   6.329   -1.196  1.00 13.45 ? 1596 ALA A CA  1 
ATOM   720 C C   . ALA A 1 110 ? 2.439   5.841   0.111   1.00 14.82 ? 1596 ALA A C   1 
ATOM   721 O O   . ALA A 1 110 ? 1.272   5.440   0.211   1.00 15.44 ? 1596 ALA A O   1 
ATOM   722 C CB  . ALA A 1 110 ? 2.973   7.872   -1.216  1.00 14.01 ? 1596 ALA A CB  1 
ATOM   723 N N   . LEU A 1 111 ? 3.284   5.788   1.147   1.00 14.56 ? 1597 LEU A N   1 
ATOM   724 C CA  . LEU A 1 111 ? 2.805   5.539   2.481   1.00 15.23 ? 1597 LEU A CA  1 
ATOM   725 C C   . LEU A 1 111 ? 2.734   6.886   3.234   1.00 15.70 ? 1597 LEU A C   1 
ATOM   726 O O   . LEU A 1 111 ? 3.705   7.689   3.225   1.00 17.21 ? 1597 LEU A O   1 
ATOM   727 C CB  . LEU A 1 111 ? 3.720   4.568   3.248   1.00 16.37 ? 1597 LEU A CB  1 
ATOM   728 C CG  . LEU A 1 111 ? 3.816   3.164   2.677   1.00 17.15 ? 1597 LEU A CG  1 
ATOM   729 C CD1 . LEU A 1 111 ? 4.746   2.334   3.570   1.00 20.29 ? 1597 LEU A CD1 1 
ATOM   730 C CD2 . LEU A 1 111 ? 2.415   2.522   2.590   1.00 17.19 ? 1597 LEU A CD2 1 
ATOM   731 N N   . VAL A 1 112 ? 1.583   7.136   3.833   1.00 15.22 ? 1598 VAL A N   1 
ATOM   732 C CA  . VAL A 1 112 ? 1.235   8.394   4.518   1.00 15.23 ? 1598 VAL A CA  1 
ATOM   733 C C   . VAL A 1 112 ? 0.981   8.142   5.988   1.00 14.67 ? 1598 VAL A C   1 
ATOM   734 O O   . VAL A 1 112 ? 0.231   7.267   6.382   1.00 15.02 ? 1598 VAL A O   1 
ATOM   735 C CB  . VAL A 1 112 ? -0.015  9.043   3.850   1.00 14.49 ? 1598 VAL A CB  1 
ATOM   736 C CG1 . VAL A 1 112 ? -0.400  10.360  4.551   1.00 15.67 ? 1598 VAL A CG1 1 
ATOM   737 C CG2 . VAL A 1 112 ? 0.255   9.300   2.389   1.00 15.96 ? 1598 VAL A CG2 1 
ATOM   738 N N   . SER A 1 113 ? 1.621   8.941   6.854   1.00 16.38 ? 1599 SER A N   1 
ATOM   739 C CA  . SER A 1 113 ? 1.387   8.796   8.274   1.00 17.28 ? 1599 SER A CA  1 
ATOM   740 C C   . SER A 1 113 ? -0.038  9.202   8.700   1.00 17.11 ? 1599 SER A C   1 
ATOM   741 O O   . SER A 1 113 ? -0.634  10.090  8.110   1.00 18.32 ? 1599 SER A O   1 
ATOM   742 C CB  . SER A 1 113 ? 2.380   9.673   9.076   1.00 19.79 ? 1599 SER A CB  1 
ATOM   743 O OG  . SER A 1 113 ? 3.700   9.208   8.879   1.00 24.49 ? 1599 SER A OG  1 
ATOM   744 N N   . LYS A 1 114 ? -0.562  8.532   9.708   1.00 17.35 ? 1600 LYS A N   1 
ATOM   745 C CA  . LYS A 1 114 ? -1.891  8.855   10.274  1.00 19.28 ? 1600 LYS A CA  1 
ATOM   746 C C   . LYS A 1 114 ? -1.780  9.935   11.351  1.00 21.87 ? 1600 LYS A C   1 
ATOM   747 O O   . LYS A 1 114 ? -0.871  9.887   12.212  1.00 22.33 ? 1600 LYS A O   1 
ATOM   748 C CB  . LYS A 1 114 ? -2.522  7.640   10.900  1.00 18.41 ? 1600 LYS A CB  1 
ATOM   749 C CG  . LYS A 1 114 ? -2.859  6.491   9.949   1.00 17.99 ? 1600 LYS A CG  1 
ATOM   750 C CD  . LYS A 1 114 ? -3.504  5.327   10.673  1.00 18.33 ? 1600 LYS A CD  1 
ATOM   751 C CE  . LYS A 1 114 ? -3.765  4.154   9.745   1.00 19.75 ? 1600 LYS A CE  1 
ATOM   752 N NZ  . LYS A 1 114 ? -4.538  3.076   10.415  1.00 19.40 ? 1600 LYS A NZ  1 
ATOM   753 N N   . GLN A 1 115 ? -2.713  10.898  11.325  1.00 22.04 ? 1601 GLN A N   1 
ATOM   754 C CA  . GLN A 1 115 ? -2.838  11.883  12.417  1.00 24.58 ? 1601 GLN A CA  1 
ATOM   755 C C   . GLN A 1 115 ? -3.179  11.144  13.708  1.00 26.60 ? 1601 GLN A C   1 
ATOM   756 O O   . GLN A 1 115 ? -4.050  10.295  13.747  1.00 27.39 ? 1601 GLN A O   1 
ATOM   757 C CB  . GLN A 1 115 ? -3.936  12.903  12.080  1.00 23.53 ? 1601 GLN A CB  1 
ATOM   758 C CG  . GLN A 1 115 ? -4.123  14.011  13.129  1.00 23.32 ? 1601 GLN A CG  1 
ATOM   759 C CD  . GLN A 1 115 ? -5.227  15.031  12.743  1.00 23.79 ? 1601 GLN A CD  1 
ATOM   760 O OE1 . GLN A 1 115 ? -5.152  15.688  11.691  1.00 25.60 ? 1601 GLN A OE1 1 
ATOM   761 N NE2 . GLN A 1 115 ? -6.246  15.150  13.593  1.00 25.55 ? 1601 GLN A NE2 1 
ATOM   762 N N   . VAL A 1 116 ? -2.509  11.499  14.800  1.00 32.22 ? 1602 VAL A N   1 
ATOM   763 C CA  . VAL A 1 116 ? -2.724  10.785  16.057  1.00 37.29 ? 1602 VAL A CA  1 
ATOM   764 C C   . VAL A 1 116 ? -3.739  11.469  16.995  1.00 42.50 ? 1602 VAL A C   1 
ATOM   765 O O   . VAL A 1 116 ? -4.297  10.820  17.890  1.00 47.73 ? 1602 VAL A O   1 
ATOM   766 C CB  . VAL A 1 116 ? -1.380  10.545  16.770  1.00 39.80 ? 1602 VAL A CB  1 
ATOM   767 C CG1 . VAL A 1 116 ? -0.552  9.551   15.957  1.00 41.16 ? 1602 VAL A CG1 1 
ATOM   768 C CG2 . VAL A 1 116 ? -0.622  11.863  16.958  1.00 39.97 ? 1602 VAL A CG2 1 
ATOM   769 N N   . THR A 1 117 ? -3.992  12.758  16.770  1.00 43.37 ? 1603 THR A N   1 
ATOM   770 C CA  . THR A 1 117 ? -4.847  13.577  17.655  1.00 45.52 ? 1603 THR A CA  1 
ATOM   771 C C   . THR A 1 117 ? -6.283  13.722  17.120  1.00 46.06 ? 1603 THR A C   1 
ATOM   772 O O   . THR A 1 117 ? -6.513  13.882  15.928  1.00 38.96 ? 1603 THR A O   1 
ATOM   773 C CB  . THR A 1 117 ? -4.253  14.993  17.839  1.00 45.47 ? 1603 THR A CB  1 
ATOM   774 O OXT . THR A 1 117 ? -7.253  13.706  17.879  1.00 47.36 ? 1603 THR A OXT 1 
HETATM 775 X UNK . UNX B 2 .   ? 4.310   -5.091  8.419   1.00 30.00 ? 1701 UNX A UNK 1 
HETATM 776 X UNK . UNX C 2 .   ? 6.109   -8.756  4.714   1.00 30.00 ? 1702 UNX A UNK 1 
HETATM 777 X UNK . UNX D 2 .   ? 13.312  -8.576  4.740   1.00 30.00 ? 1703 UNX A UNK 1 
HETATM 778 X UNK . UNX E 2 .   ? -12.219 4.747   -1.519  1.00 30.00 ? 1704 UNX A UNK 1 
HETATM 779 X UNK . UNX F 2 .   ? -14.722 5.212   3.311   1.00 30.00 ? 1705 UNX A UNK 1 
HETATM 780 X UNK . UNX G 2 .   ? -3.385  4.846   -12.421 1.00 30.00 ? 1706 UNX A UNK 1 
HETATM 781 X UNK . UNX H 2 .   ? 11.371  5.008   -2.978  1.00 30.00 ? 1707 UNX A UNK 1 
HETATM 782 X UNK . UNX I 2 .   ? -4.273  -8.497  6.951   1.00 30.00 ? 1708 UNX A UNK 1 
HETATM 783 X UNK . UNX J 2 .   ? 0.500   2.345   -14.486 1.00 30.00 ? 1709 UNX A UNK 1 
HETATM 784 X UNK . UNX K 2 .   ? 1.478   8.222   -12.823 1.00 30.00 ? 1710 UNX A UNK 1 
HETATM 785 X UNK . UNX L 2 .   ? -0.555  13.361  14.546  1.00 30.00 ? 1711 UNX A UNK 1 
HETATM 786 O O   . HOH M 3 .   ? -4.120  2.024   4.529   1.00 14.98 ? 1801 HOH A O   1 
HETATM 787 O O   . HOH M 3 .   ? 9.886   -6.745  -4.505  1.00 16.59 ? 1802 HOH A O   1 
HETATM 788 O O   . HOH M 3 .   ? -10.488 4.379   2.127   1.00 16.06 ? 1803 HOH A O   1 
HETATM 789 O O   . HOH M 3 .   ? 8.966   -6.396  -0.064  1.00 18.06 ? 1804 HOH A O   1 
HETATM 790 O O   . HOH M 3 .   ? -0.505  -17.699 -10.131 1.00 23.73 ? 1805 HOH A O   1 
HETATM 791 O O   . HOH M 3 .   ? -3.437  -6.717  -2.931  1.00 16.23 ? 1806 HOH A O   1 
HETATM 792 O O   . HOH M 3 .   ? 4.598   -10.766 -2.798  1.00 21.71 ? 1807 HOH A O   1 
HETATM 793 O O   . HOH M 3 .   ? -1.715  -13.084 -0.097  1.00 25.33 ? 1808 HOH A O   1 
HETATM 794 O O   . HOH M 3 .   ? -9.335  -0.414  7.325   1.00 19.08 ? 1809 HOH A O   1 
HETATM 795 O O   . HOH M 3 .   ? -13.651 -6.064  0.056   1.00 22.82 ? 1810 HOH A O   1 
HETATM 796 O O   . HOH M 3 .   ? 2.642   -13.272 0.444   1.00 24.36 ? 1811 HOH A O   1 
HETATM 797 O O   . HOH M 3 .   ? 4.163   -8.732  -11.489 1.00 18.45 ? 1812 HOH A O   1 
HETATM 798 O O   . HOH M 3 .   ? 2.730   -9.045  4.013   1.00 23.02 ? 1813 HOH A O   1 
HETATM 799 O O   . HOH M 3 .   ? 6.071   6.604   0.690   1.00 24.87 ? 1814 HOH A O   1 
HETATM 800 O O   . HOH M 3 .   ? -6.680  -0.423  7.827   1.00 32.47 ? 1815 HOH A O   1 
HETATM 801 O O   . HOH M 3 .   ? -8.652  0.900   -12.242 1.00 26.41 ? 1816 HOH A O   1 
HETATM 802 O O   . HOH M 3 .   ? 4.204   11.403  -6.595  1.00 30.36 ? 1817 HOH A O   1 
HETATM 803 O O   . HOH M 3 .   ? -1.923  11.201  -8.565  1.00 21.59 ? 1818 HOH A O   1 
HETATM 804 O O   . HOH M 3 .   ? -3.545  -1.499  8.527   1.00 25.79 ? 1819 HOH A O   1 
HETATM 805 O O   . HOH M 3 .   ? 8.945   -8.535  1.919   1.00 24.51 ? 1820 HOH A O   1 
HETATM 806 O O   . HOH M 3 .   ? 4.474   -13.561 -2.242  1.00 17.19 ? 1821 HOH A O   1 
HETATM 807 O O   . HOH M 3 .   ? 8.180   -7.645  -2.400  1.00 19.95 ? 1822 HOH A O   1 
HETATM 808 O O   . HOH M 3 .   ? 8.645   -3.649  8.175   1.00 28.70 ? 1823 HOH A O   1 
HETATM 809 O O   . HOH M 3 .   ? 0.359   -15.014 0.096   1.00 24.79 ? 1824 HOH A O   1 
HETATM 810 O O   . HOH M 3 .   ? -12.015 5.337   6.873   1.00 25.23 ? 1825 HOH A O   1 
HETATM 811 O O   . HOH M 3 .   ? -14.213 -7.183  -3.981  1.00 37.40 ? 1826 HOH A O   1 
HETATM 812 O O   . HOH M 3 .   ? -4.829  -5.384  -8.967  1.00 27.42 ? 1827 HOH A O   1 
HETATM 813 O O   . HOH M 3 .   ? 2.805   -7.762  -13.537 1.00 25.71 ? 1828 HOH A O   1 
HETATM 814 O O   . HOH M 3 .   ? -4.151  -12.476 1.796   1.00 34.33 ? 1829 HOH A O   1 
HETATM 815 O O   . HOH M 3 .   ? -11.021 1.570   -7.046  1.00 28.26 ? 1830 HOH A O   1 
HETATM 816 O O   . HOH M 3 .   ? 9.336   1.886   -10.082 1.00 41.25 ? 1831 HOH A O   1 
HETATM 817 O O   . HOH M 3 .   ? 3.155   15.429  -2.071  1.00 38.18 ? 1832 HOH A O   1 
HETATM 818 O O   . HOH M 3 .   ? -17.524 -1.455  5.801   1.00 51.71 ? 1833 HOH A O   1 
HETATM 819 O O   . HOH M 3 .   ? -8.778  9.317   -0.184  1.00 22.76 ? 1834 HOH A O   1 
HETATM 820 O O   . HOH M 3 .   ? 16.599  1.239   3.927   1.00 33.12 ? 1835 HOH A O   1 
HETATM 821 O O   . HOH M 3 .   ? -11.474 -7.809  -1.415  1.00 24.13 ? 1836 HOH A O   1 
HETATM 822 O O   . HOH M 3 .   ? -9.468  -10.440 1.414   1.00 32.61 ? 1837 HOH A O   1 
HETATM 823 O O   . HOH M 3 .   ? 8.687   -3.514  12.209  1.00 32.11 ? 1838 HOH A O   1 
HETATM 824 O O   . HOH M 3 .   ? 6.392   5.446   -12.181 1.00 48.02 ? 1839 HOH A O   1 
HETATM 825 O O   . HOH M 3 .   ? 1.016   -11.210 2.395   1.00 30.94 ? 1840 HOH A O   1 
HETATM 826 O O   . HOH M 3 .   ? 1.305   -2.823  12.182  1.00 31.37 ? 1841 HOH A O   1 
HETATM 827 O O   . HOH M 3 .   ? 15.380  0.674   0.696   1.00 35.07 ? 1842 HOH A O   1 
HETATM 828 O O   . HOH M 3 .   ? 4.563   3.386   13.770  1.00 30.50 ? 1843 HOH A O   1 
HETATM 829 O O   . HOH M 3 .   ? 7.209   -2.140  10.455  1.00 24.65 ? 1844 HOH A O   1 
HETATM 830 O O   . HOH M 3 .   ? 7.438   -10.528 0.909   1.00 29.30 ? 1845 HOH A O   1 
HETATM 831 O O   . HOH M 3 .   ? 13.552  -5.656  4.915   1.00 29.51 ? 1846 HOH A O   1 
HETATM 832 O O   . HOH M 3 .   ? -0.401  13.150  -7.703  1.00 30.49 ? 1847 HOH A O   1 
HETATM 833 O O   . HOH M 3 .   ? 3.897   10.730  2.942   1.00 51.71 ? 1848 HOH A O   1 
HETATM 834 O O   . HOH M 3 .   ? 10.267  8.770   -4.882  1.00 32.61 ? 1849 HOH A O   1 
HETATM 835 O O   . HOH M 3 .   ? 13.882  -5.497  1.252   1.00 38.83 ? 1850 HOH A O   1 
HETATM 836 O O   . HOH M 3 .   ? -5.356  -1.307  5.790   1.00 22.84 ? 1851 HOH A O   1 
HETATM 837 O O   . HOH M 3 .   ? -7.862  -4.770  9.346   1.00 35.17 ? 1852 HOH A O   1 
HETATM 838 O O   . HOH M 3 .   ? -7.182  4.336   10.651  1.00 25.48 ? 1853 HOH A O   1 
HETATM 839 O O   . HOH M 3 .   ? -9.247  3.432   9.181   1.00 31.68 ? 1854 HOH A O   1 
HETATM 840 O O   . HOH M 3 .   ? -12.035 4.078   9.192   1.00 31.29 ? 1855 HOH A O   1 
HETATM 841 O O   . HOH M 3 .   ? -13.101 1.918   7.682   1.00 29.03 ? 1856 HOH A O   1 
HETATM 842 O O   . HOH M 3 .   ? -7.612  -11.818 0.237   1.00 34.77 ? 1857 HOH A O   1 
HETATM 843 O O   . HOH M 3 .   ? 1.150   9.573   -10.271 1.00 33.93 ? 1858 HOH A O   1 
HETATM 844 O O   . HOH M 3 .   ? -0.521  5.381   -10.633 1.00 22.68 ? 1859 HOH A O   1 
HETATM 845 O O   . HOH M 3 .   ? -6.824  13.696  -4.578  1.00 29.52 ? 1860 HOH A O   1 
HETATM 846 O O   . HOH M 3 .   ? -8.924  12.087  -4.586  1.00 33.21 ? 1861 HOH A O   1 
HETATM 847 O O   . HOH M 3 .   ? -4.749  15.397  -5.948  1.00 39.52 ? 1862 HOH A O   1 
HETATM 848 O O   . HOH M 3 .   ? 4.623   -3.300  10.330  1.00 30.54 ? 1863 HOH A O   1 
HETATM 849 O O   . HOH M 3 .   ? 11.116  -6.741  6.515   1.00 29.81 ? 1864 HOH A O   1 
HETATM 850 O O   . HOH M 3 .   ? 7.371   -7.332  7.250   1.00 27.51 ? 1865 HOH A O   1 
HETATM 851 O O   . HOH M 3 .   ? -13.168 -5.172  4.992   1.00 33.26 ? 1866 HOH A O   1 
HETATM 852 O O   . HOH M 3 .   ? -16.100 -6.167  -0.898  1.00 35.59 ? 1867 HOH A O   1 
HETATM 853 O O   . HOH M 3 .   ? 11.198  7.839   -9.915  1.00 38.64 ? 1868 HOH A O   1 
HETATM 854 O O   . HOH M 3 .   ? 0.861   7.484   12.550  1.00 41.45 ? 1869 HOH A O   1 
HETATM 855 O O   . HOH M 3 .   ? -6.727  -5.523  -10.946 1.00 36.48 ? 1870 HOH A O   1 
HETATM 856 O O   . HOH M 3 .   ? -9.674  -6.564  -10.242 1.00 35.43 ? 1871 HOH A O   1 
HETATM 857 O O   . HOH M 3 .   ? -6.485  -3.692  -13.235 1.00 47.06 ? 1872 HOH A O   1 
HETATM 858 O O   . HOH M 3 .   ? 5.566   -4.633  -14.366 1.00 37.54 ? 1873 HOH A O   1 
HETATM 859 O O   . HOH M 3 .   ? -9.154  12.105  17.996  1.00 30.34 ? 1874 HOH A O   1 
HETATM 860 O O   . HOH M 3 .   ? -0.573  -4.629  11.151  1.00 48.06 ? 1875 HOH A O   1 
HETATM 861 O O   . HOH M 3 .   ? 7.390   0.095   -11.877 1.00 46.02 ? 1876 HOH A O   1 
HETATM 862 O O   . HOH M 3 .   ? 6.489   7.139   3.532   1.00 41.91 ? 1877 HOH A O   1 
HETATM 863 O O   . HOH M 3 .   ? -10.846 -11.407 3.956   1.00 41.66 ? 1878 HOH A O   1 
# 
